data_5B6F
#
_entry.id   5B6F
#
_cell.length_a   74.600
_cell.length_b   173.980
_cell.length_c   75.460
_cell.angle_alpha   90.00
_cell.angle_beta   90.63
_cell.angle_gamma   90.00
#
_symmetry.space_group_name_H-M   'P 1 21 1'
#
loop_
_entity.id
_entity.type
_entity.pdbx_description
1 polymer 'anti-leukotriene C4 monoclonal antibody immunoglobulin kappa light chain'
2 polymer 'anti-leukotriene C4 monoclonal antibody immunoglobulin gamma1 heavy chain'
3 non-polymer '(5~{S},6~{R},7~{E},9~{E},11~{Z},14~{Z})-6-[(2~{R})-2-[[(4~{S})-4-azanyl-5-oxidanyl-5-oxidanylidene-pentanoyl]amino]-3-( 2-hydroxy-2-oxoethylamino)-3-oxidanylidene-propyl]sulfanyl-5-oxidanyl-icosa-7,9,11,14-tetraenoic acid'
4 non-polymer 'SULFATE ION'
5 non-polymer '2-(N-MORPHOLINO)-ETHANESULFONIC ACID'
6 water water
#
loop_
_entity_poly.entity_id
_entity_poly.type
_entity_poly.pdbx_seq_one_letter_code
_entity_poly.pdbx_strand_id
1 'polypeptide(L)'
;MKLPVRLLVLMFWIPASSSDVVMTQTPLSLPVSLGDQASISCRSSQSLVHSNGNTYLHWFLQKPGQSPKLLIYKVSNRFS
GVPERFSGSGSGTDFTLKISRVEAEDLGVYFCSQSKYVPYTFGGGTKLEIKRADAAPTVSIFPPSSEQLTSGGASVVCFL
NNFYPKDINVKWKIDGSERQNGVLNSWTDQDSKDSTYSMSSTLTLTKDEYERHNSYTCEATHKTSTSPIVKSFNRNEC
;
A,C,E,G
2 'polypeptide(L)'
;MYLGLNCVFIVFLLKGVQSEVKLEESGGGLVQPGGSMKLSCVASGFTISNYWMNWVRQSPEKGLDWVAEIRLKSNNYVTH
YAESVKGRFTISRDDSKNSVYLQMNNLRPEDTGIYYCTPIYSPFAYWGQGTLVTVSAAKTTPPSVYPLAPGSAAQTNSMV
TLGCLVKGYFPEPVTVTWNSGSLSSGVHTFPAVLQSDLYTLSSSVTVPSSTWPSETVTCNVAHPASSTKVDKKIVPR
;
B,D,F,H
#
loop_
_chem_comp.id
_chem_comp.type
_chem_comp.name
_chem_comp.formula
LTX non-polymer '(5~{S},6~{R},7~{E},9~{E},11~{Z},14~{Z})-6-[(2~{R})-2-[[(4~{S})-4-azanyl-5-oxidanyl-5-oxidanylidene-pentanoyl]amino]-3-( 2-hydroxy-2-oxoethylamino)-3-oxidanylidene-propyl]sulfanyl-5-oxidanyl-icosa-7,9,11,14-tetraenoic acid' 'C30 H47 N3 O9 S'
MES non-polymer '2-(N-MORPHOLINO)-ETHANESULFONIC ACID' 'C6 H13 N O4 S'
SO4 non-polymer 'SULFATE ION' 'O4 S -2'
#
# COMPACT_ATOMS: atom_id res chain seq x y z
N ASP A 20 -3.89 -13.41 38.25
CA ASP A 20 -2.86 -12.46 37.85
C ASP A 20 -1.90 -12.19 39.00
N VAL A 21 -0.63 -11.97 38.65
CA VAL A 21 0.39 -11.65 39.64
C VAL A 21 0.20 -10.23 40.14
N VAL A 22 -0.02 -10.08 41.44
CA VAL A 22 -0.19 -8.77 42.03
C VAL A 22 1.17 -8.18 42.37
N MET A 23 1.36 -6.91 42.02
CA MET A 23 2.59 -6.20 42.34
C MET A 23 2.27 -5.09 43.33
N THR A 24 2.89 -5.15 44.51
CA THR A 24 2.62 -4.18 45.57
C THR A 24 3.86 -3.35 45.89
N GLN A 25 3.70 -2.02 45.87
CA GLN A 25 4.81 -1.12 46.12
C GLN A 25 4.62 -0.34 47.41
N THR A 26 5.71 -0.15 48.15
CA THR A 26 5.74 0.70 49.32
C THR A 26 7.08 1.42 49.33
N PRO A 27 7.08 2.69 49.77
CA PRO A 27 5.89 3.43 50.19
C PRO A 27 5.15 3.98 48.98
N LEU A 28 4.00 4.60 49.22
CA LEU A 28 3.22 5.19 48.14
C LEU A 28 3.89 6.46 47.62
N SER A 29 4.48 7.21 48.53
CA SER A 29 5.28 8.38 48.17
C SER A 29 6.48 8.48 49.09
N LEU A 30 7.55 9.09 48.58
CA LEU A 30 8.83 9.11 49.29
C LEU A 30 9.51 10.47 49.11
N PRO A 31 9.47 11.31 50.16
CA PRO A 31 10.23 12.55 50.11
C PRO A 31 11.70 12.26 50.40
N VAL A 32 12.61 12.85 49.62
CA VAL A 32 14.03 12.62 49.81
C VAL A 32 14.82 13.91 49.53
N SER A 33 15.77 14.22 50.40
CA SER A 33 16.62 15.40 50.22
C SER A 33 17.64 15.15 49.12
N LEU A 34 17.99 16.22 48.41
CA LEU A 34 19.00 16.15 47.37
C LEU A 34 20.30 15.57 47.91
N GLY A 35 20.85 14.59 47.18
CA GLY A 35 22.12 13.99 47.55
C GLY A 35 21.96 12.78 48.44
N ASP A 36 20.75 12.58 48.96
CA ASP A 36 20.47 11.42 49.78
C ASP A 36 20.09 10.21 48.94
N GLN A 37 19.92 9.07 49.62
CA GLN A 37 19.57 7.84 48.95
C GLN A 37 18.08 7.58 49.12
N ALA A 38 17.45 7.04 48.07
CA ALA A 38 16.06 6.61 48.15
C ALA A 38 15.96 5.10 47.97
N SER A 39 15.01 4.49 48.68
CA SER A 39 14.77 3.06 48.55
C SER A 39 13.29 2.77 48.35
N ILE A 40 12.98 2.04 47.28
CA ILE A 40 11.61 1.71 46.92
C ILE A 40 11.43 0.20 46.91
N SER A 41 10.33 -0.26 47.51
CA SER A 41 10.07 -1.68 47.66
C SER A 41 8.94 -2.19 46.75
N CYS A 42 9.18 -3.33 46.12
CA CYS A 42 8.15 -3.99 45.32
C CYS A 42 8.01 -5.47 45.71
N ARG A 43 6.78 -5.90 45.97
CA ARG A 43 6.50 -7.28 46.33
C ARG A 43 5.53 -7.95 45.35
N SER A 44 5.92 -9.10 44.81
CA SER A 44 5.07 -9.83 43.87
C SER A 44 4.35 -11.01 44.54
N SER A 45 3.13 -11.28 44.10
CA SER A 45 2.31 -12.32 44.70
C SER A 45 2.79 -13.72 44.31
N GLN A 46 3.63 -13.79 43.29
CA GLN A 46 4.22 -15.04 42.87
C GLN A 46 5.70 -14.83 42.58
N SER A 47 6.47 -15.91 42.61
CA SER A 47 7.89 -15.83 42.30
C SER A 47 8.10 -15.47 40.84
N LEU A 48 9.03 -14.54 40.59
CA LEU A 48 9.29 -14.10 39.23
C LEU A 48 10.52 -14.79 38.68
N VAL A 49 10.96 -15.84 39.35
CA VAL A 49 12.08 -16.61 38.84
C VAL A 49 11.59 -17.65 37.85
N HIS A 50 12.11 -17.59 36.63
CA HIS A 50 11.71 -18.49 35.56
C HIS A 50 12.54 -19.77 35.63
N SER A 51 12.14 -20.79 34.88
CA SER A 51 12.88 -22.04 34.84
C SER A 51 14.27 -21.82 34.25
N ASN A 52 14.36 -20.85 33.34
CA ASN A 52 15.62 -20.54 32.66
C ASN A 52 16.67 -19.85 33.53
N GLY A 53 16.27 -19.38 34.72
CA GLY A 53 17.21 -18.77 35.64
C GLY A 53 17.07 -17.25 35.74
N ASN A 54 16.43 -16.64 34.77
CA ASN A 54 16.21 -15.21 34.79
C ASN A 54 15.07 -14.84 35.73
N THR A 55 15.18 -13.68 36.35
CA THR A 55 14.08 -13.14 37.15
C THR A 55 13.50 -11.96 36.39
N TYR A 56 12.22 -12.07 36.01
CA TYR A 56 11.62 -11.08 35.13
C TYR A 56 10.90 -9.96 35.89
N LEU A 57 11.72 -9.12 36.52
CA LEU A 57 11.26 -8.01 37.31
C LEU A 57 11.96 -6.78 36.74
N HIS A 58 11.20 -5.72 36.52
CA HIS A 58 11.73 -4.53 35.88
C HIS A 58 11.23 -3.26 36.56
N TRP A 59 11.99 -2.18 36.42
CA TRP A 59 11.61 -0.90 37.00
C TRP A 59 11.47 0.16 35.91
N PHE A 60 10.36 0.89 35.93
CA PHE A 60 10.14 2.01 35.01
C PHE A 60 10.05 3.31 35.79
N LEU A 61 10.49 4.40 35.17
CA LEU A 61 10.30 5.72 35.73
C LEU A 61 9.43 6.56 34.80
N GLN A 62 8.39 7.18 35.35
CA GLN A 62 7.60 8.12 34.57
C GLN A 62 7.69 9.52 35.17
N LYS A 63 8.45 10.39 34.52
CA LYS A 63 8.56 11.80 34.93
C LYS A 63 7.32 12.55 34.43
N PRO A 64 6.91 13.61 35.17
CA PRO A 64 5.70 14.36 34.84
C PRO A 64 5.71 14.84 33.40
N GLY A 65 4.63 14.60 32.67
CA GLY A 65 4.52 15.02 31.29
C GLY A 65 5.22 14.10 30.31
N GLN A 66 5.82 13.03 30.82
CA GLN A 66 6.57 12.11 29.97
C GLN A 66 5.97 10.70 29.95
N SER A 67 6.38 9.94 28.94
CA SER A 67 6.06 8.53 28.85
C SER A 67 6.91 7.78 29.86
N PRO A 68 6.47 6.57 30.27
CA PRO A 68 7.32 5.77 31.14
C PRO A 68 8.58 5.38 30.40
N LYS A 69 9.67 5.22 31.14
CA LYS A 69 10.93 4.81 30.54
C LYS A 69 11.54 3.68 31.36
N LEU A 70 12.13 2.72 30.67
CA LEU A 70 12.75 1.58 31.34
C LEU A 70 14.02 2.02 32.07
N LEU A 71 14.09 1.69 33.36
CA LEU A 71 15.27 2.00 34.15
C LEU A 71 16.14 0.76 34.30
N ILE A 72 15.54 -0.29 34.85
CA ILE A 72 16.25 -1.52 35.16
C ILE A 72 15.44 -2.75 34.74
N TYR A 73 16.09 -3.68 34.06
CA TYR A 73 15.44 -4.90 33.63
C TYR A 73 16.10 -6.11 34.30
N LYS A 74 15.29 -7.13 34.59
CA LYS A 74 15.75 -8.33 35.27
C LYS A 74 16.51 -8.02 36.55
N VAL A 75 15.79 -7.41 37.49
CA VAL A 75 16.27 -7.10 38.83
C VAL A 75 17.32 -5.99 38.94
N SER A 76 18.40 -6.09 38.17
CA SER A 76 19.57 -5.27 38.48
C SER A 76 20.28 -4.67 37.28
N ASN A 77 19.88 -5.04 36.07
CA ASN A 77 20.55 -4.54 34.88
C ASN A 77 20.04 -3.19 34.45
N ARG A 78 20.94 -2.22 34.36
CA ARG A 78 20.57 -0.90 33.91
C ARG A 78 20.37 -0.85 32.40
N PHE A 79 19.26 -0.25 31.98
CA PHE A 79 19.00 -0.05 30.56
C PHE A 79 19.93 1.04 30.07
N SER A 80 20.14 1.12 28.75
CA SER A 80 21.08 2.08 28.18
C SER A 80 20.78 3.54 28.55
N GLY A 81 21.80 4.24 29.01
CA GLY A 81 21.67 5.65 29.35
C GLY A 81 21.30 5.88 30.80
N VAL A 82 21.12 4.80 31.54
CA VAL A 82 20.74 4.90 32.96
C VAL A 82 21.99 4.91 33.85
N PRO A 83 22.17 5.98 34.64
CA PRO A 83 23.37 6.17 35.45
C PRO A 83 23.49 5.21 36.64
N GLU A 84 24.73 5.01 37.12
CA GLU A 84 24.99 4.02 38.17
C GLU A 84 24.36 4.34 39.51
N ARG A 85 23.91 5.59 39.67
CA ARG A 85 23.23 5.96 40.91
C ARG A 85 21.90 5.19 41.08
N PHE A 86 21.39 4.65 39.98
CA PHE A 86 20.22 3.77 40.00
C PHE A 86 20.66 2.31 40.05
N SER A 87 20.19 1.58 41.06
CA SER A 87 20.51 0.17 41.17
C SER A 87 19.33 -0.64 41.71
N GLY A 88 19.23 -1.88 41.27
CA GLY A 88 18.14 -2.75 41.69
C GLY A 88 18.65 -4.03 42.33
N SER A 89 17.88 -4.56 43.29
CA SER A 89 18.26 -5.78 43.97
C SER A 89 17.04 -6.56 44.43
N GLY A 90 17.28 -7.76 44.96
CA GLY A 90 16.21 -8.59 45.48
C GLY A 90 16.15 -9.92 44.75
N SER A 91 15.23 -10.79 45.19
CA SER A 91 15.06 -12.09 44.58
C SER A 91 13.68 -12.63 44.87
N GLY A 92 13.24 -13.61 44.10
CA GLY A 92 11.96 -14.24 44.33
C GLY A 92 10.78 -13.27 44.23
N THR A 93 10.21 -12.92 45.38
CA THR A 93 9.03 -12.07 45.41
C THR A 93 9.29 -10.69 46.02
N ASP A 94 10.52 -10.42 46.42
CA ASP A 94 10.83 -9.13 47.07
C ASP A 94 11.99 -8.41 46.38
N PHE A 95 11.74 -7.17 45.97
CA PHE A 95 12.71 -6.40 45.22
C PHE A 95 12.85 -4.97 45.74
N THR A 96 14.01 -4.37 45.47
CA THR A 96 14.29 -3.02 45.93
C THR A 96 14.98 -2.20 44.84
N LEU A 97 14.47 -1.00 44.60
CA LEU A 97 15.17 -0.06 43.74
C LEU A 97 15.84 0.98 44.62
N LYS A 98 17.14 1.16 44.43
CA LYS A 98 17.86 2.17 45.19
C LYS A 98 18.36 3.28 44.27
N ILE A 99 17.98 4.50 44.60
CA ILE A 99 18.47 5.67 43.90
C ILE A 99 19.42 6.36 44.85
N SER A 100 20.71 6.34 44.50
CA SER A 100 21.70 6.98 45.34
C SER A 100 21.99 8.37 44.80
N ARG A 101 22.38 9.27 45.70
CA ARG A 101 22.70 10.64 45.34
C ARG A 101 21.57 11.25 44.50
N VAL A 102 20.40 11.31 45.11
CA VAL A 102 19.19 11.77 44.43
C VAL A 102 19.39 13.14 43.79
N GLU A 103 18.95 13.25 42.55
CA GLU A 103 18.99 14.52 41.84
C GLU A 103 17.58 15.03 41.67
N ALA A 104 17.45 16.34 41.48
CA ALA A 104 16.16 16.97 41.28
C ALA A 104 15.42 16.31 40.11
N GLU A 105 16.18 15.99 39.06
CA GLU A 105 15.60 15.45 37.83
C GLU A 105 15.11 14.01 37.99
N ASP A 106 15.28 13.44 39.18
CA ASP A 106 14.88 12.05 39.42
C ASP A 106 13.44 11.93 39.92
N LEU A 107 12.74 13.04 40.04
CA LEU A 107 11.36 12.99 40.53
C LEU A 107 10.46 12.31 39.53
N GLY A 108 9.35 11.78 40.04
CA GLY A 108 8.37 11.13 39.21
C GLY A 108 7.86 9.89 39.89
N VAL A 109 7.15 9.05 39.11
CA VAL A 109 6.59 7.82 39.65
C VAL A 109 7.37 6.63 39.15
N TYR A 110 7.84 5.81 40.11
CA TYR A 110 8.58 4.60 39.81
C TYR A 110 7.64 3.40 39.85
N PHE A 111 7.63 2.63 38.77
CA PHE A 111 6.80 1.43 38.66
C PHE A 111 7.67 0.18 38.59
N CYS A 112 7.32 -0.85 39.36
CA CYS A 112 7.88 -2.18 39.16
C CYS A 112 6.93 -2.95 38.25
N SER A 113 7.44 -3.98 37.58
CA SER A 113 6.62 -4.77 36.68
C SER A 113 7.17 -6.18 36.50
N GLN A 114 6.27 -7.13 36.26
CA GLN A 114 6.70 -8.50 36.00
C GLN A 114 6.34 -8.91 34.58
N SER A 115 7.22 -9.69 33.96
CA SER A 115 6.97 -10.19 32.63
C SER A 115 7.15 -11.71 32.56
N LYS A 116 7.15 -12.38 33.71
CA LYS A 116 7.28 -13.83 33.70
C LYS A 116 5.95 -14.49 33.32
N TYR A 117 4.86 -13.96 33.88
CA TYR A 117 3.53 -14.48 33.60
C TYR A 117 2.70 -13.51 32.74
N VAL A 118 1.85 -14.08 31.88
CA VAL A 118 0.80 -13.32 31.21
C VAL A 118 -0.46 -13.40 32.08
N PRO A 119 -1.12 -12.26 32.32
CA PRO A 119 -0.80 -10.94 31.79
C PRO A 119 0.36 -10.26 32.50
N TYR A 120 1.19 -9.54 31.75
CA TYR A 120 2.21 -8.71 32.36
C TYR A 120 1.47 -7.74 33.27
N THR A 121 2.01 -7.48 34.45
CA THR A 121 1.33 -6.60 35.40
C THR A 121 2.31 -5.58 36.01
N PHE A 122 1.78 -4.47 36.49
CA PHE A 122 2.59 -3.40 37.04
C PHE A 122 2.20 -3.10 38.48
N GLY A 123 3.18 -2.67 39.27
CA GLY A 123 2.87 -2.09 40.57
C GLY A 123 2.09 -0.79 40.39
N GLY A 124 1.47 -0.31 41.48
CA GLY A 124 0.70 0.91 41.42
C GLY A 124 1.54 2.17 41.36
N GLY A 125 2.85 2.03 41.54
CA GLY A 125 3.75 3.17 41.47
C GLY A 125 4.14 3.79 42.81
N THR A 126 5.37 4.30 42.88
CA THR A 126 5.84 5.03 44.04
C THR A 126 6.38 6.38 43.60
N LYS A 127 5.83 7.45 44.16
CA LYS A 127 6.21 8.79 43.74
C LYS A 127 7.38 9.32 44.56
N LEU A 128 8.47 9.63 43.88
CA LEU A 128 9.62 10.26 44.52
C LEU A 128 9.45 11.77 44.53
N GLU A 129 9.43 12.35 45.73
CA GLU A 129 9.34 13.79 45.88
C GLU A 129 10.68 14.33 46.38
N ILE A 130 11.16 15.41 45.77
CA ILE A 130 12.42 15.99 46.23
C ILE A 130 12.14 17.05 47.27
N LYS A 131 12.76 16.88 48.43
CA LYS A 131 12.69 17.90 49.46
C LYS A 131 13.50 19.11 49.03
N ARG A 132 12.94 20.28 49.24
CA ARG A 132 13.65 21.52 49.00
C ARG A 132 13.30 22.42 50.16
N ALA A 133 13.89 23.61 50.18
CA ALA A 133 13.57 24.60 51.21
C ALA A 133 12.11 24.99 51.06
N ASP A 134 11.45 25.28 52.18
CA ASP A 134 10.07 25.74 52.13
C ASP A 134 9.97 27.00 51.30
N ALA A 135 8.91 27.11 50.51
CA ALA A 135 8.67 28.30 49.70
C ALA A 135 7.20 28.69 49.77
N ALA A 136 6.94 29.97 50.00
CA ALA A 136 5.57 30.46 50.09
C ALA A 136 5.02 30.65 48.69
N PRO A 137 3.73 30.32 48.51
CA PRO A 137 3.11 30.44 47.18
C PRO A 137 3.03 31.90 46.75
N THR A 138 3.30 32.17 45.48
CA THR A 138 2.99 33.47 44.93
C THR A 138 1.56 33.42 44.47
N VAL A 139 0.73 34.28 45.03
CA VAL A 139 -0.71 34.23 44.77
C VAL A 139 -1.19 35.41 43.93
N SER A 140 -1.94 35.11 42.87
CA SER A 140 -2.52 36.13 42.01
C SER A 140 -3.99 35.81 41.81
N ILE A 141 -4.84 36.83 41.88
CA ILE A 141 -6.27 36.65 41.63
C ILE A 141 -6.69 37.48 40.41
N PHE A 142 -7.65 36.97 39.65
CA PHE A 142 -8.09 37.61 38.41
C PHE A 142 -9.62 37.64 38.33
N PRO A 143 -10.19 38.81 38.02
CA PRO A 143 -11.64 38.93 37.80
C PRO A 143 -12.01 38.35 36.45
N PRO A 144 -13.30 38.05 36.22
CA PRO A 144 -13.71 37.53 34.90
C PRO A 144 -13.32 38.50 33.79
N SER A 145 -12.92 37.97 32.64
CA SER A 145 -12.64 38.82 31.51
C SER A 145 -13.95 39.43 31.02
N SER A 146 -13.86 40.58 30.37
CA SER A 146 -15.03 41.21 29.79
C SER A 146 -15.69 40.26 28.79
N GLU A 147 -14.85 39.56 28.03
CA GLU A 147 -15.31 38.61 27.02
C GLU A 147 -16.18 37.51 27.60
N GLN A 148 -15.76 36.95 28.74
CA GLN A 148 -16.54 35.91 29.37
C GLN A 148 -17.86 36.46 29.90
N LEU A 149 -17.82 37.67 30.43
CA LEU A 149 -19.02 38.32 30.96
C LEU A 149 -20.09 38.50 29.89
N THR A 150 -19.67 38.91 28.71
CA THR A 150 -20.58 39.10 27.58
C THR A 150 -21.29 37.79 27.24
N SER A 151 -20.57 36.69 27.38
CA SER A 151 -21.12 35.38 27.04
C SER A 151 -22.01 34.84 28.14
N GLY A 152 -21.96 35.46 29.32
CA GLY A 152 -22.83 35.08 30.42
C GLY A 152 -22.15 34.35 31.55
N GLY A 153 -20.85 34.07 31.38
CA GLY A 153 -20.10 33.36 32.39
C GLY A 153 -19.26 34.28 33.24
N ALA A 154 -18.92 33.83 34.45
CA ALA A 154 -18.08 34.64 35.33
C ALA A 154 -17.15 33.75 36.16
N SER A 155 -15.92 33.59 35.68
CA SER A 155 -14.93 32.82 36.41
C SER A 155 -13.95 33.74 37.10
N VAL A 156 -13.72 33.46 38.38
CA VAL A 156 -12.67 34.14 39.12
C VAL A 156 -11.53 33.15 39.27
N VAL A 157 -10.35 33.56 38.83
CA VAL A 157 -9.20 32.66 38.82
C VAL A 157 -8.18 33.08 39.86
N CYS A 158 -7.66 32.08 40.57
CA CYS A 158 -6.60 32.32 41.52
C CYS A 158 -5.44 31.36 41.24
N PHE A 159 -4.27 31.90 40.93
CA PHE A 159 -3.06 31.10 40.80
C PHE A 159 -2.26 31.13 42.10
N LEU A 160 -1.76 29.97 42.51
CA LEU A 160 -0.91 29.85 43.69
C LEU A 160 0.34 29.11 43.26
N ASN A 161 1.43 29.85 43.02
CA ASN A 161 2.57 29.33 42.27
C ASN A 161 3.87 29.14 43.05
N ASN A 162 4.62 28.12 42.65
CA ASN A 162 5.96 27.82 43.16
C ASN A 162 6.06 27.71 44.68
N PHE A 163 5.27 26.82 45.28
CA PHE A 163 5.31 26.63 46.73
C PHE A 163 5.87 25.28 47.12
N TYR A 164 6.31 25.18 48.38
CA TYR A 164 6.75 23.92 48.96
C TYR A 164 6.63 24.01 50.47
N PRO A 165 6.12 22.94 51.12
CA PRO A 165 5.73 21.62 50.62
C PRO A 165 4.42 21.61 49.82
N LYS A 166 4.02 20.44 49.33
CA LYS A 166 2.89 20.36 48.40
C LYS A 166 1.53 20.64 49.03
N ASP A 167 1.37 20.27 50.29
CA ASP A 167 0.09 20.44 50.97
C ASP A 167 -0.27 21.92 51.09
N ILE A 168 -1.49 22.24 50.69
CA ILE A 168 -1.96 23.62 50.71
C ILE A 168 -3.48 23.59 50.77
N ASN A 169 -4.09 24.65 51.27
CA ASN A 169 -5.54 24.72 51.26
C ASN A 169 -6.02 26.08 50.79
N VAL A 170 -6.98 26.05 49.87
CA VAL A 170 -7.50 27.27 49.28
C VAL A 170 -8.97 27.45 49.62
N LYS A 171 -9.30 28.65 50.06
CA LYS A 171 -10.64 28.98 50.50
C LYS A 171 -11.14 30.12 49.64
N TRP A 172 -12.35 30.00 49.12
CA TRP A 172 -12.96 31.10 48.39
C TRP A 172 -13.97 31.80 49.28
N LYS A 173 -13.86 33.12 49.37
CA LYS A 173 -14.80 33.92 50.14
C LYS A 173 -15.49 34.93 49.24
N ILE A 174 -16.81 34.98 49.37
CA ILE A 174 -17.61 35.97 48.68
C ILE A 174 -18.31 36.81 49.74
N ASP A 175 -17.96 38.10 49.79
CA ASP A 175 -18.46 39.01 50.82
C ASP A 175 -18.29 38.43 52.22
N GLY A 176 -17.10 37.89 52.47
CA GLY A 176 -16.77 37.34 53.77
C GLY A 176 -17.27 35.94 54.02
N SER A 177 -18.06 35.41 53.10
CA SER A 177 -18.61 34.07 53.27
C SER A 177 -17.95 33.04 52.36
N GLU A 178 -17.57 31.90 52.94
CA GLU A 178 -16.92 30.82 52.20
C GLU A 178 -17.86 30.11 51.24
N ARG A 179 -17.47 30.07 49.97
CA ARG A 179 -18.21 29.37 48.92
C ARG A 179 -17.49 28.06 48.58
N GLN A 180 -18.22 26.94 48.63
CA GLN A 180 -17.63 25.63 48.36
C GLN A 180 -18.01 25.09 46.98
N ASN A 181 -19.23 25.40 46.53
CA ASN A 181 -19.68 24.97 45.20
C ASN A 181 -19.14 25.85 44.07
N GLY A 182 -18.98 25.25 42.90
CA GLY A 182 -18.54 25.97 41.71
C GLY A 182 -17.03 26.11 41.61
N VAL A 183 -16.32 25.43 42.49
CA VAL A 183 -14.86 25.54 42.52
C VAL A 183 -14.22 24.39 41.76
N LEU A 184 -13.37 24.73 40.80
CA LEU A 184 -12.56 23.74 40.09
C LEU A 184 -11.08 23.99 40.35
N ASN A 185 -10.41 23.01 40.94
CA ASN A 185 -9.00 23.11 41.25
C ASN A 185 -8.14 22.17 40.44
N SER A 186 -6.97 22.66 40.05
CA SER A 186 -5.96 21.85 39.38
C SER A 186 -4.64 22.01 40.12
N TRP A 187 -3.93 20.90 40.33
CA TRP A 187 -2.66 20.89 41.03
C TRP A 187 -1.60 20.32 40.10
N THR A 188 -0.45 20.98 40.00
CA THR A 188 0.63 20.41 39.18
C THR A 188 1.36 19.32 39.93
N ASP A 189 2.10 18.50 39.20
CA ASP A 189 3.08 17.60 39.78
C ASP A 189 4.24 18.48 40.23
N GLN A 190 5.22 17.89 40.92
CA GLN A 190 6.39 18.64 41.32
C GLN A 190 7.20 19.06 40.11
N ASP A 191 7.74 20.26 40.17
CA ASP A 191 8.50 20.81 39.07
C ASP A 191 9.92 20.25 39.05
N SER A 192 10.31 19.65 37.93
CA SER A 192 11.65 19.05 37.81
C SER A 192 12.78 20.05 38.03
N LYS A 193 12.54 21.31 37.70
CA LYS A 193 13.60 22.32 37.74
C LYS A 193 13.86 22.92 39.13
N ASP A 194 12.81 23.25 39.88
CA ASP A 194 12.99 23.89 41.18
C ASP A 194 12.36 23.17 42.36
N SER A 195 11.81 21.98 42.10
CA SER A 195 11.19 21.15 43.14
C SER A 195 9.99 21.78 43.83
N THR A 196 9.39 22.80 43.20
CA THR A 196 8.21 23.44 43.78
C THR A 196 6.91 22.88 43.20
N TYR A 197 5.79 23.34 43.75
CA TYR A 197 4.46 22.95 43.29
C TYR A 197 3.66 24.20 42.96
N SER A 198 2.64 24.06 42.14
CA SER A 198 1.75 25.17 41.81
C SER A 198 0.31 24.70 41.76
N MET A 199 -0.62 25.63 41.82
CA MET A 199 -2.03 25.29 41.92
C MET A 199 -2.87 26.37 41.27
N SER A 200 -3.95 25.95 40.61
CA SER A 200 -4.89 26.89 40.04
C SER A 200 -6.27 26.65 40.62
N SER A 201 -6.94 27.71 41.04
CA SER A 201 -8.27 27.59 41.60
C SER A 201 -9.22 28.54 40.89
N THR A 202 -10.26 27.98 40.29
CA THR A 202 -11.24 28.78 39.58
C THR A 202 -12.62 28.60 40.18
N LEU A 203 -13.20 29.73 40.59
CA LEU A 203 -14.57 29.78 41.04
C LEU A 203 -15.40 30.25 39.86
N THR A 204 -16.29 29.40 39.36
CA THR A 204 -17.09 29.76 38.20
C THR A 204 -18.56 30.03 38.54
N LEU A 205 -18.96 31.29 38.39
CA LEU A 205 -20.34 31.69 38.57
C LEU A 205 -20.92 32.11 37.23
N THR A 206 -22.22 32.36 37.22
CA THR A 206 -22.84 32.97 36.06
C THR A 206 -22.71 34.48 36.23
N LYS A 207 -22.96 35.21 35.15
CA LYS A 207 -22.87 36.66 35.17
C LYS A 207 -23.79 37.24 36.23
N ASP A 208 -24.93 36.58 36.44
CA ASP A 208 -25.91 37.05 37.39
C ASP A 208 -25.46 36.90 38.83
N GLU A 209 -24.92 35.73 39.16
CA GLU A 209 -24.48 35.43 40.52
C GLU A 209 -23.31 36.29 40.94
N TYR A 210 -22.41 36.53 39.99
CA TYR A 210 -21.22 37.33 40.22
C TYR A 210 -21.62 38.77 40.49
N GLU A 211 -22.64 39.25 39.77
CA GLU A 211 -23.10 40.62 39.94
C GLU A 211 -23.99 40.79 41.16
N ARG A 212 -24.29 39.68 41.83
CA ARG A 212 -25.02 39.72 43.10
C ARG A 212 -24.05 40.02 44.23
N HIS A 213 -22.77 40.17 43.89
CA HIS A 213 -21.73 40.35 44.90
C HIS A 213 -20.59 41.20 44.36
N ASN A 214 -19.84 41.85 45.26
CA ASN A 214 -18.75 42.70 44.81
C ASN A 214 -17.38 42.24 45.29
N SER A 215 -17.34 41.63 46.47
CA SER A 215 -16.08 41.28 47.12
C SER A 215 -15.70 39.82 46.93
N TYR A 216 -14.58 39.58 46.24
CA TYR A 216 -14.12 38.22 45.99
C TYR A 216 -12.72 37.98 46.53
N THR A 217 -12.56 36.88 47.26
CA THR A 217 -11.32 36.63 47.99
C THR A 217 -10.79 35.22 47.78
N CYS A 218 -9.49 35.15 47.47
CA CYS A 218 -8.78 33.89 47.41
C CYS A 218 -7.87 33.79 48.62
N GLU A 219 -8.06 32.76 49.43
CA GLU A 219 -7.38 32.67 50.72
C GLU A 219 -6.55 31.37 50.80
N ALA A 220 -5.24 31.50 50.98
CA ALA A 220 -4.34 30.35 50.94
C ALA A 220 -3.72 30.00 52.28
N THR A 221 -3.95 28.77 52.74
CA THR A 221 -3.31 28.27 53.95
C THR A 221 -2.15 27.34 53.62
N HIS A 222 -0.95 27.68 54.11
CA HIS A 222 0.27 26.92 53.82
C HIS A 222 1.22 27.04 55.00
N LYS A 223 2.08 26.04 55.19
CA LYS A 223 2.95 25.99 56.38
C LYS A 223 3.87 27.21 56.48
N THR A 224 4.13 27.86 55.35
CA THR A 224 5.07 28.96 55.30
C THR A 224 4.57 30.23 56.00
N SER A 225 3.31 30.23 56.41
CA SER A 225 2.76 31.40 57.09
C SER A 225 1.70 31.00 58.11
N THR A 226 1.82 31.58 59.31
CA THR A 226 0.88 31.30 60.40
C THR A 226 -0.53 31.75 60.05
N SER A 227 -0.64 32.91 59.42
CA SER A 227 -1.92 33.41 58.93
C SER A 227 -1.97 33.22 57.41
N PRO A 228 -3.17 33.00 56.84
CA PRO A 228 -3.25 32.71 55.41
C PRO A 228 -2.87 33.89 54.53
N ILE A 229 -2.45 33.59 53.30
CA ILE A 229 -2.23 34.62 52.29
C ILE A 229 -3.57 34.98 51.70
N VAL A 230 -3.85 36.26 51.58
CA VAL A 230 -5.15 36.71 51.11
C VAL A 230 -5.01 37.63 49.91
N LYS A 231 -5.60 37.22 48.79
CA LYS A 231 -5.71 38.09 47.63
C LYS A 231 -7.17 38.34 47.34
N SER A 232 -7.52 39.59 47.12
CA SER A 232 -8.90 39.97 46.93
C SER A 232 -9.06 41.07 45.90
N PHE A 233 -10.27 41.21 45.40
CA PHE A 233 -10.67 42.40 44.68
C PHE A 233 -12.11 42.70 45.00
N ASN A 234 -12.52 43.94 44.74
CA ASN A 234 -13.91 44.33 44.87
C ASN A 234 -14.46 44.70 43.50
N ARG A 235 -15.58 44.09 43.13
CA ARG A 235 -16.17 44.32 41.81
C ARG A 235 -16.71 45.74 41.71
N VAL B 21 16.46 6.55 16.70
CA VAL B 21 15.66 5.42 17.18
C VAL B 21 14.42 5.92 17.90
N LYS B 22 13.24 5.58 17.38
CA LYS B 22 12.01 5.94 18.08
C LYS B 22 10.79 5.12 17.69
N LEU B 23 9.81 5.13 18.59
CA LEU B 23 8.50 4.54 18.36
C LEU B 23 7.49 5.68 18.25
N GLU B 24 6.59 5.59 17.30
CA GLU B 24 5.58 6.63 17.13
C GLU B 24 4.20 5.99 17.04
N GLU B 25 3.33 6.32 17.99
CA GLU B 25 1.96 5.85 17.97
C GLU B 25 1.05 6.88 17.31
N SER B 26 0.02 6.40 16.63
CA SER B 26 -1.01 7.28 16.06
C SER B 26 -2.30 6.50 15.92
N GLY B 27 -3.37 7.21 15.50
CA GLY B 27 -4.64 6.57 15.24
C GLY B 27 -5.68 6.80 16.33
N GLY B 28 -5.24 7.32 17.47
CA GLY B 28 -6.15 7.63 18.57
C GLY B 28 -7.08 8.78 18.26
N GLY B 29 -7.87 9.15 19.26
CA GLY B 29 -8.86 10.20 19.10
C GLY B 29 -10.15 9.89 19.84
N LEU B 30 -11.17 10.71 19.60
CA LEU B 30 -12.48 10.54 20.20
C LEU B 30 -13.31 9.56 19.39
N VAL B 31 -13.95 8.62 20.07
CA VAL B 31 -14.79 7.62 19.41
C VAL B 31 -15.94 7.23 20.33
N GLN B 32 -17.13 7.07 19.77
CA GLN B 32 -18.32 6.77 20.56
C GLN B 32 -18.27 5.34 21.09
N PRO B 33 -18.89 5.09 22.26
CA PRO B 33 -18.96 3.73 22.79
C PRO B 33 -19.57 2.79 21.75
N GLY B 34 -19.11 1.55 21.73
CA GLY B 34 -19.54 0.60 20.72
C GLY B 34 -18.76 0.76 19.43
N GLY B 35 -17.98 1.84 19.34
CA GLY B 35 -17.25 2.16 18.13
C GLY B 35 -15.98 1.36 17.94
N SER B 36 -15.26 1.66 16.88
CA SER B 36 -14.02 0.95 16.57
C SER B 36 -12.95 1.94 16.16
N MET B 37 -11.69 1.54 16.37
CA MET B 37 -10.56 2.44 16.19
C MET B 37 -9.32 1.60 15.98
N LYS B 38 -8.43 2.02 15.09
CA LYS B 38 -7.21 1.27 14.85
C LYS B 38 -5.98 2.11 15.15
N LEU B 39 -5.15 1.62 16.07
CA LEU B 39 -3.93 2.32 16.43
C LEU B 39 -2.77 1.77 15.64
N SER B 40 -1.83 2.65 15.30
CA SER B 40 -0.62 2.25 14.59
C SER B 40 0.58 2.57 15.44
N CYS B 41 1.63 1.78 15.27
CA CYS B 41 2.89 2.02 15.93
C CYS B 41 4.03 1.76 14.96
N VAL B 42 4.70 2.83 14.54
CA VAL B 42 5.76 2.74 13.56
C VAL B 42 7.13 2.97 14.18
N ALA B 43 8.07 2.08 13.91
CA ALA B 43 9.43 2.22 14.44
C ALA B 43 10.38 2.88 13.44
N SER B 44 11.37 3.59 13.97
CA SER B 44 12.40 4.23 13.16
C SER B 44 13.78 3.90 13.74
N GLY B 45 14.76 3.67 12.87
CA GLY B 45 16.13 3.48 13.32
C GLY B 45 16.44 2.10 13.83
N PHE B 46 15.45 1.21 13.78
CA PHE B 46 15.69 -0.20 14.05
C PHE B 46 14.56 -1.03 13.42
N THR B 47 14.72 -2.34 13.40
CA THR B 47 13.73 -3.24 12.81
C THR B 47 12.94 -3.94 13.90
N ILE B 48 11.61 -3.83 13.85
CA ILE B 48 10.78 -4.46 14.88
C ILE B 48 10.67 -5.97 14.70
N SER B 49 11.08 -6.46 13.53
CA SER B 49 10.87 -7.87 13.18
C SER B 49 11.53 -8.80 14.18
N ASN B 50 12.54 -8.30 14.88
CA ASN B 50 13.29 -9.10 15.83
C ASN B 50 12.81 -9.08 17.27
N TYR B 51 11.79 -8.27 17.56
CA TYR B 51 11.35 -8.11 18.96
C TYR B 51 9.85 -8.30 19.22
N TRP B 52 9.53 -8.92 20.35
CA TRP B 52 8.14 -9.01 20.80
C TRP B 52 7.63 -7.59 21.00
N MET B 53 6.44 -7.33 20.49
CA MET B 53 5.87 -5.98 20.55
C MET B 53 4.64 -5.92 21.43
N ASN B 54 4.61 -4.95 22.32
CA ASN B 54 3.53 -4.82 23.28
C ASN B 54 2.79 -3.50 23.22
N TRP B 55 1.47 -3.55 23.41
CA TRP B 55 0.68 -2.36 23.69
C TRP B 55 0.37 -2.27 25.19
N VAL B 56 0.52 -1.07 25.74
CA VAL B 56 0.22 -0.79 27.14
C VAL B 56 -0.59 0.49 27.20
N ARG B 57 -1.57 0.55 28.08
CA ARG B 57 -2.36 1.77 28.21
C ARG B 57 -2.27 2.35 29.62
N GLN B 58 -2.54 3.64 29.73
CA GLN B 58 -2.46 4.31 31.01
C GLN B 58 -3.69 5.19 31.26
N SER B 59 -4.19 5.12 32.48
CA SER B 59 -5.28 5.99 32.92
C SER B 59 -4.99 6.33 34.38
N PRO B 60 -5.52 7.46 34.86
CA PRO B 60 -5.33 7.84 36.26
C PRO B 60 -5.88 6.79 37.22
N GLU B 61 -6.99 6.16 36.84
CA GLU B 61 -7.71 5.23 37.71
C GLU B 61 -7.07 3.84 37.78
N LYS B 62 -6.48 3.37 36.68
CA LYS B 62 -5.94 2.02 36.63
C LYS B 62 -4.40 1.99 36.55
N GLY B 63 -3.79 3.14 36.29
CA GLY B 63 -2.34 3.22 36.14
C GLY B 63 -1.90 2.60 34.82
N LEU B 64 -0.78 1.88 34.86
CA LEU B 64 -0.26 1.15 33.70
C LEU B 64 -0.96 -0.19 33.54
N ASP B 65 -1.51 -0.42 32.35
CA ASP B 65 -2.35 -1.57 32.09
C ASP B 65 -1.91 -2.24 30.78
N TRP B 66 -1.27 -3.40 30.88
CA TRP B 66 -0.84 -4.13 29.69
C TRP B 66 -2.06 -4.58 28.87
N VAL B 67 -1.99 -4.39 27.56
CA VAL B 67 -3.12 -4.65 26.68
C VAL B 67 -2.96 -5.91 25.83
N ALA B 68 -1.85 -5.99 25.10
CA ALA B 68 -1.65 -7.08 24.16
C ALA B 68 -0.20 -7.23 23.73
N GLU B 69 0.17 -8.44 23.34
CA GLU B 69 1.51 -8.72 22.83
C GLU B 69 1.46 -9.53 21.55
N ILE B 70 2.33 -9.22 20.60
CA ILE B 70 2.51 -10.09 19.45
C ILE B 70 3.98 -10.47 19.31
N ARG B 71 4.26 -11.77 19.16
CA ARG B 71 5.64 -12.22 19.10
C ARG B 71 6.17 -12.29 17.67
N LEU B 72 7.25 -13.03 17.46
CA LEU B 72 7.94 -13.01 16.17
C LEU B 72 7.29 -13.88 15.11
N LYS B 73 7.64 -13.63 13.85
CA LYS B 73 7.33 -14.54 12.75
C LYS B 73 7.82 -15.94 13.11
N SER B 74 8.98 -16.03 13.74
CA SER B 74 9.55 -17.29 14.14
C SER B 74 8.77 -17.93 15.31
N ASN B 75 7.98 -17.13 16.03
CA ASN B 75 7.11 -17.66 17.08
C ASN B 75 5.71 -17.99 16.56
N ASN B 76 5.57 -18.01 15.23
CA ASN B 76 4.28 -18.16 14.56
C ASN B 76 3.32 -17.02 14.87
N TYR B 77 3.86 -15.83 15.12
CA TYR B 77 3.04 -14.64 15.39
C TYR B 77 2.05 -14.83 16.53
N VAL B 78 2.44 -15.60 17.55
CA VAL B 78 1.56 -15.86 18.68
C VAL B 78 1.21 -14.55 19.39
N THR B 79 -0.04 -14.44 19.82
CA THR B 79 -0.53 -13.23 20.47
C THR B 79 -1.02 -13.53 21.86
N HIS B 80 -1.06 -12.50 22.70
CA HIS B 80 -1.65 -12.59 24.03
C HIS B 80 -2.42 -11.31 24.31
N TYR B 81 -3.53 -11.42 25.01
CA TYR B 81 -4.38 -10.27 25.33
C TYR B 81 -4.74 -10.24 26.79
N ALA B 82 -4.95 -9.03 27.32
CA ALA B 82 -5.56 -8.89 28.63
C ALA B 82 -7.00 -9.38 28.54
N GLU B 83 -7.51 -9.93 29.64
CA GLU B 83 -8.87 -10.48 29.65
C GLU B 83 -9.91 -9.44 29.30
N SER B 84 -9.69 -8.21 29.76
CA SER B 84 -10.67 -7.15 29.53
C SER B 84 -10.88 -6.80 28.07
N VAL B 85 -9.96 -7.20 27.19
CA VAL B 85 -10.03 -6.80 25.78
C VAL B 85 -10.18 -7.98 24.81
N LYS B 86 -10.16 -9.21 25.35
CA LYS B 86 -10.30 -10.41 24.53
C LYS B 86 -11.62 -10.41 23.77
N GLY B 87 -11.59 -10.84 22.52
CA GLY B 87 -12.76 -10.83 21.69
C GLY B 87 -13.03 -9.48 21.03
N ARG B 88 -12.41 -8.43 21.55
CA ARG B 88 -12.67 -7.08 21.03
C ARG B 88 -11.45 -6.46 20.35
N PHE B 89 -10.25 -6.68 20.91
CA PHE B 89 -9.03 -6.11 20.37
C PHE B 89 -8.24 -7.15 19.58
N THR B 90 -7.56 -6.69 18.54
CA THR B 90 -6.70 -7.56 17.74
C THR B 90 -5.36 -6.88 17.51
N ILE B 91 -4.29 -7.50 17.98
CA ILE B 91 -2.95 -6.97 17.74
C ILE B 91 -2.33 -7.66 16.52
N SER B 92 -1.69 -6.88 15.66
CA SER B 92 -1.08 -7.42 14.45
C SER B 92 0.25 -6.74 14.16
N ARG B 93 1.09 -7.39 13.35
CA ARG B 93 2.35 -6.76 12.95
C ARG B 93 2.55 -6.85 11.45
N ASP B 94 3.21 -5.83 10.90
CA ASP B 94 3.62 -5.84 9.51
C ASP B 94 5.08 -5.47 9.48
N ASP B 95 5.94 -6.48 9.55
CA ASP B 95 7.38 -6.24 9.58
C ASP B 95 7.82 -5.49 8.33
N SER B 96 7.18 -5.74 7.19
CA SER B 96 7.57 -5.07 5.95
C SER B 96 7.33 -3.56 6.03
N LYS B 97 6.48 -3.15 6.96
CA LYS B 97 6.23 -1.73 7.19
C LYS B 97 6.79 -1.27 8.54
N ASN B 98 7.56 -2.15 9.18
CA ASN B 98 8.16 -1.85 10.48
C ASN B 98 7.12 -1.35 11.49
N SER B 99 5.95 -2.00 11.50
CA SER B 99 4.83 -1.49 12.30
C SER B 99 4.04 -2.60 13.02
N VAL B 100 3.46 -2.24 14.16
CA VAL B 100 2.47 -3.07 14.85
C VAL B 100 1.17 -2.27 14.91
N TYR B 101 0.04 -2.96 15.03
CA TYR B 101 -1.26 -2.30 15.07
C TYR B 101 -2.15 -2.86 16.18
N LEU B 102 -3.12 -2.05 16.62
CA LEU B 102 -4.14 -2.51 17.54
C LEU B 102 -5.53 -2.14 17.01
N GLN B 103 -6.23 -3.12 16.46
CA GLN B 103 -7.61 -2.91 16.04
C GLN B 103 -8.50 -3.05 17.26
N MET B 104 -9.25 -2.01 17.58
CA MET B 104 -10.15 -2.08 18.73
C MET B 104 -11.60 -1.99 18.26
N ASN B 105 -12.41 -2.98 18.64
CA ASN B 105 -13.83 -2.99 18.29
C ASN B 105 -14.69 -2.98 19.54
N ASN B 106 -15.96 -2.61 19.40
CA ASN B 106 -16.88 -2.50 20.53
C ASN B 106 -16.24 -1.80 21.71
N LEU B 107 -15.64 -0.65 21.45
CA LEU B 107 -14.91 0.09 22.47
C LEU B 107 -15.82 0.48 23.64
N ARG B 108 -15.26 0.47 24.84
CA ARG B 108 -15.99 0.86 26.04
C ARG B 108 -15.36 2.11 26.61
N PRO B 109 -16.16 2.93 27.31
CA PRO B 109 -15.62 4.13 27.96
C PRO B 109 -14.40 3.79 28.81
N GLU B 110 -14.40 2.60 29.42
CA GLU B 110 -13.30 2.17 30.28
C GLU B 110 -12.01 1.91 29.49
N ASP B 111 -12.11 1.84 28.15
CA ASP B 111 -10.93 1.63 27.32
C ASP B 111 -10.19 2.95 27.10
N THR B 112 -10.79 4.04 27.57
CA THR B 112 -10.18 5.36 27.47
C THR B 112 -8.81 5.40 28.15
N GLY B 113 -7.84 6.05 27.51
CA GLY B 113 -6.53 6.20 28.09
C GLY B 113 -5.47 6.42 27.03
N ILE B 114 -4.24 6.63 27.47
CA ILE B 114 -3.14 6.85 26.54
C ILE B 114 -2.52 5.51 26.19
N TYR B 115 -2.34 5.25 24.90
CA TYR B 115 -1.86 3.95 24.44
C TYR B 115 -0.45 4.03 23.92
N TYR B 116 0.42 3.18 24.45
CA TYR B 116 1.81 3.14 24.03
C TYR B 116 2.14 1.78 23.45
N CYS B 117 3.10 1.77 22.51
N CYS B 117 3.08 1.76 22.51
CA CYS B 117 3.69 0.54 22.00
CA CYS B 117 3.65 0.49 22.11
C CYS B 117 5.18 0.47 22.36
C CYS B 117 5.13 0.48 22.49
N THR B 118 5.66 -0.72 22.71
CA THR B 118 7.07 -0.87 23.05
C THR B 118 7.58 -2.28 22.70
N PRO B 119 8.82 -2.36 22.18
CA PRO B 119 9.52 -3.63 22.05
C PRO B 119 9.99 -4.05 23.44
N ILE B 120 9.97 -5.34 23.75
CA ILE B 120 10.52 -5.79 25.02
C ILE B 120 11.69 -6.75 24.78
N TYR B 121 12.52 -6.94 25.81
CA TYR B 121 13.74 -7.73 25.70
C TYR B 121 14.52 -7.21 24.49
N SER B 122 14.78 -5.91 24.49
CA SER B 122 15.27 -5.23 23.31
C SER B 122 16.09 -4.00 23.68
N PRO B 123 17.13 -3.71 22.90
CA PRO B 123 17.93 -2.49 23.06
C PRO B 123 17.08 -1.27 22.79
N PHE B 124 15.98 -1.46 22.08
CA PHE B 124 15.17 -0.34 21.64
C PHE B 124 13.83 -0.33 22.37
N ALA B 125 13.86 -0.71 23.64
CA ALA B 125 12.64 -0.84 24.42
C ALA B 125 12.09 0.51 24.88
N TYR B 126 11.79 1.38 23.93
CA TYR B 126 11.22 2.70 24.20
C TYR B 126 9.71 2.73 23.94
N TRP B 127 9.00 3.62 24.63
CA TRP B 127 7.54 3.63 24.61
C TRP B 127 6.90 4.64 23.65
N GLY B 128 7.70 5.50 23.03
CA GLY B 128 7.14 6.58 22.23
C GLY B 128 6.33 7.54 23.07
N GLN B 129 5.62 8.46 22.42
CA GLN B 129 4.90 9.52 23.12
C GLN B 129 3.46 9.15 23.46
N GLY B 130 2.97 8.08 22.84
CA GLY B 130 1.62 7.58 23.12
C GLY B 130 0.54 8.24 22.28
N THR B 131 -0.61 7.57 22.18
CA THR B 131 -1.75 8.12 21.45
C THR B 131 -3.00 8.07 22.35
N LEU B 132 -3.68 9.20 22.51
CA LEU B 132 -4.82 9.28 23.41
C LEU B 132 -6.10 8.75 22.77
N VAL B 133 -6.69 7.75 23.41
CA VAL B 133 -7.98 7.20 22.99
C VAL B 133 -9.07 7.65 23.95
N THR B 134 -10.00 8.45 23.46
CA THR B 134 -11.13 8.90 24.27
C THR B 134 -12.43 8.23 23.79
N VAL B 135 -12.98 7.32 24.60
CA VAL B 135 -14.24 6.65 24.26
C VAL B 135 -15.39 7.27 25.07
N SER B 136 -16.18 8.10 24.41
CA SER B 136 -17.21 8.88 25.07
C SER B 136 -18.28 9.27 24.08
N ALA B 137 -19.50 9.45 24.56
CA ALA B 137 -20.60 9.89 23.70
C ALA B 137 -20.65 11.41 23.63
N ALA B 138 -19.81 12.07 24.41
CA ALA B 138 -19.80 13.53 24.45
C ALA B 138 -19.32 14.10 23.13
N LYS B 139 -19.88 15.25 22.76
CA LYS B 139 -19.57 15.85 21.46
C LYS B 139 -18.34 16.72 21.51
N THR B 140 -17.64 16.80 20.38
CA THR B 140 -16.48 17.67 20.23
C THR B 140 -16.93 19.13 20.35
N THR B 141 -16.27 19.87 21.24
CA THR B 141 -16.64 21.24 21.53
C THR B 141 -15.38 22.10 21.61
N PRO B 142 -15.36 23.22 20.87
CA PRO B 142 -14.20 24.12 20.88
C PRO B 142 -14.06 24.86 22.21
N PRO B 143 -12.86 25.34 22.53
CA PRO B 143 -12.66 26.03 23.80
C PRO B 143 -13.07 27.48 23.70
N SER B 144 -13.49 28.05 24.83
CA SER B 144 -13.57 29.50 24.95
C SER B 144 -12.26 29.95 25.59
N VAL B 145 -11.60 30.94 24.97
CA VAL B 145 -10.32 31.40 25.49
C VAL B 145 -10.43 32.81 26.04
N TYR B 146 -10.17 32.96 27.34
CA TYR B 146 -10.36 34.22 28.02
C TYR B 146 -9.04 34.74 28.60
N PRO B 147 -8.73 36.02 28.34
CA PRO B 147 -7.47 36.59 28.84
C PRO B 147 -7.58 36.93 30.32
N LEU B 148 -6.51 36.71 31.07
CA LEU B 148 -6.50 37.04 32.49
C LEU B 148 -5.50 38.14 32.79
N ALA B 149 -6.03 39.35 32.96
CA ALA B 149 -5.22 40.52 33.26
C ALA B 149 -5.48 40.95 34.69
N PRO B 150 -4.47 41.54 35.36
CA PRO B 150 -4.61 42.00 36.75
C PRO B 150 -5.75 43.00 36.90
N GLY B 151 -6.35 43.06 38.09
CA GLY B 151 -7.39 44.02 38.38
C GLY B 151 -6.88 45.46 38.31
N SER B 158 6.89 44.03 41.44
CA SER B 158 8.10 43.88 40.65
C SER B 158 7.93 42.81 39.57
N MET B 159 7.21 41.75 39.90
CA MET B 159 6.82 40.76 38.89
C MET B 159 5.32 40.85 38.65
N VAL B 160 4.91 40.67 37.40
CA VAL B 160 3.48 40.63 37.10
C VAL B 160 3.05 39.28 36.52
N THR B 161 1.97 38.75 37.06
CA THR B 161 1.45 37.47 36.57
C THR B 161 0.24 37.69 35.68
N LEU B 162 0.27 37.08 34.50
CA LEU B 162 -0.83 37.16 33.55
C LEU B 162 -1.33 35.74 33.33
N GLY B 163 -2.46 35.60 32.67
CA GLY B 163 -3.00 34.27 32.50
C GLY B 163 -3.90 34.06 31.31
N CYS B 164 -4.23 32.80 31.06
N CYS B 164 -4.25 32.79 31.13
CA CYS B 164 -5.22 32.47 30.04
CA CYS B 164 -5.13 32.36 30.07
C CYS B 164 -6.09 31.32 30.48
C CYS B 164 -6.12 31.39 30.71
N LEU B 165 -7.41 31.54 30.38
CA LEU B 165 -8.40 30.57 30.82
C LEU B 165 -9.01 29.90 29.59
N VAL B 166 -8.86 28.58 29.50
CA VAL B 166 -9.30 27.83 28.34
C VAL B 166 -10.44 26.90 28.78
N LYS B 167 -11.68 27.31 28.48
CA LYS B 167 -12.84 26.70 29.14
C LYS B 167 -13.83 26.02 28.19
N GLY B 168 -14.39 24.91 28.68
CA GLY B 168 -15.52 24.28 28.02
C GLY B 168 -15.21 23.60 26.71
N TYR B 169 -14.12 22.83 26.68
CA TYR B 169 -13.76 22.11 25.47
C TYR B 169 -13.81 20.61 25.66
N PHE B 170 -13.75 19.90 24.54
CA PHE B 170 -13.76 18.45 24.52
C PHE B 170 -13.46 18.02 23.10
N PRO B 171 -12.65 16.96 22.94
CA PRO B 171 -11.90 16.28 24.00
C PRO B 171 -10.53 16.90 24.21
N GLU B 172 -9.73 16.28 25.07
CA GLU B 172 -8.31 16.58 25.15
C GLU B 172 -7.68 16.12 23.83
N PRO B 173 -6.54 16.72 23.44
CA PRO B 173 -5.81 17.75 24.17
C PRO B 173 -5.93 19.14 23.56
N VAL B 174 -5.47 20.13 24.32
CA VAL B 174 -5.19 21.45 23.78
C VAL B 174 -3.73 21.73 24.02
N THR B 175 -3.15 22.60 23.19
CA THR B 175 -1.79 23.06 23.46
C THR B 175 -1.84 24.55 23.74
N VAL B 176 -1.20 24.95 24.82
CA VAL B 176 -1.13 26.35 25.21
C VAL B 176 0.32 26.81 25.27
N THR B 177 0.61 27.88 24.54
CA THR B 177 1.93 28.51 24.63
C THR B 177 1.78 30.01 24.82
N TRP B 178 2.90 30.67 25.06
CA TRP B 178 2.92 32.10 25.24
C TRP B 178 3.94 32.70 24.30
N ASN B 179 3.53 33.74 23.56
CA ASN B 179 4.37 34.32 22.52
C ASN B 179 4.93 33.24 21.59
N SER B 180 4.05 32.32 21.17
CA SER B 180 4.40 31.26 20.26
C SER B 180 5.52 30.35 20.79
N GLY B 181 5.66 30.31 22.11
CA GLY B 181 6.61 29.41 22.74
C GLY B 181 7.90 30.07 23.17
N SER B 182 8.07 31.33 22.82
CA SER B 182 9.26 32.09 23.17
C SER B 182 9.31 32.33 24.66
N LEU B 183 8.14 32.45 25.26
CA LEU B 183 8.01 32.70 26.68
C LEU B 183 7.75 31.39 27.40
N SER B 184 8.82 30.77 27.91
CA SER B 184 8.71 29.43 28.49
C SER B 184 9.00 29.41 29.98
N SER B 185 9.99 30.18 30.39
CA SER B 185 10.31 30.34 31.81
C SER B 185 9.18 31.10 32.49
N GLY B 186 8.89 30.75 33.72
CA GLY B 186 7.85 31.43 34.47
C GLY B 186 6.44 31.12 34.00
N VAL B 187 6.30 30.07 33.19
CA VAL B 187 4.98 29.62 32.76
C VAL B 187 4.52 28.43 33.59
N HIS B 188 3.26 28.44 34.01
CA HIS B 188 2.61 27.27 34.58
C HIS B 188 1.35 26.98 33.80
N THR B 189 1.35 25.88 33.05
CA THR B 189 0.14 25.41 32.39
C THR B 189 -0.40 24.22 33.17
N PHE B 190 -1.60 24.37 33.73
CA PHE B 190 -2.13 23.40 34.67
C PHE B 190 -2.85 22.24 33.99
N PRO B 191 -2.81 21.04 34.62
CA PRO B 191 -3.53 19.88 34.08
C PRO B 191 -4.99 20.20 33.86
N ALA B 192 -5.51 19.81 32.70
CA ALA B 192 -6.90 20.02 32.38
C ALA B 192 -7.76 19.27 33.38
N VAL B 193 -8.89 19.86 33.74
CA VAL B 193 -9.81 19.20 34.64
C VAL B 193 -11.13 18.91 33.93
N LEU B 194 -11.57 17.67 34.03
CA LEU B 194 -12.81 17.25 33.39
C LEU B 194 -13.94 17.20 34.40
N GLN B 195 -14.87 18.14 34.29
CA GLN B 195 -16.09 18.06 35.06
C GLN B 195 -17.21 17.67 34.11
N SER B 196 -17.87 16.57 34.41
CA SER B 196 -18.88 16.00 33.50
C SER B 196 -18.29 15.71 32.12
N ASP B 197 -18.64 16.56 31.15
N ASP B 197 -18.63 16.52 31.12
CA ASP B 197 -18.27 16.33 29.75
CA ASP B 197 -18.10 16.23 29.80
C ASP B 197 -17.48 17.48 29.12
C ASP B 197 -17.48 17.46 29.13
N LEU B 198 -16.98 18.38 29.95
CA LEU B 198 -16.26 19.54 29.44
C LEU B 198 -14.96 19.74 30.21
N TYR B 199 -13.89 20.02 29.48
CA TYR B 199 -12.60 20.24 30.10
C TYR B 199 -12.39 21.73 30.36
N THR B 200 -11.65 22.02 31.42
CA THR B 200 -11.18 23.37 31.67
C THR B 200 -9.70 23.33 32.00
N LEU B 201 -8.97 24.27 31.44
CA LEU B 201 -7.54 24.40 31.65
C LEU B 201 -7.22 25.86 31.87
N SER B 202 -6.17 26.14 32.63
CA SER B 202 -5.67 27.50 32.75
C SER B 202 -4.15 27.49 32.67
N SER B 203 -3.59 28.63 32.29
CA SER B 203 -2.15 28.78 32.21
C SER B 203 -1.78 30.17 32.71
N SER B 204 -0.69 30.25 33.46
CA SER B 204 -0.22 31.53 33.96
C SER B 204 1.20 31.77 33.49
N VAL B 205 1.56 33.03 33.32
CA VAL B 205 2.91 33.40 32.98
C VAL B 205 3.29 34.57 33.86
N THR B 206 4.50 34.54 34.39
CA THR B 206 4.97 35.61 35.28
C THR B 206 6.21 36.27 34.69
N VAL B 207 6.13 37.59 34.48
CA VAL B 207 7.23 38.35 33.90
C VAL B 207 7.51 39.60 34.75
N PRO B 208 8.68 40.23 34.55
CA PRO B 208 8.96 41.45 35.31
C PRO B 208 7.97 42.56 34.96
N SER B 209 7.68 43.42 35.93
CA SER B 209 6.76 44.52 35.71
C SER B 209 7.24 45.46 34.59
N SER B 210 8.54 45.41 34.32
CA SER B 210 9.14 46.23 33.26
C SER B 210 8.90 45.63 31.87
N THR B 211 8.48 44.38 31.84
CA THR B 211 8.25 43.64 30.59
C THR B 211 6.84 43.87 30.04
N TRP B 212 5.87 44.00 30.95
CA TRP B 212 4.47 44.12 30.53
C TRP B 212 3.81 45.24 31.31
N PRO B 213 2.98 46.06 30.63
CA PRO B 213 2.53 45.90 29.23
C PRO B 213 3.42 46.55 28.16
N SER B 214 4.64 46.93 28.51
CA SER B 214 5.52 47.57 27.53
C SER B 214 5.81 46.63 26.36
N GLU B 215 5.92 45.34 26.65
CA GLU B 215 6.09 44.33 25.59
C GLU B 215 4.82 43.47 25.45
N THR B 216 4.70 42.82 24.30
CA THR B 216 3.54 41.97 24.01
C THR B 216 3.60 40.66 24.79
N VAL B 217 2.46 40.27 25.35
CA VAL B 217 2.32 38.94 25.94
C VAL B 217 1.02 38.33 25.44
N THR B 218 1.14 37.28 24.64
CA THR B 218 0.00 36.66 24.01
C THR B 218 0.03 35.15 24.23
N CYS B 219 -1.11 34.60 24.63
N CYS B 219 -1.10 34.60 24.64
CA CYS B 219 -1.22 33.14 24.76
CA CYS B 219 -1.18 33.15 24.76
C CYS B 219 -1.86 32.55 23.51
C CYS B 219 -1.86 32.55 23.53
N ASN B 220 -1.29 31.46 23.04
CA ASN B 220 -1.79 30.80 21.85
C ASN B 220 -2.40 29.48 22.26
N VAL B 221 -3.64 29.25 21.86
CA VAL B 221 -4.34 28.03 22.23
C VAL B 221 -4.73 27.26 20.97
N ALA B 222 -4.37 25.98 20.95
CA ALA B 222 -4.72 25.13 19.82
C ALA B 222 -5.54 23.95 20.29
N HIS B 223 -6.67 23.72 19.63
CA HIS B 223 -7.49 22.55 19.88
C HIS B 223 -7.74 21.85 18.56
N PRO B 224 -6.82 20.96 18.18
CA PRO B 224 -6.87 20.22 16.91
C PRO B 224 -8.23 19.57 16.65
N ALA B 225 -8.82 18.95 17.67
CA ALA B 225 -10.07 18.21 17.53
C ALA B 225 -11.21 19.04 16.94
N SER B 226 -11.25 20.32 17.30
CA SER B 226 -12.29 21.23 16.79
C SER B 226 -11.71 22.15 15.74
N SER B 227 -10.49 21.84 15.29
CA SER B 227 -9.78 22.62 14.30
C SER B 227 -9.63 24.08 14.73
N THR B 228 -9.41 24.30 16.04
CA THR B 228 -9.36 25.65 16.58
C THR B 228 -7.93 26.13 16.87
N LYS B 229 -7.64 27.36 16.44
CA LYS B 229 -6.43 28.08 16.85
C LYS B 229 -6.83 29.49 17.26
N VAL B 230 -6.42 29.91 18.46
CA VAL B 230 -6.80 31.20 18.99
C VAL B 230 -5.59 31.92 19.59
N ASP B 231 -5.44 33.20 19.29
CA ASP B 231 -4.42 34.02 19.94
C ASP B 231 -5.08 35.10 20.79
N LYS B 232 -4.74 35.13 22.07
CA LYS B 232 -5.29 36.14 22.97
C LYS B 232 -4.17 37.02 23.51
N LYS B 233 -4.10 38.25 23.03
CA LYS B 233 -3.16 39.21 23.56
C LYS B 233 -3.67 39.75 24.88
N ILE B 234 -2.81 39.76 25.89
CA ILE B 234 -3.20 40.23 27.21
C ILE B 234 -3.01 41.74 27.28
N VAL B 235 -4.12 42.46 27.39
CA VAL B 235 -4.07 43.92 27.45
C VAL B 235 -4.52 44.38 28.83
N PRO B 236 -3.95 45.51 29.30
CA PRO B 236 -4.26 46.02 30.64
C PRO B 236 -5.74 46.35 30.84
N ARG B 237 -6.18 46.29 32.09
CA ARG B 237 -7.56 46.57 32.52
C ARG B 237 -8.54 45.43 32.21
N ASP C 20 4.76 12.62 -27.84
CA ASP C 20 4.52 13.56 -26.76
C ASP C 20 5.41 13.24 -25.56
N VAL C 21 5.78 14.27 -24.80
CA VAL C 21 6.50 14.09 -23.56
C VAL C 21 5.57 13.62 -22.45
N VAL C 22 5.73 12.37 -22.03
CA VAL C 22 4.92 11.82 -20.96
C VAL C 22 5.40 12.29 -19.59
N MET C 23 4.47 12.79 -18.77
CA MET C 23 4.78 13.22 -17.42
C MET C 23 4.18 12.22 -16.43
N THR C 24 4.98 11.74 -15.49
CA THR C 24 4.52 10.74 -14.53
C THR C 24 4.71 11.20 -13.10
N GLN C 25 3.63 11.22 -12.34
CA GLN C 25 3.71 11.67 -10.95
C GLN C 25 3.52 10.49 -9.99
N THR C 26 4.21 10.55 -8.86
CA THR C 26 4.06 9.56 -7.80
C THR C 26 4.18 10.27 -6.46
N PRO C 27 3.33 9.90 -5.49
CA PRO C 27 2.23 8.95 -5.64
C PRO C 27 1.01 9.61 -6.29
N LEU C 28 -0.03 8.84 -6.57
CA LEU C 28 -1.26 9.39 -7.14
C LEU C 28 -2.03 10.16 -6.06
N SER C 29 -2.03 9.62 -4.85
CA SER C 29 -2.61 10.30 -3.70
C SER C 29 -1.69 10.14 -2.49
N LEU C 30 -1.61 11.18 -1.66
CA LEU C 30 -0.64 11.21 -0.58
C LEU C 30 -1.21 11.80 0.71
N PRO C 31 -1.46 10.94 1.71
CA PRO C 31 -1.91 11.39 3.02
C PRO C 31 -0.78 12.00 3.82
N VAL C 32 -1.00 13.14 4.44
CA VAL C 32 0.03 13.83 5.20
C VAL C 32 -0.62 14.46 6.41
N SER C 33 0.03 14.35 7.57
CA SER C 33 -0.47 14.98 8.77
C SER C 33 -0.12 16.45 8.77
N LEU C 34 -0.91 17.26 9.47
CA LEU C 34 -0.68 18.69 9.56
C LEU C 34 0.70 18.98 10.16
N GLY C 35 1.36 20.00 9.62
CA GLY C 35 2.67 20.38 10.11
C GLY C 35 3.81 19.57 9.52
N ASP C 36 3.52 18.35 9.10
CA ASP C 36 4.55 17.51 8.48
C ASP C 36 4.87 17.93 7.06
N GLN C 37 5.72 17.15 6.40
CA GLN C 37 6.17 17.49 5.07
C GLN C 37 5.74 16.49 4.02
N ALA C 38 5.24 17.02 2.91
CA ALA C 38 4.87 16.20 1.77
C ALA C 38 5.87 16.40 0.64
N SER C 39 6.25 15.31 -0.01
CA SER C 39 7.11 15.39 -1.17
C SER C 39 6.46 14.66 -2.34
N ILE C 40 6.35 15.35 -3.46
CA ILE C 40 5.72 14.80 -4.65
C ILE C 40 6.75 14.65 -5.76
N SER C 41 6.72 13.52 -6.45
CA SER C 41 7.72 13.25 -7.49
C SER C 41 7.13 13.35 -8.90
N CYS C 42 7.93 13.85 -9.84
CA CYS C 42 7.50 13.95 -11.22
C CYS C 42 8.58 13.46 -12.18
N ARG C 43 8.21 12.56 -13.07
CA ARG C 43 9.16 12.03 -14.06
C ARG C 43 8.71 12.27 -15.50
N SER C 44 9.61 12.84 -16.30
CA SER C 44 9.32 13.13 -17.70
C SER C 44 10.02 12.13 -18.62
N SER C 45 9.38 11.84 -19.75
CA SER C 45 9.90 10.84 -20.69
C SER C 45 11.10 11.33 -21.49
N GLN C 46 11.21 12.64 -21.66
CA GLN C 46 12.37 13.24 -22.31
C GLN C 46 12.94 14.27 -21.35
N SER C 47 14.18 14.68 -21.58
CA SER C 47 14.81 15.68 -20.70
C SER C 47 14.19 17.06 -20.91
N LEU C 48 14.16 17.85 -19.86
CA LEU C 48 13.51 19.16 -19.90
C LEU C 48 14.49 20.30 -19.84
N VAL C 49 15.78 19.97 -19.82
CA VAL C 49 16.83 20.98 -19.86
C VAL C 49 16.87 21.55 -21.27
N HIS C 50 16.89 22.87 -21.37
CA HIS C 50 16.94 23.50 -22.67
C HIS C 50 18.34 24.03 -22.98
N SER C 51 18.63 24.11 -24.28
CA SER C 51 19.92 24.59 -24.77
C SER C 51 20.28 25.98 -24.22
N ASN C 52 19.25 26.76 -23.88
CA ASN C 52 19.43 28.11 -23.33
C ASN C 52 19.82 28.12 -21.87
N GLY C 53 19.81 26.95 -21.25
CA GLY C 53 20.23 26.83 -19.86
C GLY C 53 19.10 26.96 -18.85
N ASN C 54 17.86 27.03 -19.33
CA ASN C 54 16.71 26.99 -18.44
C ASN C 54 16.05 25.63 -18.50
N THR C 55 15.39 25.23 -17.42
CA THR C 55 14.69 23.96 -17.40
C THR C 55 13.18 24.18 -17.22
N TYR C 56 12.40 23.74 -18.22
CA TYR C 56 11.00 24.12 -18.31
C TYR C 56 10.05 23.10 -17.67
N LEU C 57 10.16 22.99 -16.35
CA LEU C 57 9.29 22.13 -15.55
C LEU C 57 8.53 23.04 -14.60
N HIS C 58 7.21 22.87 -14.51
CA HIS C 58 6.41 23.75 -13.68
C HIS C 58 5.43 22.97 -12.80
N TRP C 59 4.98 23.60 -11.72
CA TRP C 59 4.01 22.97 -10.83
C TRP C 59 2.75 23.83 -10.71
N PHE C 60 1.60 23.17 -10.82
CA PHE C 60 0.32 23.83 -10.63
C PHE C 60 -0.42 23.20 -9.46
N LEU C 61 -1.25 23.98 -8.80
CA LEU C 61 -2.12 23.44 -7.77
C LEU C 61 -3.57 23.76 -8.10
N GLN C 62 -4.42 22.74 -8.04
CA GLN C 62 -5.85 22.95 -8.16
C GLN C 62 -6.52 22.55 -6.85
N LYS C 63 -7.07 23.54 -6.17
CA LYS C 63 -7.83 23.33 -4.95
C LYS C 63 -9.27 23.04 -5.36
N PRO C 64 -10.04 22.38 -4.48
CA PRO C 64 -11.43 22.03 -4.81
C PRO C 64 -12.24 23.26 -5.20
N GLY C 65 -12.96 23.17 -6.32
CA GLY C 65 -13.84 24.25 -6.74
C GLY C 65 -13.12 25.39 -7.43
N GLN C 66 -11.80 25.32 -7.50
CA GLN C 66 -11.00 26.38 -8.08
C GLN C 66 -10.37 25.95 -9.40
N SER C 67 -9.90 26.93 -10.16
CA SER C 67 -9.07 26.69 -11.34
C SER C 67 -7.67 26.27 -10.90
N PRO C 68 -6.88 25.66 -11.80
CA PRO C 68 -5.48 25.41 -11.47
C PRO C 68 -4.73 26.74 -11.34
N LYS C 69 -3.77 26.80 -10.44
CA LYS C 69 -2.98 28.03 -10.27
C LYS C 69 -1.51 27.69 -10.31
N LEU C 70 -0.74 28.52 -10.99
CA LEU C 70 0.70 28.31 -11.07
C LEU C 70 1.33 28.44 -9.69
N LEU C 71 2.14 27.45 -9.31
CA LEU C 71 2.82 27.46 -8.03
C LEU C 71 4.29 27.77 -8.22
N ILE C 72 4.96 26.89 -8.99
CA ILE C 72 6.38 27.01 -9.25
C ILE C 72 6.68 26.91 -10.75
N TYR C 73 7.51 27.80 -11.25
CA TYR C 73 7.94 27.73 -12.65
C TYR C 73 9.43 27.49 -12.76
N LYS C 74 9.82 26.77 -13.81
CA LYS C 74 11.21 26.43 -14.07
C LYS C 74 11.89 25.80 -12.84
N VAL C 75 11.30 24.70 -12.39
CA VAL C 75 11.83 23.87 -11.29
C VAL C 75 11.74 24.48 -9.89
N SER C 76 12.17 25.72 -9.73
CA SER C 76 12.40 26.23 -8.38
C SER C 76 11.81 27.60 -8.06
N ASN C 77 11.37 28.32 -9.08
CA ASN C 77 10.93 29.68 -8.85
C ASN C 77 9.47 29.79 -8.42
N ARG C 78 9.23 30.50 -7.32
CA ARG C 78 7.88 30.67 -6.80
C ARG C 78 7.11 31.76 -7.52
N PHE C 79 5.83 31.50 -7.78
CA PHE C 79 4.96 32.50 -8.39
C PHE C 79 4.47 33.47 -7.33
N SER C 80 3.92 34.61 -7.76
CA SER C 80 3.47 35.64 -6.81
C SER C 80 2.47 35.10 -5.78
N GLY C 81 2.76 35.30 -4.50
CA GLY C 81 1.86 34.89 -3.44
C GLY C 81 2.10 33.48 -2.92
N VAL C 82 3.17 32.84 -3.37
CA VAL C 82 3.47 31.47 -2.96
C VAL C 82 4.56 31.41 -1.87
N PRO C 83 4.24 30.76 -0.74
CA PRO C 83 5.13 30.54 0.41
C PRO C 83 6.39 29.71 0.17
N GLU C 84 7.42 29.98 0.98
CA GLU C 84 8.71 29.29 0.92
C GLU C 84 8.59 27.79 1.19
N ARG C 85 7.56 27.41 1.95
CA ARG C 85 7.36 26.01 2.31
C ARG C 85 7.14 25.15 1.07
N PHE C 86 6.66 25.78 0.01
CA PHE C 86 6.61 25.16 -1.30
C PHE C 86 7.95 25.34 -1.98
N SER C 87 8.65 24.24 -2.23
CA SER C 87 9.95 24.29 -2.88
C SER C 87 10.08 23.17 -3.91
N GLY C 88 10.64 23.52 -5.07
CA GLY C 88 10.80 22.55 -6.14
C GLY C 88 12.26 22.27 -6.43
N SER C 89 12.54 21.04 -6.80
CA SER C 89 13.91 20.62 -7.06
C SER C 89 13.94 19.54 -8.12
N GLY C 90 15.14 19.18 -8.57
CA GLY C 90 15.29 18.13 -9.55
C GLY C 90 16.04 18.62 -10.77
N SER C 91 16.26 17.72 -11.72
CA SER C 91 17.00 18.06 -12.94
C SER C 91 16.76 16.96 -13.96
N GLY C 92 17.07 17.26 -15.22
CA GLY C 92 16.90 16.28 -16.29
C GLY C 92 15.47 15.78 -16.40
N THR C 93 15.27 14.49 -16.17
CA THR C 93 13.93 13.92 -16.25
C THR C 93 13.32 13.63 -14.87
N ASP C 94 14.02 14.02 -13.81
CA ASP C 94 13.58 13.71 -12.44
C ASP C 94 13.36 14.97 -11.62
N PHE C 95 12.13 15.17 -11.15
CA PHE C 95 11.80 16.35 -10.36
C PHE C 95 10.99 16.00 -9.12
N THR C 96 11.11 16.82 -8.09
CA THR C 96 10.34 16.62 -6.87
C THR C 96 9.81 17.93 -6.34
N LEU C 97 8.56 17.92 -5.91
CA LEU C 97 7.96 19.07 -5.24
C LEU C 97 7.83 18.74 -3.77
N LYS C 98 8.28 19.64 -2.91
CA LYS C 98 8.22 19.41 -1.47
C LYS C 98 7.40 20.48 -0.78
N ILE C 99 6.38 20.04 -0.02
CA ILE C 99 5.58 20.96 0.77
C ILE C 99 5.84 20.76 2.26
N SER C 100 6.41 21.78 2.89
CA SER C 100 6.81 21.69 4.30
C SER C 100 5.80 22.38 5.21
N ARG C 101 5.69 21.87 6.45
CA ARG C 101 4.71 22.38 7.41
C ARG C 101 3.33 22.44 6.76
N VAL C 102 2.99 21.34 6.09
CA VAL C 102 1.73 21.21 5.36
C VAL C 102 0.56 21.79 6.13
N GLU C 103 -0.18 22.71 5.51
CA GLU C 103 -1.38 23.27 6.10
C GLU C 103 -2.61 22.65 5.43
N ALA C 104 -3.71 22.63 6.17
CA ALA C 104 -4.97 22.07 5.66
C ALA C 104 -5.41 22.75 4.37
N GLU C 105 -5.07 24.02 4.22
CA GLU C 105 -5.47 24.78 3.04
C GLU C 105 -4.65 24.39 1.80
N ASP C 106 -3.69 23.49 1.99
CA ASP C 106 -2.82 23.07 0.89
C ASP C 106 -3.36 21.85 0.17
N LEU C 107 -4.47 21.30 0.66
CA LEU C 107 -5.06 20.13 0.03
C LEU C 107 -5.55 20.48 -1.36
N GLY C 108 -5.45 19.53 -2.27
CA GLY C 108 -5.87 19.74 -3.63
C GLY C 108 -5.06 18.84 -4.52
N VAL C 109 -5.09 19.09 -5.83
CA VAL C 109 -4.35 18.26 -6.76
C VAL C 109 -3.16 19.03 -7.31
N TYR C 110 -1.99 18.41 -7.22
CA TYR C 110 -0.75 19.01 -7.67
C TYR C 110 -0.39 18.42 -9.01
N PHE C 111 -0.11 19.30 -9.98
CA PHE C 111 0.22 18.88 -11.34
C PHE C 111 1.60 19.39 -11.71
N CYS C 112 2.45 18.52 -12.24
CA CYS C 112 3.67 19.00 -12.89
C CYS C 112 3.37 19.19 -14.37
N SER C 113 4.17 20.02 -15.03
CA SER C 113 4.01 20.23 -16.46
C SER C 113 5.32 20.64 -17.12
N GLN C 114 5.41 20.43 -18.42
CA GLN C 114 6.59 20.83 -19.17
C GLN C 114 6.18 21.71 -20.34
N SER C 115 7.01 22.71 -20.63
CA SER C 115 6.75 23.60 -21.75
C SER C 115 7.96 23.66 -22.67
N LYS C 116 8.82 22.65 -22.60
CA LYS C 116 9.99 22.61 -23.46
C LYS C 116 9.60 22.15 -24.86
N TYR C 117 8.74 21.12 -24.91
CA TYR C 117 8.30 20.57 -26.17
C TYR C 117 6.82 20.87 -26.43
N VAL C 118 6.48 21.06 -27.70
CA VAL C 118 5.10 21.10 -28.15
C VAL C 118 4.74 19.68 -28.56
N PRO C 119 3.58 19.17 -28.13
CA PRO C 119 2.59 19.84 -27.28
C PRO C 119 3.02 19.91 -25.82
N TYR C 120 2.63 20.99 -25.15
CA TYR C 120 2.83 21.13 -23.72
C TYR C 120 2.06 20.01 -23.06
N THR C 121 2.65 19.34 -22.08
CA THR C 121 1.99 18.21 -21.44
C THR C 121 1.94 18.35 -19.93
N PHE C 122 0.99 17.65 -19.31
CA PHE C 122 0.80 17.70 -17.87
C PHE C 122 0.89 16.30 -17.25
N GLY C 123 1.28 16.26 -15.98
CA GLY C 123 1.18 15.03 -15.21
C GLY C 123 -0.28 14.73 -14.90
N GLY C 124 -0.56 13.50 -14.48
CA GLY C 124 -1.91 13.10 -14.16
C GLY C 124 -2.41 13.68 -12.84
N GLY C 125 -1.50 14.31 -12.11
CA GLY C 125 -1.85 14.94 -10.85
C GLY C 125 -1.63 14.04 -9.63
N THR C 126 -1.34 14.68 -8.51
CA THR C 126 -1.23 14.01 -7.22
C THR C 126 -2.15 14.70 -6.24
N LYS C 127 -3.04 13.93 -5.62
CA LYS C 127 -3.99 14.48 -4.67
C LYS C 127 -3.41 14.47 -3.25
N LEU C 128 -3.29 15.65 -2.66
CA LEU C 128 -2.80 15.76 -1.30
C LEU C 128 -3.96 15.66 -0.34
N GLU C 129 -3.93 14.66 0.53
CA GLU C 129 -4.97 14.47 1.52
C GLU C 129 -4.45 14.75 2.91
N ILE C 130 -5.16 15.61 3.65
CA ILE C 130 -4.80 15.93 5.01
C ILE C 130 -5.24 14.81 5.95
N LYS C 131 -4.31 14.30 6.73
CA LYS C 131 -4.65 13.33 7.77
C LYS C 131 -5.29 14.03 8.95
N ARG C 132 -6.33 13.43 9.50
CA ARG C 132 -6.94 13.91 10.73
C ARG C 132 -7.46 12.71 11.51
N ALA C 133 -8.09 12.97 12.65
CA ALA C 133 -8.60 11.86 13.47
C ALA C 133 -9.84 11.26 12.83
N ASP C 134 -10.17 10.03 13.22
CA ASP C 134 -11.38 9.38 12.74
C ASP C 134 -12.60 10.20 13.11
N ALA C 135 -13.60 10.18 12.24
CA ALA C 135 -14.88 10.81 12.54
C ALA C 135 -15.99 10.03 11.86
N ALA C 136 -16.93 9.52 12.63
CA ALA C 136 -18.10 8.84 12.09
C ALA C 136 -19.01 9.85 11.42
N PRO C 137 -19.68 9.45 10.32
CA PRO C 137 -20.53 10.40 9.60
C PRO C 137 -21.76 10.79 10.41
N THR C 138 -22.25 12.00 10.21
CA THR C 138 -23.58 12.40 10.66
C THR C 138 -24.54 12.00 9.56
N VAL C 139 -25.46 11.10 9.85
CA VAL C 139 -26.33 10.53 8.83
C VAL C 139 -27.77 11.04 8.95
N SER C 140 -28.34 11.50 7.84
CA SER C 140 -29.72 12.01 7.82
C SER C 140 -30.49 11.44 6.63
N ILE C 141 -31.72 10.97 6.88
CA ILE C 141 -32.54 10.41 5.81
C ILE C 141 -33.73 11.31 5.47
N PHE C 142 -34.09 11.38 4.20
CA PHE C 142 -35.20 12.22 3.74
C PHE C 142 -36.13 11.50 2.78
N PRO C 143 -37.44 11.53 3.06
CA PRO C 143 -38.46 10.93 2.22
C PRO C 143 -38.66 11.75 0.95
N PRO C 144 -39.26 11.15 -0.08
CA PRO C 144 -39.63 11.87 -1.30
C PRO C 144 -40.50 13.08 -0.96
N SER C 145 -40.28 14.20 -1.63
CA SER C 145 -41.12 15.37 -1.42
C SER C 145 -42.48 15.11 -2.05
N SER C 146 -43.50 15.80 -1.57
CA SER C 146 -44.84 15.65 -2.15
C SER C 146 -44.84 16.15 -3.59
N GLU C 147 -44.03 17.16 -3.88
CA GLU C 147 -43.92 17.68 -5.23
C GLU C 147 -43.42 16.62 -6.21
N GLN C 148 -42.36 15.92 -5.84
CA GLN C 148 -41.81 14.86 -6.70
C GLN C 148 -42.82 13.75 -6.92
N LEU C 149 -43.57 13.43 -5.86
CA LEU C 149 -44.54 12.35 -5.94
C LEU C 149 -45.62 12.66 -6.98
N THR C 150 -46.09 13.90 -7.03
CA THR C 150 -47.06 14.28 -8.05
C THR C 150 -46.52 14.03 -9.46
N SER C 151 -45.21 14.18 -9.62
CA SER C 151 -44.53 13.97 -10.89
C SER C 151 -44.46 12.49 -11.27
N GLY C 152 -44.61 11.61 -10.29
CA GLY C 152 -44.59 10.18 -10.55
C GLY C 152 -43.25 9.52 -10.30
N GLY C 153 -42.31 10.28 -9.72
CA GLY C 153 -41.03 9.72 -9.32
C GLY C 153 -40.88 9.79 -7.81
N ALA C 154 -39.99 8.95 -7.27
CA ALA C 154 -39.76 8.94 -5.82
C ALA C 154 -38.29 8.76 -5.48
N SER C 155 -37.69 9.81 -4.92
CA SER C 155 -36.29 9.75 -4.49
C SER C 155 -36.18 9.81 -2.98
N VAL C 156 -35.43 8.86 -2.42
CA VAL C 156 -35.11 8.88 -1.00
C VAL C 156 -33.65 9.30 -0.83
N VAL C 157 -33.38 10.25 0.04
CA VAL C 157 -32.05 10.81 0.14
C VAL C 157 -31.41 10.59 1.50
N CYS C 158 -30.13 10.21 1.50
N CYS C 158 -30.16 10.14 1.50
CA CYS C 158 -29.35 10.02 2.72
CA CYS C 158 -29.37 10.09 2.72
C CYS C 158 -28.06 10.83 2.65
C CYS C 158 -28.11 10.92 2.59
N PHE C 159 -27.89 11.79 3.56
CA PHE C 159 -26.65 12.54 3.65
C PHE C 159 -25.74 11.88 4.69
N LEU C 160 -24.48 11.74 4.34
CA LEU C 160 -23.49 11.20 5.27
C LEU C 160 -22.39 12.23 5.36
N ASN C 161 -22.43 13.04 6.41
CA ASN C 161 -21.64 14.27 6.44
C ASN C 161 -20.51 14.31 7.47
N ASN C 162 -19.45 15.02 7.10
CA ASN C 162 -18.32 15.30 7.97
C ASN C 162 -17.72 14.07 8.60
N PHE C 163 -17.24 13.16 7.75
CA PHE C 163 -16.60 11.95 8.25
C PHE C 163 -15.16 11.84 7.75
N TYR C 164 -14.41 10.99 8.42
CA TYR C 164 -13.04 10.67 8.04
C TYR C 164 -12.69 9.33 8.65
N PRO C 165 -12.01 8.46 7.89
CA PRO C 165 -11.50 8.65 6.52
C PRO C 165 -12.57 8.47 5.45
N LYS C 166 -12.17 8.69 4.19
CA LYS C 166 -13.12 8.77 3.08
C LYS C 166 -13.85 7.46 2.75
N ASP C 167 -13.20 6.31 2.94
CA ASP C 167 -13.82 5.02 2.61
C ASP C 167 -15.12 4.81 3.40
N ILE C 168 -16.19 4.47 2.69
CA ILE C 168 -17.48 4.26 3.35
C ILE C 168 -18.43 3.42 2.49
N ASN C 169 -19.27 2.62 3.14
CA ASN C 169 -20.25 1.81 2.44
C ASN C 169 -21.67 2.25 2.78
N VAL C 170 -22.48 2.41 1.74
CA VAL C 170 -23.89 2.72 1.92
C VAL C 170 -24.76 1.58 1.39
N LYS C 171 -25.71 1.15 2.22
CA LYS C 171 -26.64 0.09 1.83
C LYS C 171 -28.06 0.58 2.01
N TRP C 172 -28.87 0.50 0.97
CA TRP C 172 -30.26 0.86 1.07
C TRP C 172 -31.11 -0.38 1.29
N LYS C 173 -32.12 -0.25 2.14
CA LYS C 173 -33.05 -1.36 2.36
C LYS C 173 -34.49 -0.88 2.35
N ILE C 174 -35.35 -1.64 1.69
CA ILE C 174 -36.77 -1.31 1.58
C ILE C 174 -37.59 -2.47 2.17
N ASP C 175 -38.29 -2.20 3.28
CA ASP C 175 -38.95 -3.27 4.04
C ASP C 175 -38.00 -4.43 4.31
N GLY C 176 -36.77 -4.12 4.71
CA GLY C 176 -35.80 -5.13 5.07
C GLY C 176 -35.06 -5.78 3.92
N SER C 177 -35.41 -5.45 2.69
CA SER C 177 -34.71 -6.05 1.55
C SER C 177 -33.76 -5.05 0.88
N GLU C 178 -32.51 -5.46 0.72
CA GLU C 178 -31.49 -4.63 0.13
C GLU C 178 -31.81 -4.26 -1.32
N ARG C 179 -31.79 -2.97 -1.61
CA ARG C 179 -32.01 -2.47 -2.96
C ARG C 179 -30.69 -1.95 -3.50
N GLN C 180 -30.20 -2.57 -4.57
CA GLN C 180 -28.90 -2.19 -5.11
C GLN C 180 -28.97 -1.24 -6.32
N ASN C 181 -29.97 -1.42 -7.18
CA ASN C 181 -30.09 -0.56 -8.36
C ASN C 181 -30.76 0.78 -8.06
N GLY C 182 -30.47 1.78 -8.89
CA GLY C 182 -31.12 3.08 -8.76
C GLY C 182 -30.53 3.98 -7.69
N VAL C 183 -29.29 3.73 -7.31
CA VAL C 183 -28.62 4.54 -6.29
C VAL C 183 -27.58 5.47 -6.92
N LEU C 184 -27.69 6.75 -6.61
CA LEU C 184 -26.74 7.74 -7.11
C LEU C 184 -25.99 8.36 -5.94
N ASN C 185 -24.67 8.18 -5.92
CA ASN C 185 -23.83 8.76 -4.89
C ASN C 185 -22.98 9.92 -5.41
N SER C 186 -22.81 10.94 -4.57
CA SER C 186 -21.95 12.06 -4.91
C SER C 186 -21.15 12.50 -3.67
N TRP C 187 -19.86 12.75 -3.91
CA TRP C 187 -18.92 13.02 -2.83
C TRP C 187 -18.39 14.44 -2.94
N THR C 188 -18.24 15.13 -1.80
CA THR C 188 -17.53 16.40 -1.80
C THR C 188 -16.04 16.12 -1.79
N ASP C 189 -15.24 17.12 -2.18
CA ASP C 189 -13.79 17.03 -1.98
C ASP C 189 -13.53 17.18 -0.48
N GLN C 190 -12.30 16.91 -0.05
CA GLN C 190 -11.96 17.12 1.35
C GLN C 190 -12.15 18.59 1.73
N ASP C 191 -12.73 18.82 2.90
CA ASP C 191 -13.00 20.16 3.38
C ASP C 191 -11.73 20.76 3.96
N SER C 192 -11.45 22.01 3.60
CA SER C 192 -10.28 22.72 4.10
C SER C 192 -10.43 23.13 5.57
N LYS C 193 -11.68 23.34 6.00
CA LYS C 193 -11.91 23.80 7.36
C LYS C 193 -11.71 22.71 8.42
N ASP C 194 -12.18 21.49 8.18
CA ASP C 194 -12.06 20.44 9.19
C ASP C 194 -11.42 19.13 8.71
N SER C 195 -10.96 19.13 7.45
CA SER C 195 -10.32 17.95 6.85
C SER C 195 -11.24 16.72 6.70
N THR C 196 -12.55 16.90 6.81
CA THR C 196 -13.49 15.79 6.63
C THR C 196 -14.03 15.65 5.20
N TYR C 197 -14.82 14.61 4.97
CA TYR C 197 -15.50 14.40 3.71
C TYR C 197 -16.99 14.29 3.96
N SER C 198 -17.80 14.56 2.95
CA SER C 198 -19.23 14.30 3.04
C SER C 198 -19.69 13.62 1.77
N MET C 199 -20.82 12.91 1.84
CA MET C 199 -21.38 12.32 0.64
C MET C 199 -22.90 12.29 0.69
N SER C 200 -23.50 12.20 -0.49
CA SER C 200 -24.95 12.13 -0.59
C SER C 200 -25.30 10.85 -1.35
N SER C 201 -26.28 10.12 -0.83
CA SER C 201 -26.77 8.93 -1.53
C SER C 201 -28.27 9.07 -1.80
N THR C 202 -28.65 9.00 -3.06
CA THR C 202 -30.06 9.09 -3.43
C THR C 202 -30.55 7.80 -4.07
N LEU C 203 -31.57 7.21 -3.48
CA LEU C 203 -32.27 6.08 -4.07
C LEU C 203 -33.48 6.60 -4.86
N THR C 204 -33.49 6.38 -6.16
CA THR C 204 -34.61 6.79 -7.00
C THR C 204 -35.47 5.58 -7.42
N LEU C 205 -36.78 5.70 -7.18
CA LEU C 205 -37.72 4.64 -7.48
C LEU C 205 -38.90 5.24 -8.23
N THR C 206 -39.68 4.39 -8.90
CA THR C 206 -40.95 4.85 -9.45
C THR C 206 -41.85 5.12 -8.28
N LYS C 207 -42.82 6.01 -8.47
CA LYS C 207 -43.74 6.35 -7.39
C LYS C 207 -44.50 5.11 -6.92
N ASP C 208 -44.86 4.24 -7.87
CA ASP C 208 -45.60 3.03 -7.54
C ASP C 208 -44.81 2.10 -6.63
N GLU C 209 -43.56 1.83 -7.00
CA GLU C 209 -42.74 0.91 -6.21
C GLU C 209 -42.58 1.45 -4.81
N TYR C 210 -42.33 2.76 -4.72
CA TYR C 210 -42.23 3.43 -3.45
C TYR C 210 -43.47 3.23 -2.59
N GLU C 211 -44.65 3.25 -3.21
CA GLU C 211 -45.89 3.16 -2.45
C GLU C 211 -46.28 1.73 -2.10
N ARG C 212 -45.54 0.78 -2.66
CA ARG C 212 -45.71 -0.63 -2.33
C ARG C 212 -45.03 -1.01 -1.01
N HIS C 213 -44.31 -0.07 -0.41
CA HIS C 213 -43.53 -0.40 0.77
C HIS C 213 -43.59 0.65 1.85
N ASN C 214 -43.26 0.25 3.08
CA ASN C 214 -43.44 1.09 4.24
C ASN C 214 -42.14 1.65 4.83
N SER C 215 -41.16 0.78 5.05
CA SER C 215 -39.96 1.18 5.77
C SER C 215 -38.76 1.38 4.84
N TYR C 216 -38.11 2.53 4.98
CA TYR C 216 -36.96 2.86 4.14
C TYR C 216 -35.73 3.15 4.99
N THR C 217 -34.65 2.44 4.69
CA THR C 217 -33.47 2.50 5.52
C THR C 217 -32.18 2.72 4.72
N CYS C 218 -31.37 3.64 5.23
N CYS C 218 -31.38 3.69 5.15
CA CYS C 218 -30.04 3.91 4.73
CA CYS C 218 -30.02 3.79 4.64
C CYS C 218 -29.02 3.42 5.78
C CYS C 218 -29.06 3.37 5.76
N GLU C 219 -28.15 2.48 5.41
CA GLU C 219 -27.16 1.96 6.35
C GLU C 219 -25.74 2.36 5.96
N ALA C 220 -25.05 3.02 6.87
CA ALA C 220 -23.69 3.50 6.63
C ALA C 220 -22.67 2.71 7.44
N THR C 221 -21.77 2.02 6.74
CA THR C 221 -20.70 1.27 7.39
C THR C 221 -19.34 1.93 7.15
N HIS C 222 -18.65 2.24 8.25
CA HIS C 222 -17.45 3.08 8.24
C HIS C 222 -16.48 2.54 9.28
N LYS C 223 -15.19 2.83 9.13
CA LYS C 223 -14.18 2.26 10.04
C LYS C 223 -14.40 2.59 11.51
N THR C 224 -15.21 3.62 11.78
CA THR C 224 -15.49 4.06 13.14
C THR C 224 -16.39 3.12 13.95
N SER C 225 -16.93 2.10 13.29
CA SER C 225 -17.68 1.06 14.01
C SER C 225 -17.87 -0.20 13.18
N THR C 226 -17.93 -1.35 13.85
CA THR C 226 -18.32 -2.60 13.20
C THR C 226 -19.84 -2.64 13.00
N SER C 227 -20.54 -1.74 13.70
CA SER C 227 -21.99 -1.63 13.55
C SER C 227 -22.32 -0.49 12.59
N PRO C 228 -23.18 -0.76 11.61
CA PRO C 228 -23.53 0.33 10.69
C PRO C 228 -24.37 1.37 11.43
N ILE C 229 -24.28 2.63 10.99
CA ILE C 229 -25.22 3.64 11.44
C ILE C 229 -26.48 3.48 10.60
N VAL C 230 -27.61 3.29 11.27
CA VAL C 230 -28.88 3.00 10.59
C VAL C 230 -29.88 4.13 10.78
N LYS C 231 -30.31 4.72 9.67
CA LYS C 231 -31.35 5.75 9.70
C LYS C 231 -32.53 5.28 8.87
N SER C 232 -33.72 5.49 9.38
CA SER C 232 -34.91 4.93 8.75
C SER C 232 -36.10 5.86 8.87
N PHE C 233 -37.07 5.65 8.00
CA PHE C 233 -38.39 6.23 8.21
C PHE C 233 -39.47 5.23 7.79
N ASN C 234 -40.65 5.37 8.39
CA ASN C 234 -41.78 4.53 8.03
C ASN C 234 -42.88 5.38 7.41
N ARG C 235 -43.45 4.91 6.31
CA ARG C 235 -44.50 5.66 5.64
C ARG C 235 -45.77 5.75 6.48
N ASN C 236 -46.04 4.71 7.27
CA ASN C 236 -47.23 4.65 8.12
C ASN C 236 -47.09 5.38 9.46
N VAL D 21 -6.38 42.57 -12.08
CA VAL D 21 -5.80 41.55 -12.95
C VAL D 21 -6.69 40.30 -13.00
N LYS D 22 -7.36 40.11 -14.13
CA LYS D 22 -8.31 39.00 -14.24
C LYS D 22 -8.29 38.47 -15.67
N LEU D 23 -8.56 37.18 -15.83
CA LEU D 23 -8.86 36.60 -17.13
C LEU D 23 -10.28 36.07 -17.05
N GLU D 24 -11.11 36.40 -18.03
CA GLU D 24 -12.48 35.88 -18.04
C GLU D 24 -12.80 35.16 -19.34
N GLU D 25 -13.24 33.91 -19.23
CA GLU D 25 -13.63 33.13 -20.40
C GLU D 25 -15.13 33.14 -20.60
N SER D 26 -15.56 33.03 -21.86
CA SER D 26 -16.98 32.95 -22.17
C SER D 26 -17.19 32.26 -23.51
N GLY D 27 -18.45 31.94 -23.82
CA GLY D 27 -18.77 31.32 -25.09
C GLY D 27 -19.12 29.85 -24.96
N GLY D 28 -18.83 29.27 -23.80
CA GLY D 28 -19.14 27.88 -23.57
C GLY D 28 -20.63 27.62 -23.58
N GLY D 29 -21.00 26.35 -23.59
CA GLY D 29 -22.39 25.96 -23.63
C GLY D 29 -22.54 24.57 -24.21
N LEU D 30 -23.78 24.21 -24.55
CA LEU D 30 -24.07 22.90 -25.10
C LEU D 30 -24.14 22.91 -26.62
N VAL D 31 -23.45 21.98 -27.25
CA VAL D 31 -23.47 21.88 -28.71
C VAL D 31 -23.44 20.40 -29.07
N GLN D 32 -24.17 20.02 -30.10
CA GLN D 32 -24.21 18.62 -30.50
C GLN D 32 -22.99 18.29 -31.36
N PRO D 33 -22.53 17.02 -31.33
CA PRO D 33 -21.34 16.59 -32.06
C PRO D 33 -21.36 17.05 -33.52
N GLY D 34 -20.24 17.59 -33.99
CA GLY D 34 -20.16 18.12 -35.35
C GLY D 34 -20.48 19.60 -35.44
N GLY D 35 -21.05 20.16 -34.38
CA GLY D 35 -21.38 21.57 -34.36
C GLY D 35 -20.17 22.45 -34.09
N SER D 36 -20.42 23.73 -33.85
CA SER D 36 -19.34 24.69 -33.66
C SER D 36 -19.59 25.64 -32.50
N MET D 37 -18.52 26.26 -32.01
CA MET D 37 -18.60 27.18 -30.89
C MET D 37 -17.36 28.07 -30.86
N LYS D 38 -17.53 29.32 -30.47
CA LYS D 38 -16.41 30.24 -30.34
C LYS D 38 -16.25 30.71 -28.90
N LEU D 39 -15.06 30.53 -28.35
CA LEU D 39 -14.80 30.92 -26.98
C LEU D 39 -14.04 32.22 -26.97
N SER D 40 -14.35 33.08 -26.00
CA SER D 40 -13.61 34.32 -25.84
C SER D 40 -12.90 34.32 -24.51
N CYS D 41 -11.74 34.96 -24.47
CA CYS D 41 -11.01 35.13 -23.23
C CYS D 41 -10.56 36.57 -23.13
N VAL D 42 -11.08 37.29 -22.14
CA VAL D 42 -10.84 38.72 -22.00
C VAL D 42 -10.01 39.04 -20.77
N ALA D 43 -8.92 39.76 -20.97
CA ALA D 43 -8.03 40.11 -19.88
C ALA D 43 -8.35 41.49 -19.36
N SER D 44 -8.19 41.66 -18.05
CA SER D 44 -8.41 42.95 -17.40
C SER D 44 -7.24 43.26 -16.48
N GLY D 45 -6.89 44.53 -16.37
CA GLY D 45 -5.85 44.94 -15.44
C GLY D 45 -4.45 44.89 -16.01
N PHE D 46 -4.31 44.35 -17.22
CA PHE D 46 -3.01 44.26 -17.85
C PHE D 46 -3.20 44.05 -19.32
N THR D 47 -2.16 44.28 -20.10
CA THR D 47 -2.23 44.08 -21.53
C THR D 47 -1.59 42.75 -21.92
N ILE D 48 -2.23 42.02 -22.83
CA ILE D 48 -1.75 40.70 -23.21
C ILE D 48 -0.81 40.74 -24.40
N SER D 49 -0.62 41.92 -24.96
CA SER D 49 0.09 42.07 -26.22
C SER D 49 1.53 41.55 -26.21
N ASN D 50 2.17 41.53 -25.04
CA ASN D 50 3.54 41.04 -24.97
C ASN D 50 3.68 39.64 -24.37
N TYR D 51 2.57 38.90 -24.29
CA TYR D 51 2.62 37.54 -23.77
C TYR D 51 2.04 36.50 -24.72
N TRP D 52 2.72 35.36 -24.83
CA TRP D 52 2.16 34.20 -25.52
C TRP D 52 0.92 33.74 -24.75
N MET D 53 -0.16 33.49 -25.48
CA MET D 53 -1.43 33.14 -24.87
C MET D 53 -1.84 31.72 -25.24
N ASN D 54 -2.26 30.95 -24.23
CA ASN D 54 -2.57 29.54 -24.41
C ASN D 54 -3.98 29.15 -23.97
N TRP D 55 -4.59 28.22 -24.70
CA TRP D 55 -5.83 27.60 -24.28
C TRP D 55 -5.53 26.22 -23.71
N VAL D 56 -6.15 25.91 -22.58
CA VAL D 56 -5.98 24.61 -21.93
C VAL D 56 -7.36 24.13 -21.53
N ARG D 57 -7.58 22.83 -21.58
CA ARG D 57 -8.88 22.33 -21.15
C ARG D 57 -8.73 21.27 -20.08
N GLN D 58 -9.82 21.03 -19.37
CA GLN D 58 -9.82 20.00 -18.35
C GLN D 58 -11.13 19.23 -18.41
N SER D 59 -11.00 17.90 -18.33
CA SER D 59 -12.16 17.02 -18.29
C SER D 59 -11.76 15.75 -17.56
N PRO D 60 -12.73 15.00 -17.03
CA PRO D 60 -12.38 13.71 -16.44
C PRO D 60 -11.74 12.75 -17.46
N GLU D 61 -12.14 12.83 -18.73
CA GLU D 61 -11.57 11.96 -19.76
C GLU D 61 -10.11 12.30 -20.09
N LYS D 62 -9.76 13.59 -20.09
CA LYS D 62 -8.46 14.02 -20.60
C LYS D 62 -7.48 14.55 -19.56
N GLY D 63 -7.94 14.73 -18.32
CA GLY D 63 -7.13 15.40 -17.32
C GLY D 63 -6.88 16.84 -17.75
N LEU D 64 -5.69 17.36 -17.45
CA LEU D 64 -5.29 18.68 -17.95
C LEU D 64 -4.68 18.51 -19.33
N ASP D 65 -5.22 19.24 -20.30
CA ASP D 65 -4.93 19.01 -21.71
C ASP D 65 -4.71 20.33 -22.43
N TRP D 66 -3.48 20.57 -22.87
CA TRP D 66 -3.17 21.79 -23.61
C TRP D 66 -3.79 21.74 -25.00
N VAL D 67 -4.43 22.84 -25.40
CA VAL D 67 -5.17 22.88 -26.66
C VAL D 67 -4.45 23.69 -27.74
N ALA D 68 -4.05 24.91 -27.43
CA ALA D 68 -3.42 25.76 -28.43
C ALA D 68 -2.65 26.95 -27.85
N GLU D 69 -1.73 27.49 -28.67
CA GLU D 69 -0.95 28.67 -28.29
C GLU D 69 -0.88 29.63 -29.46
N ILE D 70 -0.99 30.92 -29.17
CA ILE D 70 -0.70 31.94 -30.17
C ILE D 70 0.35 32.90 -29.62
N ARG D 71 1.40 33.13 -30.40
CA ARG D 71 2.48 34.00 -29.95
C ARG D 71 2.22 35.46 -30.31
N LEU D 72 3.28 36.28 -30.33
CA LEU D 72 3.09 37.72 -30.41
C LEU D 72 2.98 38.22 -31.86
N LYS D 73 2.40 39.40 -32.01
CA LYS D 73 2.40 40.10 -33.30
C LYS D 73 3.82 40.15 -33.86
N SER D 74 4.81 40.34 -32.99
CA SER D 74 6.19 40.45 -33.44
C SER D 74 6.81 39.09 -33.72
N ASN D 75 6.09 38.02 -33.35
CA ASN D 75 6.49 36.66 -33.69
C ASN D 75 5.72 36.18 -34.91
N ASN D 76 5.11 37.11 -35.65
CA ASN D 76 4.22 36.78 -36.76
C ASN D 76 3.00 35.97 -36.33
N TYR D 77 2.59 36.14 -35.08
CA TYR D 77 1.40 35.47 -34.54
C TYR D 77 1.46 33.96 -34.73
N VAL D 78 2.65 33.38 -34.59
CA VAL D 78 2.82 31.93 -34.74
C VAL D 78 1.88 31.17 -33.80
N THR D 79 1.23 30.15 -34.34
CA THR D 79 0.31 29.33 -33.57
C THR D 79 0.73 27.88 -33.55
N HIS D 80 0.44 27.20 -32.45
CA HIS D 80 0.66 25.76 -32.35
C HIS D 80 -0.59 25.12 -31.75
N TYR D 81 -0.87 23.89 -32.16
CA TYR D 81 -2.11 23.22 -31.79
C TYR D 81 -1.86 21.81 -31.28
N ALA D 82 -2.70 21.35 -30.35
CA ALA D 82 -2.72 19.95 -29.97
C ALA D 82 -3.15 19.14 -31.19
N GLU D 83 -2.50 18.00 -31.42
CA GLU D 83 -2.74 17.20 -32.63
C GLU D 83 -4.21 16.84 -32.78
N SER D 84 -4.87 16.52 -31.66
CA SER D 84 -6.27 16.12 -31.69
C SER D 84 -7.22 17.22 -32.18
N VAL D 85 -6.77 18.47 -32.17
CA VAL D 85 -7.65 19.57 -32.55
C VAL D 85 -7.25 20.24 -33.87
N LYS D 86 -6.13 19.82 -34.43
CA LYS D 86 -5.63 20.41 -35.67
C LYS D 86 -6.63 20.30 -36.81
N GLY D 87 -6.86 21.40 -37.49
CA GLY D 87 -7.79 21.42 -38.60
C GLY D 87 -9.21 21.77 -38.18
N ARG D 88 -9.50 21.64 -36.89
CA ARG D 88 -10.83 21.92 -36.38
C ARG D 88 -10.85 23.20 -35.54
N PHE D 89 -9.79 23.42 -34.77
CA PHE D 89 -9.72 24.56 -33.87
C PHE D 89 -8.81 25.65 -34.44
N THR D 90 -9.23 26.88 -34.29
CA THR D 90 -8.42 28.04 -34.64
C THR D 90 -8.31 29.01 -33.47
N ILE D 91 -7.08 29.28 -33.04
CA ILE D 91 -6.85 30.29 -32.01
C ILE D 91 -6.47 31.62 -32.65
N SER D 92 -6.96 32.72 -32.09
CA SER D 92 -6.59 34.04 -32.58
C SER D 92 -6.53 35.03 -31.43
N ARG D 93 -5.89 36.18 -31.69
CA ARG D 93 -5.83 37.23 -30.68
C ARG D 93 -6.18 38.59 -31.25
N ASP D 94 -6.75 39.43 -30.40
CA ASP D 94 -7.01 40.82 -30.73
C ASP D 94 -6.47 41.65 -29.58
N ASP D 95 -5.24 42.14 -29.72
CA ASP D 95 -4.59 42.89 -28.67
C ASP D 95 -5.33 44.19 -28.33
N SER D 96 -5.96 44.80 -29.34
CA SER D 96 -6.70 46.03 -29.13
C SER D 96 -7.91 45.76 -28.25
N LYS D 97 -8.43 44.54 -28.34
CA LYS D 97 -9.54 44.13 -27.48
C LYS D 97 -9.04 43.38 -26.25
N ASN D 98 -7.72 43.25 -26.14
CA ASN D 98 -7.08 42.54 -25.04
C ASN D 98 -7.67 41.15 -24.86
N SER D 99 -7.96 40.48 -25.97
CA SER D 99 -8.65 39.19 -25.92
C SER D 99 -7.99 38.14 -26.80
N VAL D 100 -8.16 36.88 -26.41
CA VAL D 100 -7.86 35.78 -27.31
C VAL D 100 -9.12 34.96 -27.54
N TYR D 101 -9.15 34.22 -28.64
CA TYR D 101 -10.36 33.49 -29.03
C TYR D 101 -10.02 32.07 -29.43
N LEU D 102 -10.98 31.17 -29.29
CA LEU D 102 -10.83 29.81 -29.79
C LEU D 102 -12.07 29.39 -30.58
N GLN D 103 -11.94 29.36 -31.90
CA GLN D 103 -13.01 28.92 -32.77
C GLN D 103 -12.96 27.40 -32.85
N MET D 104 -14.05 26.76 -32.45
CA MET D 104 -14.08 25.31 -32.41
C MET D 104 -15.14 24.80 -33.39
N ASN D 105 -14.69 24.10 -34.43
CA ASN D 105 -15.59 23.54 -35.43
C ASN D 105 -15.57 22.02 -35.35
N ASN D 106 -16.64 21.40 -35.85
CA ASN D 106 -16.74 19.95 -35.92
C ASN D 106 -16.44 19.32 -34.56
N LEU D 107 -17.13 19.81 -33.54
CA LEU D 107 -16.90 19.40 -32.16
C LEU D 107 -17.19 17.93 -31.94
N ARG D 108 -16.37 17.28 -31.13
CA ARG D 108 -16.53 15.86 -30.82
C ARG D 108 -16.80 15.73 -29.33
N PRO D 109 -17.47 14.64 -28.92
CA PRO D 109 -17.77 14.43 -27.49
C PRO D 109 -16.54 14.56 -26.60
N GLU D 110 -15.38 14.10 -27.06
CA GLU D 110 -14.17 14.19 -26.27
C GLU D 110 -13.67 15.64 -26.11
N ASP D 111 -14.23 16.57 -26.87
CA ASP D 111 -13.86 17.98 -26.73
C ASP D 111 -14.53 18.60 -25.51
N THR D 112 -15.38 17.83 -24.85
CA THR D 112 -16.12 18.27 -23.68
C THR D 112 -15.16 18.60 -22.56
N GLY D 113 -15.44 19.69 -21.83
CA GLY D 113 -14.60 20.07 -20.72
C GLY D 113 -14.67 21.53 -20.36
N ILE D 114 -13.90 21.89 -19.34
CA ILE D 114 -13.80 23.30 -18.94
C ILE D 114 -12.57 23.86 -19.62
N TYR D 115 -12.76 24.96 -20.35
CA TYR D 115 -11.70 25.58 -21.14
C TYR D 115 -11.18 26.84 -20.47
N TYR D 116 -9.86 26.93 -20.39
CA TYR D 116 -9.19 28.05 -19.77
C TYR D 116 -8.23 28.69 -20.75
N CYS D 117 -8.03 30.00 -20.61
N CYS D 117 -8.05 30.00 -20.63
CA CYS D 117 -6.99 30.70 -21.34
CA CYS D 117 -6.99 30.71 -21.30
C CYS D 117 -6.03 31.35 -20.34
C CYS D 117 -6.00 31.18 -20.26
N THR D 118 -4.74 31.32 -20.65
CA THR D 118 -3.72 31.83 -19.74
C THR D 118 -2.50 32.37 -20.49
N PRO D 119 -1.96 33.50 -20.01
CA PRO D 119 -0.62 33.92 -20.49
C PRO D 119 0.40 32.97 -19.91
N ILE D 120 1.49 32.72 -20.62
CA ILE D 120 2.59 31.97 -20.03
C ILE D 120 3.86 32.82 -20.06
N TYR D 121 4.84 32.44 -19.25
CA TYR D 121 6.08 33.20 -19.12
C TYR D 121 5.71 34.65 -18.81
N SER D 122 4.86 34.82 -17.81
CA SER D 122 4.22 36.10 -17.55
C SER D 122 3.86 36.27 -16.08
N PRO D 123 4.00 37.48 -15.54
CA PRO D 123 3.57 37.74 -14.16
C PRO D 123 2.06 37.64 -14.00
N PHE D 124 1.36 37.50 -15.12
CA PHE D 124 -0.09 37.44 -15.10
C PHE D 124 -0.58 36.08 -15.54
N ALA D 125 0.22 35.05 -15.25
CA ALA D 125 -0.05 33.69 -15.67
C ALA D 125 -1.22 33.06 -14.91
N TYR D 126 -2.38 33.70 -14.98
CA TYR D 126 -3.58 33.22 -14.30
C TYR D 126 -4.57 32.60 -15.29
N TRP D 127 -5.40 31.67 -14.82
CA TRP D 127 -6.22 30.86 -15.72
C TRP D 127 -7.66 31.32 -15.88
N GLY D 128 -8.13 32.23 -15.03
CA GLY D 128 -9.52 32.61 -15.05
C GLY D 128 -10.40 31.48 -14.53
N GLN D 129 -11.71 31.67 -14.60
CA GLN D 129 -12.67 30.73 -14.02
C GLN D 129 -13.00 29.57 -14.96
N GLY D 130 -12.72 29.77 -16.24
CA GLY D 130 -12.97 28.75 -17.25
C GLY D 130 -14.38 28.81 -17.77
N THR D 131 -14.59 28.30 -18.97
CA THR D 131 -15.94 28.20 -19.52
C THR D 131 -16.25 26.76 -19.93
N LEU D 132 -17.43 26.28 -19.57
CA LEU D 132 -17.79 24.88 -19.76
C LEU D 132 -18.31 24.58 -21.16
N VAL D 133 -17.64 23.66 -21.84
CA VAL D 133 -18.07 23.21 -23.17
C VAL D 133 -18.64 21.79 -23.08
N THR D 134 -19.91 21.64 -23.39
CA THR D 134 -20.52 20.32 -23.40
C THR D 134 -20.85 19.90 -24.82
N VAL D 135 -20.16 18.88 -25.32
CA VAL D 135 -20.47 18.37 -26.65
C VAL D 135 -21.36 17.12 -26.55
N SER D 136 -22.65 17.31 -26.74
CA SER D 136 -23.61 16.22 -26.57
C SER D 136 -24.86 16.39 -27.42
N ALA D 137 -25.45 15.26 -27.82
CA ALA D 137 -26.69 15.29 -28.58
C ALA D 137 -27.89 15.35 -27.63
N ALA D 138 -27.61 15.25 -26.33
CA ALA D 138 -28.67 15.31 -25.33
C ALA D 138 -29.28 16.71 -25.30
N LYS D 139 -30.54 16.80 -24.89
CA LYS D 139 -31.29 18.05 -25.00
C LYS D 139 -31.31 18.86 -23.71
N THR D 140 -31.34 20.18 -23.85
CA THR D 140 -31.46 21.07 -22.70
C THR D 140 -32.76 20.81 -21.92
N THR D 141 -32.62 20.59 -20.62
CA THR D 141 -33.76 20.25 -19.77
C THR D 141 -33.68 20.99 -18.44
N PRO D 142 -34.79 21.64 -18.04
CA PRO D 142 -34.77 22.40 -16.78
C PRO D 142 -34.78 21.46 -15.57
N PRO D 143 -34.30 21.94 -14.43
CA PRO D 143 -34.23 21.11 -13.21
C PRO D 143 -35.55 21.10 -12.44
N SER D 144 -35.91 19.94 -11.90
CA SER D 144 -36.94 19.89 -10.88
C SER D 144 -36.27 20.11 -9.53
N VAL D 145 -36.85 20.95 -8.70
CA VAL D 145 -36.26 21.24 -7.39
C VAL D 145 -37.17 20.76 -6.26
N TYR D 146 -36.64 19.87 -5.43
CA TYR D 146 -37.40 19.24 -4.38
C TYR D 146 -36.81 19.55 -3.00
N PRO D 147 -37.67 19.92 -2.05
CA PRO D 147 -37.20 20.21 -0.69
C PRO D 147 -36.98 18.91 0.09
N LEU D 148 -35.98 18.90 0.96
CA LEU D 148 -35.75 17.75 1.82
C LEU D 148 -35.98 18.11 3.29
N ALA D 149 -37.03 17.54 3.87
CA ALA D 149 -37.40 17.80 5.26
C ALA D 149 -37.39 16.49 6.04
N PRO D 150 -36.96 16.56 7.32
CA PRO D 150 -36.84 15.38 8.18
C PRO D 150 -38.14 14.58 8.26
N ASN D 157 -32.87 17.13 18.99
CA ASN D 157 -31.91 17.56 17.97
C ASN D 157 -31.43 18.99 18.21
N SER D 158 -30.21 19.14 18.71
CA SER D 158 -29.62 20.47 18.87
C SER D 158 -29.42 21.10 17.50
N MET D 159 -28.92 20.30 16.56
CA MET D 159 -28.76 20.73 15.18
C MET D 159 -29.71 19.95 14.28
N VAL D 160 -30.20 20.59 13.22
CA VAL D 160 -31.08 19.91 12.27
C VAL D 160 -30.51 20.02 10.86
N THR D 161 -30.58 18.93 10.11
CA THR D 161 -30.09 18.92 8.74
C THR D 161 -31.25 18.95 7.74
N LEU D 162 -31.16 19.87 6.80
CA LEU D 162 -32.17 20.02 5.76
C LEU D 162 -31.46 19.95 4.40
N GLY D 163 -32.23 19.74 3.35
CA GLY D 163 -31.63 19.58 2.04
C GLY D 163 -32.45 20.02 0.85
N CYS D 164 -31.82 19.92 -0.31
CA CYS D 164 -32.42 20.30 -1.57
C CYS D 164 -31.95 19.31 -2.62
N LEU D 165 -32.89 18.63 -3.28
CA LEU D 165 -32.58 17.73 -4.37
C LEU D 165 -32.92 18.36 -5.73
N VAL D 166 -31.89 18.63 -6.53
CA VAL D 166 -32.05 19.23 -7.86
C VAL D 166 -31.90 18.15 -8.93
N LYS D 167 -33.01 17.77 -9.57
CA LYS D 167 -33.02 16.57 -10.38
C LYS D 167 -33.45 16.80 -11.84
N GLY D 168 -32.84 16.04 -12.74
CA GLY D 168 -33.31 15.94 -14.12
C GLY D 168 -33.01 17.13 -15.01
N TYR D 169 -31.85 17.75 -14.84
CA TYR D 169 -31.48 18.89 -15.67
C TYR D 169 -30.34 18.56 -16.65
N PHE D 170 -30.14 19.45 -17.63
CA PHE D 170 -29.06 19.34 -18.59
C PHE D 170 -28.98 20.61 -19.42
N PRO D 171 -27.77 21.09 -19.70
CA PRO D 171 -26.50 20.54 -19.19
C PRO D 171 -26.11 21.19 -17.88
N GLU D 172 -24.89 20.92 -17.43
CA GLU D 172 -24.28 21.69 -16.35
C GLU D 172 -24.06 23.11 -16.86
N PRO D 173 -23.89 24.08 -15.95
CA PRO D 173 -23.93 23.94 -14.49
C PRO D 173 -25.24 24.41 -13.89
N VAL D 174 -25.41 24.14 -12.59
CA VAL D 174 -26.45 24.80 -11.81
C VAL D 174 -25.77 25.43 -10.59
N THR D 175 -26.38 26.49 -10.07
CA THR D 175 -25.86 27.15 -8.89
C THR D 175 -26.86 26.95 -7.78
N VAL D 176 -26.35 26.62 -6.59
CA VAL D 176 -27.22 26.45 -5.43
C VAL D 176 -26.75 27.34 -4.29
N THR D 177 -27.70 28.03 -3.67
CA THR D 177 -27.43 28.81 -2.47
C THR D 177 -28.54 28.57 -1.46
N TRP D 178 -28.28 28.92 -0.21
CA TRP D 178 -29.29 28.80 0.83
C TRP D 178 -29.59 30.17 1.41
N ASN D 179 -30.86 30.52 1.49
CA ASN D 179 -31.30 31.83 1.94
C ASN D 179 -30.61 32.96 1.16
N SER D 180 -30.53 32.77 -0.15
CA SER D 180 -29.90 33.74 -1.06
C SER D 180 -28.50 34.14 -0.64
N GLY D 181 -27.78 33.22 0.01
CA GLY D 181 -26.40 33.47 0.38
C GLY D 181 -26.22 33.79 1.85
N SER D 182 -27.31 34.02 2.56
CA SER D 182 -27.25 34.31 3.98
C SER D 182 -26.69 33.11 4.74
N LEU D 183 -27.09 31.92 4.30
CA LEU D 183 -26.60 30.69 4.89
C LEU D 183 -25.49 30.10 4.04
N SER D 184 -24.27 30.13 4.56
CA SER D 184 -23.14 29.56 3.84
C SER D 184 -22.39 28.56 4.70
N SER D 185 -22.47 28.74 6.02
CA SER D 185 -21.79 27.85 6.95
C SER D 185 -22.60 26.56 7.13
N GLY D 186 -21.91 25.44 7.26
CA GLY D 186 -22.57 24.16 7.47
C GLY D 186 -23.31 23.68 6.25
N VAL D 187 -22.91 24.16 5.08
CA VAL D 187 -23.52 23.75 3.83
C VAL D 187 -22.64 22.72 3.12
N HIS D 188 -23.26 21.66 2.59
CA HIS D 188 -22.56 20.74 1.71
C HIS D 188 -23.33 20.66 0.41
N THR D 189 -22.72 21.18 -0.66
CA THR D 189 -23.30 21.04 -1.98
C THR D 189 -22.48 20.01 -2.72
N PHE D 190 -23.15 18.95 -3.17
CA PHE D 190 -22.46 17.82 -3.76
C PHE D 190 -22.40 17.96 -5.27
N PRO D 191 -21.28 17.52 -5.87
CA PRO D 191 -21.09 17.56 -7.33
C PRO D 191 -22.19 16.82 -8.08
N ALA D 192 -22.58 17.36 -9.22
CA ALA D 192 -23.61 16.78 -10.05
C ALA D 192 -23.16 15.43 -10.60
N VAL D 193 -24.13 14.54 -10.81
CA VAL D 193 -23.85 13.22 -11.37
C VAL D 193 -24.76 13.01 -12.58
N LEU D 194 -24.15 12.60 -13.69
CA LEU D 194 -24.88 12.43 -14.94
C LEU D 194 -25.37 11.00 -15.12
N GLN D 195 -26.68 10.85 -15.32
CA GLN D 195 -27.27 9.54 -15.56
C GLN D 195 -28.37 9.58 -16.61
N SER D 196 -28.18 8.83 -17.68
CA SER D 196 -29.11 8.82 -18.81
C SER D 196 -29.41 10.23 -19.32
N ASP D 197 -28.35 11.00 -19.56
CA ASP D 197 -28.44 12.34 -20.15
C ASP D 197 -29.13 13.38 -19.25
N LEU D 198 -29.24 13.08 -17.96
CA LEU D 198 -29.75 14.03 -16.99
C LEU D 198 -28.89 14.08 -15.74
N TYR D 199 -28.66 15.27 -15.22
CA TYR D 199 -27.83 15.46 -14.02
C TYR D 199 -28.69 15.49 -12.76
N THR D 200 -28.15 14.94 -11.69
CA THR D 200 -28.74 15.12 -10.38
C THR D 200 -27.72 15.74 -9.43
N LEU D 201 -28.17 16.75 -8.68
CA LEU D 201 -27.35 17.40 -7.68
C LEU D 201 -28.13 17.49 -6.39
N SER D 202 -27.43 17.52 -5.27
CA SER D 202 -28.09 17.70 -3.99
C SER D 202 -27.26 18.62 -3.11
N SER D 203 -27.90 19.20 -2.10
CA SER D 203 -27.20 20.08 -1.19
C SER D 203 -27.85 20.03 0.17
N SER D 204 -27.02 19.96 1.22
CA SER D 204 -27.55 19.91 2.57
C SER D 204 -27.14 21.14 3.35
N VAL D 205 -27.97 21.49 4.34
CA VAL D 205 -27.64 22.58 5.24
C VAL D 205 -27.96 22.15 6.66
N THR D 206 -27.04 22.43 7.58
CA THR D 206 -27.26 22.07 8.97
C THR D 206 -27.37 23.32 9.82
N VAL D 207 -28.51 23.45 10.49
CA VAL D 207 -28.85 24.64 11.23
C VAL D 207 -29.37 24.24 12.61
N PRO D 208 -29.20 25.11 13.62
CA PRO D 208 -29.70 24.78 14.97
C PRO D 208 -31.22 24.64 14.98
N SER D 209 -31.76 23.89 15.93
CA SER D 209 -33.21 23.67 15.98
C SER D 209 -34.03 24.93 16.24
N SER D 210 -33.44 25.92 16.90
CA SER D 210 -34.16 27.15 17.20
C SER D 210 -34.39 27.97 15.93
N THR D 211 -33.53 27.77 14.95
CA THR D 211 -33.64 28.51 13.70
C THR D 211 -34.76 27.96 12.80
N TRP D 212 -35.03 26.66 12.90
CA TRP D 212 -35.98 26.01 11.99
C TRP D 212 -36.87 25.06 12.75
N PRO D 213 -38.18 25.06 12.45
CA PRO D 213 -38.82 25.82 11.37
C PRO D 213 -39.23 27.25 11.70
N SER D 214 -38.69 27.82 12.78
CA SER D 214 -39.06 29.18 13.17
C SER D 214 -38.68 30.20 12.09
N GLU D 215 -37.44 30.12 11.60
CA GLU D 215 -37.01 30.95 10.48
C GLU D 215 -37.03 30.12 9.21
N THR D 216 -37.38 30.76 8.10
CA THR D 216 -37.52 30.05 6.84
C THR D 216 -36.16 29.68 6.26
N VAL D 217 -36.04 28.45 5.79
CA VAL D 217 -34.86 28.02 5.06
C VAL D 217 -35.27 27.71 3.63
N THR D 218 -34.59 28.34 2.68
CA THR D 218 -34.96 28.23 1.29
C THR D 218 -33.73 27.90 0.45
N CYS D 219 -33.92 27.02 -0.52
N CYS D 219 -33.90 26.99 -0.50
CA CYS D 219 -32.86 26.63 -1.43
CA CYS D 219 -32.82 26.67 -1.42
C CYS D 219 -33.03 27.35 -2.77
C CYS D 219 -33.02 27.36 -2.76
N ASN D 220 -32.02 28.14 -3.15
CA ASN D 220 -32.09 28.88 -4.41
C ASN D 220 -31.31 28.17 -5.51
N VAL D 221 -32.02 27.73 -6.54
CA VAL D 221 -31.41 27.03 -7.66
C VAL D 221 -31.54 27.81 -8.96
N ALA D 222 -30.42 27.98 -9.65
CA ALA D 222 -30.43 28.62 -10.96
C ALA D 222 -29.87 27.68 -12.02
N HIS D 223 -30.56 27.59 -13.15
CA HIS D 223 -30.09 26.83 -14.29
C HIS D 223 -30.09 27.72 -15.53
N PRO D 224 -29.00 28.47 -15.74
CA PRO D 224 -28.86 29.41 -16.86
C PRO D 224 -29.25 28.80 -18.20
N ALA D 225 -28.66 27.66 -18.55
CA ALA D 225 -28.90 27.03 -19.85
C ALA D 225 -30.38 26.89 -20.21
N SER D 226 -31.23 26.74 -19.20
CA SER D 226 -32.67 26.69 -19.43
C SER D 226 -33.38 27.94 -18.90
N SER D 227 -32.61 28.97 -18.61
CA SER D 227 -33.16 30.22 -18.08
C SER D 227 -34.09 29.99 -16.89
N THR D 228 -33.66 29.12 -15.98
CA THR D 228 -34.46 28.73 -14.83
C THR D 228 -33.89 29.29 -13.53
N LYS D 229 -34.77 29.86 -12.71
CA LYS D 229 -34.42 30.26 -11.35
C LYS D 229 -35.56 29.82 -10.44
N VAL D 230 -35.21 29.11 -9.37
CA VAL D 230 -36.20 28.54 -8.47
C VAL D 230 -35.80 28.78 -7.02
N ASP D 231 -36.80 29.08 -6.19
CA ASP D 231 -36.60 29.13 -4.76
C ASP D 231 -37.59 28.17 -4.12
N LYS D 232 -37.08 27.26 -3.30
CA LYS D 232 -37.93 26.31 -2.61
C LYS D 232 -37.73 26.42 -1.11
N LYS D 233 -38.79 26.77 -0.40
CA LYS D 233 -38.75 26.78 1.04
C LYS D 233 -38.83 25.35 1.53
N ILE D 234 -38.11 25.04 2.60
CA ILE D 234 -38.18 23.72 3.21
C ILE D 234 -39.27 23.76 4.28
N VAL D 235 -40.33 22.98 4.06
CA VAL D 235 -41.49 23.03 4.95
C VAL D 235 -41.64 21.75 5.75
N PRO D 236 -41.82 21.89 7.08
CA PRO D 236 -41.98 20.68 7.90
C PRO D 236 -43.20 19.88 7.49
N ARG D 237 -43.12 18.57 7.67
CA ARG D 237 -44.22 17.69 7.30
C ARG D 237 -44.91 17.14 8.55
N ASP E 20 -31.95 -16.07 -20.37
CA ASP E 20 -30.97 -15.17 -20.96
C ASP E 20 -31.25 -14.98 -22.44
N VAL E 21 -30.85 -13.84 -22.99
CA VAL E 21 -31.02 -13.58 -24.41
C VAL E 21 -30.07 -14.45 -25.23
N VAL E 22 -30.64 -15.25 -26.13
CA VAL E 22 -29.85 -16.10 -27.00
C VAL E 22 -29.49 -15.37 -28.29
N MET E 23 -28.20 -15.35 -28.61
CA MET E 23 -27.72 -14.68 -29.81
C MET E 23 -27.30 -15.72 -30.84
N THR E 24 -27.98 -15.71 -31.99
CA THR E 24 -27.71 -16.68 -33.04
C THR E 24 -27.15 -15.98 -34.26
N GLN E 25 -26.01 -16.47 -34.76
CA GLN E 25 -25.36 -15.87 -35.92
C GLN E 25 -25.43 -16.77 -37.14
N THR E 26 -25.53 -16.17 -38.32
CA THR E 26 -25.56 -16.92 -39.56
C THR E 26 -24.75 -16.16 -40.62
N PRO E 27 -23.91 -16.89 -41.39
CA PRO E 27 -23.65 -18.33 -41.28
C PRO E 27 -22.60 -18.64 -40.23
N LEU E 28 -22.28 -19.92 -40.07
CA LEU E 28 -21.24 -20.34 -39.14
C LEU E 28 -19.86 -19.90 -39.65
N SER E 29 -19.67 -20.01 -40.97
CA SER E 29 -18.45 -19.58 -41.62
C SER E 29 -18.78 -19.05 -43.00
N LEU E 30 -18.03 -18.04 -43.45
CA LEU E 30 -18.34 -17.35 -44.70
C LEU E 30 -17.08 -17.10 -45.53
N PRO E 31 -16.97 -17.76 -46.69
CA PRO E 31 -15.86 -17.53 -47.63
C PRO E 31 -16.13 -16.29 -48.48
N VAL E 32 -15.11 -15.45 -48.66
CA VAL E 32 -15.25 -14.23 -49.46
C VAL E 32 -13.95 -13.93 -50.20
N SER E 33 -14.06 -13.61 -51.48
CA SER E 33 -12.91 -13.22 -52.29
C SER E 33 -12.50 -11.78 -51.95
N LEU E 34 -11.22 -11.48 -52.14
CA LEU E 34 -10.71 -10.15 -51.85
C LEU E 34 -11.39 -9.09 -52.70
N GLY E 35 -11.82 -8.00 -52.06
CA GLY E 35 -12.50 -6.93 -52.75
C GLY E 35 -14.01 -7.07 -52.71
N ASP E 36 -14.49 -8.30 -52.56
CA ASP E 36 -15.92 -8.56 -52.49
C ASP E 36 -16.52 -8.11 -51.15
N GLN E 37 -17.83 -8.26 -51.02
CA GLN E 37 -18.52 -7.88 -49.80
C GLN E 37 -19.04 -9.09 -49.03
N ALA E 38 -18.87 -9.06 -47.71
CA ALA E 38 -19.38 -10.12 -46.85
C ALA E 38 -20.55 -9.62 -46.02
N SER E 39 -21.54 -10.48 -45.80
CA SER E 39 -22.69 -10.13 -45.01
C SER E 39 -22.89 -11.15 -43.88
N ILE E 40 -22.98 -10.67 -42.64
CA ILE E 40 -23.16 -11.53 -41.48
C ILE E 40 -24.41 -11.14 -40.70
N SER E 41 -25.21 -12.14 -40.34
CA SER E 41 -26.48 -11.88 -39.65
C SER E 41 -26.45 -12.33 -38.20
N CYS E 42 -27.14 -11.58 -37.35
CA CYS E 42 -27.28 -11.95 -35.95
C CYS E 42 -28.73 -11.77 -35.50
N ARG E 43 -29.30 -12.85 -34.97
CA ARG E 43 -30.66 -12.79 -34.42
C ARG E 43 -30.68 -12.96 -32.90
N SER E 44 -31.39 -12.07 -32.21
CA SER E 44 -31.53 -12.15 -30.76
C SER E 44 -32.90 -12.74 -30.38
N SER E 45 -32.94 -13.45 -29.26
CA SER E 45 -34.17 -14.09 -28.79
C SER E 45 -35.18 -13.07 -28.28
N GLN E 46 -34.68 -11.92 -27.85
CA GLN E 46 -35.53 -10.82 -27.39
C GLN E 46 -35.14 -9.54 -28.11
N SER E 47 -36.07 -8.59 -28.18
CA SER E 47 -35.77 -7.28 -28.74
C SER E 47 -34.70 -6.60 -27.90
N LEU E 48 -33.77 -5.92 -28.57
CA LEU E 48 -32.67 -5.28 -27.86
C LEU E 48 -32.89 -3.77 -27.73
N VAL E 49 -34.10 -3.33 -28.04
CA VAL E 49 -34.45 -1.92 -27.95
C VAL E 49 -34.73 -1.54 -26.51
N HIS E 50 -34.08 -0.47 -26.04
CA HIS E 50 -34.20 -0.06 -24.65
C HIS E 50 -35.18 1.11 -24.47
N SER E 51 -35.67 1.26 -23.23
CA SER E 51 -36.60 2.34 -22.89
C SER E 51 -36.05 3.73 -23.24
N ASN E 52 -34.71 3.87 -23.18
CA ASN E 52 -34.08 5.13 -23.54
C ASN E 52 -34.11 5.39 -25.04
N GLY E 53 -34.48 4.38 -25.81
CA GLY E 53 -34.56 4.50 -27.26
C GLY E 53 -33.36 3.89 -27.96
N ASN E 54 -32.39 3.43 -27.18
CA ASN E 54 -31.18 2.85 -27.74
C ASN E 54 -31.28 1.35 -27.95
N THR E 55 -30.56 0.85 -28.96
CA THR E 55 -30.52 -0.57 -29.24
C THR E 55 -29.11 -1.10 -28.95
N TYR E 56 -29.00 -1.90 -27.90
CA TYR E 56 -27.70 -2.32 -27.39
C TYR E 56 -27.21 -3.61 -28.02
N LEU E 57 -26.88 -3.52 -29.31
CA LEU E 57 -26.34 -4.63 -30.10
C LEU E 57 -24.96 -4.20 -30.56
N HIS E 58 -23.96 -5.07 -30.40
CA HIS E 58 -22.59 -4.69 -30.76
C HIS E 58 -21.87 -5.78 -31.53
N TRP E 59 -20.87 -5.39 -32.33
CA TRP E 59 -20.08 -6.33 -33.11
C TRP E 59 -18.61 -6.33 -32.69
N PHE E 60 -18.07 -7.54 -32.50
CA PHE E 60 -16.67 -7.71 -32.12
C PHE E 60 -15.94 -8.55 -33.17
N LEU E 61 -14.66 -8.26 -33.37
CA LEU E 61 -13.83 -9.09 -34.24
C LEU E 61 -12.63 -9.65 -33.47
N GLN E 62 -12.45 -10.96 -33.54
CA GLN E 62 -11.28 -11.60 -32.96
C GLN E 62 -10.42 -12.20 -34.06
N LYS E 63 -9.28 -11.58 -34.34
CA LYS E 63 -8.34 -12.12 -35.32
C LYS E 63 -7.51 -13.21 -34.63
N PRO E 64 -6.93 -14.13 -35.43
CA PRO E 64 -6.09 -15.20 -34.87
C PRO E 64 -5.02 -14.68 -33.92
N GLY E 65 -4.89 -15.33 -32.77
CA GLY E 65 -3.84 -14.99 -31.82
C GLY E 65 -4.04 -13.67 -31.11
N GLN E 66 -5.17 -13.03 -31.35
CA GLN E 66 -5.42 -11.74 -30.71
C GLN E 66 -6.63 -11.80 -29.79
N SER E 67 -6.79 -10.77 -28.98
CA SER E 67 -8.00 -10.57 -28.19
C SER E 67 -9.15 -10.11 -29.08
N PRO E 68 -10.40 -10.31 -28.63
CA PRO E 68 -11.52 -9.74 -29.37
C PRO E 68 -11.43 -8.22 -29.36
N LYS E 69 -11.90 -7.57 -30.42
CA LYS E 69 -11.90 -6.11 -30.48
C LYS E 69 -13.23 -5.56 -30.95
N LEU E 70 -13.67 -4.48 -30.33
CA LEU E 70 -14.93 -3.84 -30.69
C LEU E 70 -14.89 -3.20 -32.07
N LEU E 71 -15.84 -3.57 -32.92
CA LEU E 71 -15.94 -3.00 -34.26
C LEU E 71 -17.06 -1.98 -34.34
N ILE E 72 -18.26 -2.42 -33.97
CA ILE E 72 -19.45 -1.59 -34.06
C ILE E 72 -20.27 -1.68 -32.78
N TYR E 73 -20.61 -0.52 -32.22
CA TYR E 73 -21.47 -0.49 -31.03
C TYR E 73 -22.82 0.13 -31.33
N LYS E 74 -23.86 -0.38 -30.67
CA LYS E 74 -25.23 0.09 -30.85
C LYS E 74 -25.67 0.08 -32.31
N VAL E 75 -25.60 -1.10 -32.91
CA VAL E 75 -26.09 -1.37 -34.25
C VAL E 75 -25.23 -0.82 -35.39
N SER E 76 -24.88 0.46 -35.34
CA SER E 76 -24.34 1.10 -36.53
C SER E 76 -23.13 2.00 -36.29
N ASN E 77 -22.75 2.20 -35.04
CA ASN E 77 -21.67 3.11 -34.74
C ASN E 77 -20.29 2.46 -34.76
N ARG E 78 -19.36 3.06 -35.49
CA ARG E 78 -18.00 2.54 -35.59
C ARG E 78 -17.15 2.96 -34.42
N PHE E 79 -16.41 2.02 -33.86
CA PHE E 79 -15.47 2.32 -32.80
C PHE E 79 -14.24 2.95 -33.45
N SER E 80 -13.38 3.54 -32.62
CA SER E 80 -12.19 4.21 -33.10
C SER E 80 -11.36 3.34 -34.04
N GLY E 81 -10.83 3.95 -35.10
CA GLY E 81 -9.94 3.27 -36.02
C GLY E 81 -10.58 2.23 -36.90
N VAL E 82 -11.91 2.09 -36.83
CA VAL E 82 -12.62 1.15 -37.69
C VAL E 82 -13.06 1.86 -38.97
N PRO E 83 -12.63 1.35 -40.13
CA PRO E 83 -12.88 2.05 -41.40
C PRO E 83 -14.34 2.00 -41.84
N GLU E 84 -14.67 2.82 -42.85
CA GLU E 84 -16.03 2.88 -43.38
C GLU E 84 -16.47 1.58 -44.03
N ARG E 85 -15.51 0.74 -44.41
CA ARG E 85 -15.79 -0.56 -45.03
C ARG E 85 -16.73 -1.41 -44.18
N PHE E 86 -16.69 -1.20 -42.87
CA PHE E 86 -17.50 -1.95 -41.93
C PHE E 86 -18.77 -1.17 -41.59
N SER E 87 -19.92 -1.78 -41.85
CA SER E 87 -21.20 -1.12 -41.59
C SER E 87 -22.18 -2.06 -40.91
N GLY E 88 -22.85 -1.55 -39.89
CA GLY E 88 -23.80 -2.35 -39.15
C GLY E 88 -25.21 -1.84 -39.33
N SER E 89 -26.17 -2.76 -39.46
CA SER E 89 -27.56 -2.38 -39.64
C SER E 89 -28.50 -3.39 -38.98
N GLY E 90 -29.80 -3.08 -39.04
CA GLY E 90 -30.82 -3.94 -38.47
C GLY E 90 -31.58 -3.25 -37.36
N SER E 91 -32.59 -3.94 -36.83
CA SER E 91 -33.40 -3.40 -35.75
C SER E 91 -34.13 -4.55 -35.08
N GLY E 92 -34.56 -4.33 -33.83
CA GLY E 92 -35.31 -5.34 -33.10
C GLY E 92 -34.50 -6.60 -32.82
N THR E 93 -34.91 -7.71 -33.43
CA THR E 93 -34.23 -8.98 -33.21
C THR E 93 -33.40 -9.40 -34.42
N ASP E 94 -33.34 -8.56 -35.44
CA ASP E 94 -32.57 -8.89 -36.64
C ASP E 94 -31.48 -7.85 -36.90
N PHE E 95 -30.24 -8.31 -37.05
CA PHE E 95 -29.12 -7.41 -37.31
C PHE E 95 -28.18 -7.97 -38.36
N THR E 96 -27.45 -7.07 -39.03
CA THR E 96 -26.57 -7.48 -40.11
C THR E 96 -25.27 -6.69 -40.12
N LEU E 97 -24.16 -7.41 -40.27
CA LEU E 97 -22.85 -6.79 -40.43
C LEU E 97 -22.37 -6.97 -41.86
N LYS E 98 -21.99 -5.87 -42.49
CA LYS E 98 -21.46 -5.92 -43.85
C LYS E 98 -20.04 -5.39 -43.91
N ILE E 99 -19.13 -6.21 -44.44
CA ILE E 99 -17.77 -5.75 -44.67
C ILE E 99 -17.58 -5.56 -46.17
N SER E 100 -17.38 -4.32 -46.58
CA SER E 100 -17.20 -4.01 -47.99
C SER E 100 -15.71 -3.97 -48.33
N ARG E 101 -15.40 -4.36 -49.56
CA ARG E 101 -14.03 -4.30 -50.06
C ARG E 101 -13.10 -5.07 -49.12
N VAL E 102 -13.39 -6.36 -48.95
CA VAL E 102 -12.70 -7.19 -47.98
C VAL E 102 -11.21 -7.31 -48.22
N GLU E 103 -10.43 -7.05 -47.18
CA GLU E 103 -8.99 -7.22 -47.24
C GLU E 103 -8.61 -8.42 -46.37
N ALA E 104 -7.52 -9.10 -46.71
CA ALA E 104 -7.14 -10.36 -46.06
C ALA E 104 -7.07 -10.23 -44.53
N GLU E 105 -6.68 -9.04 -44.08
CA GLU E 105 -6.50 -8.77 -42.65
C GLU E 105 -7.83 -8.69 -41.90
N ASP E 106 -8.94 -8.75 -42.63
CA ASP E 106 -10.27 -8.75 -42.01
C ASP E 106 -10.65 -10.14 -41.51
N LEU E 107 -9.82 -11.14 -41.82
CA LEU E 107 -10.17 -12.52 -41.49
C LEU E 107 -10.17 -12.74 -39.97
N GLY E 108 -11.01 -13.66 -39.53
CA GLY E 108 -11.11 -13.96 -38.11
C GLY E 108 -12.53 -14.36 -37.77
N VAL E 109 -12.90 -14.25 -36.50
CA VAL E 109 -14.24 -14.60 -36.07
C VAL E 109 -15.00 -13.37 -35.60
N TYR E 110 -16.16 -13.14 -36.20
CA TYR E 110 -17.00 -12.00 -35.83
C TYR E 110 -18.09 -12.46 -34.87
N PHE E 111 -18.21 -11.76 -33.76
CA PHE E 111 -19.23 -12.07 -32.75
C PHE E 111 -20.18 -10.89 -32.62
N CYS E 112 -21.48 -11.18 -32.52
CA CYS E 112 -22.43 -10.16 -32.09
C CYS E 112 -22.67 -10.34 -30.59
N SER E 113 -23.12 -9.27 -29.93
CA SER E 113 -23.39 -9.32 -28.49
C SER E 113 -24.49 -8.33 -28.10
N GLN E 114 -25.15 -8.59 -26.98
CA GLN E 114 -26.15 -7.67 -26.47
C GLN E 114 -25.82 -7.22 -25.05
N SER E 115 -26.05 -5.94 -24.78
CA SER E 115 -25.85 -5.42 -23.44
C SER E 115 -27.13 -4.78 -22.90
N LYS E 116 -28.28 -5.18 -23.44
CA LYS E 116 -29.53 -4.63 -22.93
C LYS E 116 -29.93 -5.32 -21.63
N TYR E 117 -29.83 -6.64 -21.61
CA TYR E 117 -30.19 -7.42 -20.44
C TYR E 117 -28.97 -8.06 -19.79
N VAL E 118 -28.96 -8.07 -18.46
CA VAL E 118 -28.01 -8.89 -17.71
C VAL E 118 -28.60 -10.29 -17.59
N PRO E 119 -27.81 -11.33 -17.93
CA PRO E 119 -26.40 -11.28 -18.34
C PRO E 119 -26.18 -10.85 -19.78
N TYR E 120 -25.11 -10.09 -20.00
CA TYR E 120 -24.67 -9.78 -21.35
C TYR E 120 -24.33 -11.09 -22.02
N THR E 121 -24.74 -11.25 -23.27
CA THR E 121 -24.49 -12.50 -23.99
C THR E 121 -23.91 -12.25 -25.38
N PHE E 122 -23.24 -13.27 -25.91
CA PHE E 122 -22.57 -13.19 -27.20
C PHE E 122 -23.10 -14.26 -28.14
N GLY E 123 -23.00 -14.01 -29.44
CA GLY E 123 -23.30 -15.02 -30.43
C GLY E 123 -22.20 -16.07 -30.48
N GLY E 124 -22.46 -17.17 -31.17
CA GLY E 124 -21.49 -18.25 -31.29
C GLY E 124 -20.28 -17.88 -32.13
N GLY E 125 -20.39 -16.79 -32.88
CA GLY E 125 -19.32 -16.35 -33.74
C GLY E 125 -19.52 -16.77 -35.19
N THR E 126 -19.05 -15.94 -36.12
CA THR E 126 -19.03 -16.27 -37.53
C THR E 126 -17.62 -16.11 -38.07
N LYS E 127 -17.06 -17.18 -38.63
CA LYS E 127 -15.70 -17.09 -39.15
C LYS E 127 -15.65 -16.61 -40.61
N LEU E 128 -14.97 -15.49 -40.81
CA LEU E 128 -14.77 -14.96 -42.16
C LEU E 128 -13.56 -15.65 -42.79
N GLU E 129 -13.77 -16.31 -43.92
CA GLU E 129 -12.67 -17.00 -44.60
C GLU E 129 -12.32 -16.30 -45.91
N ILE E 130 -11.03 -16.13 -46.17
CA ILE E 130 -10.58 -15.50 -47.39
C ILE E 130 -10.31 -16.53 -48.49
N LYS E 131 -10.91 -16.30 -49.66
CA LYS E 131 -10.68 -17.15 -50.82
C LYS E 131 -9.36 -16.82 -51.49
N ARG E 132 -8.67 -17.85 -52.00
CA ARG E 132 -7.48 -17.66 -52.80
C ARG E 132 -7.28 -18.82 -53.76
N ALA E 133 -6.29 -18.71 -54.63
CA ALA E 133 -5.95 -19.78 -55.55
C ALA E 133 -5.52 -21.00 -54.77
N ASP E 134 -5.89 -22.18 -55.26
CA ASP E 134 -5.52 -23.41 -54.59
C ASP E 134 -4.02 -23.57 -54.52
N ALA E 135 -3.54 -24.19 -53.44
CA ALA E 135 -2.12 -24.42 -53.26
C ALA E 135 -1.89 -25.74 -52.52
N ALA E 136 -1.04 -26.58 -53.10
CA ALA E 136 -0.64 -27.82 -52.46
C ALA E 136 0.26 -27.50 -51.26
N PRO E 137 0.15 -28.32 -50.20
CA PRO E 137 1.03 -28.12 -49.03
C PRO E 137 2.47 -28.44 -49.35
N THR E 138 3.38 -27.68 -48.75
CA THR E 138 4.79 -28.06 -48.73
C THR E 138 4.95 -28.99 -47.54
N VAL E 139 5.38 -30.21 -47.81
CA VAL E 139 5.42 -31.24 -46.78
C VAL E 139 6.83 -31.59 -46.38
N SER E 140 7.08 -31.61 -45.08
CA SER E 140 8.41 -31.92 -44.56
C SER E 140 8.29 -32.95 -43.46
N ILE E 141 9.14 -33.97 -43.50
CA ILE E 141 9.10 -35.00 -42.48
C ILE E 141 10.39 -35.04 -41.66
N PHE E 142 10.23 -35.22 -40.35
CA PHE E 142 11.36 -35.18 -39.44
C PHE E 142 11.40 -36.41 -38.55
N PRO E 143 12.56 -37.06 -38.49
CA PRO E 143 12.77 -38.21 -37.60
C PRO E 143 12.92 -37.75 -36.15
N PRO E 144 12.82 -38.68 -35.20
CA PRO E 144 13.09 -38.36 -33.79
C PRO E 144 14.50 -37.80 -33.60
N SER E 145 14.65 -36.82 -32.73
CA SER E 145 15.97 -36.29 -32.40
C SER E 145 16.71 -37.27 -31.50
N SER E 146 18.03 -37.13 -31.43
CA SER E 146 18.83 -37.99 -30.58
C SER E 146 18.51 -37.70 -29.12
N GLU E 147 18.27 -36.43 -28.82
CA GLU E 147 17.90 -36.03 -27.47
C GLU E 147 16.68 -36.82 -26.99
N GLN E 148 15.65 -36.89 -27.83
CA GLN E 148 14.41 -37.57 -27.43
C GLN E 148 14.60 -39.09 -27.34
N LEU E 149 15.44 -39.64 -28.22
CA LEU E 149 15.71 -41.07 -28.19
C LEU E 149 16.33 -41.46 -26.86
N THR E 150 17.30 -40.66 -26.41
CA THR E 150 17.94 -40.86 -25.12
C THR E 150 16.93 -40.92 -23.99
N SER E 151 15.90 -40.09 -24.08
CA SER E 151 14.87 -40.02 -23.05
C SER E 151 13.91 -41.21 -23.13
N GLY E 152 13.98 -41.99 -24.21
CA GLY E 152 13.17 -43.18 -24.35
C GLY E 152 11.96 -43.00 -25.25
N GLY E 153 11.86 -41.84 -25.88
CA GLY E 153 10.72 -41.55 -26.73
C GLY E 153 11.11 -41.37 -28.18
N ALA E 154 10.13 -41.45 -29.07
CA ALA E 154 10.38 -41.30 -30.48
C ALA E 154 9.20 -40.67 -31.20
N SER E 155 9.31 -39.37 -31.47
CA SER E 155 8.28 -38.64 -32.19
C SER E 155 8.70 -38.38 -33.62
N VAL E 156 7.82 -38.70 -34.56
CA VAL E 156 8.05 -38.37 -35.95
C VAL E 156 7.14 -37.21 -36.30
N VAL E 157 7.72 -36.13 -36.84
CA VAL E 157 6.95 -34.93 -37.10
C VAL E 157 6.80 -34.66 -38.59
N CYS E 158 5.60 -34.28 -38.97
CA CYS E 158 5.31 -33.95 -40.35
C CYS E 158 4.60 -32.59 -40.43
N PHE E 159 5.25 -31.62 -41.07
CA PHE E 159 4.65 -30.31 -41.29
C PHE E 159 4.02 -30.23 -42.68
N LEU E 160 2.86 -29.60 -42.75
CA LEU E 160 2.16 -29.42 -44.01
C LEU E 160 1.76 -27.97 -44.09
N ASN E 161 2.59 -27.19 -44.78
CA ASN E 161 2.52 -25.74 -44.69
C ASN E 161 1.99 -25.04 -45.92
N ASN E 162 1.26 -23.96 -45.66
CA ASN E 162 0.86 -23.01 -46.71
C ASN E 162 0.03 -23.61 -47.83
N PHE E 163 -1.08 -24.25 -47.46
CA PHE E 163 -1.99 -24.83 -48.44
C PHE E 163 -3.34 -24.12 -48.41
N TYR E 164 -4.12 -24.34 -49.48
CA TYR E 164 -5.49 -23.86 -49.59
C TYR E 164 -6.19 -24.71 -50.65
N PRO E 165 -7.44 -25.13 -50.39
CA PRO E 165 -8.31 -24.78 -49.26
C PRO E 165 -7.99 -25.51 -47.94
N LYS E 166 -8.76 -25.19 -46.91
CA LYS E 166 -8.56 -25.66 -45.53
C LYS E 166 -8.59 -27.19 -45.36
N ASP E 167 -9.41 -27.86 -46.17
CA ASP E 167 -9.59 -29.31 -46.06
C ASP E 167 -8.33 -30.09 -46.40
N ILE E 168 -7.90 -30.96 -45.50
CA ILE E 168 -6.72 -31.76 -45.75
C ILE E 168 -6.74 -33.02 -44.89
N ASN E 169 -6.11 -34.09 -45.38
CA ASN E 169 -6.07 -35.35 -44.64
C ASN E 169 -4.66 -35.90 -44.62
N VAL E 170 -4.18 -36.23 -43.42
CA VAL E 170 -2.85 -36.80 -43.26
C VAL E 170 -2.94 -38.22 -42.79
N LYS E 171 -2.19 -39.09 -43.46
CA LYS E 171 -2.13 -40.49 -43.06
C LYS E 171 -0.69 -40.87 -42.74
N TRP E 172 -0.51 -41.60 -41.65
CA TRP E 172 0.80 -42.10 -41.27
C TRP E 172 0.91 -43.57 -41.65
N LYS E 173 2.02 -43.94 -42.29
CA LYS E 173 2.27 -45.33 -42.60
C LYS E 173 3.60 -45.80 -42.02
N ILE E 174 3.56 -46.96 -41.37
CA ILE E 174 4.77 -47.58 -40.86
C ILE E 174 4.98 -48.88 -41.61
N ASP E 175 6.10 -48.99 -42.34
CA ASP E 175 6.36 -50.14 -43.19
C ASP E 175 5.16 -50.43 -44.09
N GLY E 176 4.62 -49.38 -44.69
CA GLY E 176 3.50 -49.49 -45.59
C GLY E 176 2.14 -49.68 -44.93
N SER E 177 2.10 -49.72 -43.61
CA SER E 177 0.85 -49.93 -42.89
C SER E 177 0.37 -48.70 -42.13
N GLU E 178 -0.89 -48.32 -42.33
CA GLU E 178 -1.46 -47.13 -41.71
C GLU E 178 -1.49 -47.22 -40.17
N ARG E 179 -1.04 -46.14 -39.53
CA ARG E 179 -1.13 -46.00 -38.08
C ARG E 179 -2.15 -44.94 -37.71
N GLN E 180 -3.10 -45.29 -36.85
CA GLN E 180 -4.11 -44.33 -36.42
C GLN E 180 -3.87 -43.83 -34.98
N ASN E 181 -3.44 -44.71 -34.08
CA ASN E 181 -3.15 -44.33 -32.70
C ASN E 181 -1.81 -43.60 -32.54
N GLY E 182 -1.69 -42.83 -31.47
CA GLY E 182 -0.45 -42.11 -31.18
C GLY E 182 -0.21 -40.89 -32.05
N VAL E 183 -1.26 -40.43 -32.74
CA VAL E 183 -1.13 -39.29 -33.64
C VAL E 183 -1.75 -38.02 -33.06
N LEU E 184 -0.97 -36.94 -33.06
CA LEU E 184 -1.46 -35.66 -32.59
C LEU E 184 -1.39 -34.64 -33.72
N ASN E 185 -2.52 -34.01 -34.02
CA ASN E 185 -2.56 -33.02 -35.09
C ASN E 185 -2.92 -31.65 -34.58
N SER E 186 -2.30 -30.63 -35.17
CA SER E 186 -2.62 -29.25 -34.86
C SER E 186 -2.81 -28.48 -36.14
N TRP E 187 -3.84 -27.64 -36.18
CA TRP E 187 -4.15 -26.86 -37.37
C TRP E 187 -4.12 -25.37 -37.05
N THR E 188 -3.43 -24.60 -37.88
CA THR E 188 -3.43 -23.15 -37.70
C THR E 188 -4.75 -22.57 -38.17
N ASP E 189 -5.04 -21.36 -37.71
CA ASP E 189 -6.08 -20.55 -38.30
C ASP E 189 -5.54 -20.05 -39.63
N GLN E 190 -6.38 -19.38 -40.41
CA GLN E 190 -5.93 -18.84 -41.70
C GLN E 190 -4.91 -17.71 -41.49
N ASP E 191 -3.84 -17.73 -42.28
CA ASP E 191 -2.78 -16.74 -42.19
C ASP E 191 -3.13 -15.56 -43.09
N SER E 192 -3.22 -14.36 -42.51
CA SER E 192 -3.62 -13.17 -43.28
C SER E 192 -2.57 -12.73 -44.31
N LYS E 193 -1.34 -13.21 -44.17
CA LYS E 193 -0.27 -12.78 -45.06
C LYS E 193 -0.39 -13.38 -46.47
N ASP E 194 -0.89 -14.61 -46.57
CA ASP E 194 -1.02 -15.28 -47.86
C ASP E 194 -2.32 -16.09 -47.97
N SER E 195 -3.23 -15.87 -47.01
CA SER E 195 -4.52 -16.57 -46.98
C SER E 195 -4.43 -18.10 -46.99
N THR E 196 -3.30 -18.66 -46.55
CA THR E 196 -3.15 -20.11 -46.54
C THR E 196 -3.34 -20.69 -45.16
N TYR E 197 -3.27 -22.02 -45.09
CA TYR E 197 -3.41 -22.75 -43.83
C TYR E 197 -2.18 -23.63 -43.66
N SER E 198 -1.89 -24.01 -42.43
CA SER E 198 -0.82 -24.97 -42.18
C SER E 198 -1.24 -25.99 -41.13
N MET E 199 -0.55 -27.12 -41.14
CA MET E 199 -0.88 -28.22 -40.25
C MET E 199 0.38 -28.92 -39.76
N SER E 200 0.35 -29.35 -38.51
CA SER E 200 1.43 -30.16 -37.95
C SER E 200 0.86 -31.49 -37.52
N SER E 201 1.56 -32.57 -37.86
CA SER E 201 1.15 -33.90 -37.44
C SER E 201 2.32 -34.60 -36.79
N THR E 202 2.11 -35.06 -35.55
CA THR E 202 3.15 -35.75 -34.81
C THR E 202 2.71 -37.15 -34.41
N LEU E 203 3.48 -38.14 -34.83
CA LEU E 203 3.28 -39.53 -34.47
C LEU E 203 4.28 -39.89 -33.39
N THR E 204 3.79 -40.22 -32.20
CA THR E 204 4.67 -40.49 -31.07
C THR E 204 4.71 -41.96 -30.70
N LEU E 205 5.91 -42.51 -30.69
CA LEU E 205 6.15 -43.89 -30.32
C LEU E 205 7.16 -43.91 -29.19
N THR E 206 7.27 -45.03 -28.51
CA THR E 206 8.39 -45.22 -27.60
C THR E 206 9.58 -45.55 -28.49
N LYS E 207 10.78 -45.48 -27.92
CA LYS E 207 11.98 -45.77 -28.69
C LYS E 207 11.96 -47.18 -29.26
N ASP E 208 11.58 -48.16 -28.43
CA ASP E 208 11.57 -49.55 -28.89
C ASP E 208 10.58 -49.78 -30.04
N GLU E 209 9.38 -49.22 -29.94
CA GLU E 209 8.38 -49.36 -31.01
C GLU E 209 8.94 -48.81 -32.31
N TYR E 210 9.59 -47.66 -32.18
CA TYR E 210 10.22 -46.98 -33.30
C TYR E 210 11.29 -47.88 -33.93
N GLU E 211 12.12 -48.49 -33.09
CA GLU E 211 13.20 -49.36 -33.54
C GLU E 211 12.70 -50.70 -34.09
N ARG E 212 11.43 -51.02 -33.87
CA ARG E 212 10.86 -52.25 -34.38
C ARG E 212 10.49 -52.15 -35.85
N HIS E 213 10.62 -50.94 -36.41
CA HIS E 213 10.21 -50.71 -37.79
C HIS E 213 11.22 -49.80 -38.50
N ASN E 214 11.11 -49.73 -39.82
CA ASN E 214 12.17 -49.11 -40.62
C ASN E 214 11.74 -47.87 -41.41
N SER E 215 10.65 -47.98 -42.17
CA SER E 215 10.18 -46.84 -42.97
C SER E 215 9.01 -46.11 -42.34
N TYR E 216 9.06 -44.79 -42.38
CA TYR E 216 7.99 -43.95 -41.83
C TYR E 216 7.49 -42.96 -42.87
N THR E 217 6.19 -42.99 -43.12
CA THR E 217 5.61 -42.21 -44.20
C THR E 217 4.45 -41.32 -43.76
N CYS E 218 4.53 -40.07 -44.20
CA CYS E 218 3.49 -39.09 -43.99
C CYS E 218 2.84 -38.83 -45.35
N GLU E 219 1.57 -39.18 -45.49
CA GLU E 219 0.87 -38.98 -46.76
C GLU E 219 -0.17 -37.87 -46.64
N ALA E 220 -0.03 -36.84 -47.45
CA ALA E 220 -0.93 -35.70 -47.43
C ALA E 220 -1.90 -35.75 -48.60
N THR E 221 -3.18 -35.85 -48.31
CA THR E 221 -4.18 -35.81 -49.38
C THR E 221 -4.93 -34.50 -49.35
N HIS E 222 -4.86 -33.78 -50.47
CA HIS E 222 -5.45 -32.45 -50.58
C HIS E 222 -6.13 -32.33 -51.93
N LYS E 223 -7.04 -31.38 -52.06
CA LYS E 223 -7.80 -31.21 -53.30
C LYS E 223 -6.90 -30.96 -54.51
N THR E 224 -5.78 -30.28 -54.27
CA THR E 224 -4.89 -29.86 -55.35
C THR E 224 -4.35 -31.03 -56.16
N SER E 225 -4.26 -32.21 -55.55
CA SER E 225 -3.73 -33.35 -56.26
C SER E 225 -4.64 -34.58 -56.15
N THR E 226 -4.64 -35.39 -57.20
CA THR E 226 -5.34 -36.65 -57.23
C THR E 226 -4.55 -37.64 -56.39
N SER E 227 -3.22 -37.52 -56.50
CA SER E 227 -2.30 -38.39 -55.78
C SER E 227 -1.75 -37.66 -54.56
N PRO E 228 -1.61 -38.39 -53.44
CA PRO E 228 -1.17 -37.70 -52.22
C PRO E 228 0.28 -37.30 -52.30
N ILE E 229 0.63 -36.19 -51.66
CA ILE E 229 2.03 -35.83 -51.51
C ILE E 229 2.59 -36.78 -50.48
N VAL E 230 3.68 -37.46 -50.82
CA VAL E 230 4.25 -38.47 -49.95
C VAL E 230 5.66 -38.11 -49.51
N LYS E 231 5.87 -38.05 -48.20
CA LYS E 231 7.19 -37.83 -47.64
C LYS E 231 7.57 -38.98 -46.73
N SER E 232 8.83 -39.41 -46.84
CA SER E 232 9.27 -40.64 -46.21
C SER E 232 10.70 -40.55 -45.72
N PHE E 233 11.04 -41.39 -44.75
CA PHE E 233 12.42 -41.59 -44.37
C PHE E 233 12.61 -43.00 -43.81
N ASN E 234 13.85 -43.45 -43.77
CA ASN E 234 14.16 -44.76 -43.22
C ASN E 234 15.16 -44.67 -42.09
N ARG E 235 14.95 -45.48 -41.06
CA ARG E 235 15.70 -45.39 -39.81
C ARG E 235 17.17 -45.77 -39.99
N GLU F 20 0.95 4.11 -24.39
CA GLU F 20 -0.39 4.38 -24.93
C GLU F 20 -1.46 3.72 -24.03
N VAL F 21 -2.71 4.11 -24.25
CA VAL F 21 -3.86 3.45 -23.65
C VAL F 21 -3.75 1.93 -23.74
N LYS F 22 -3.89 1.24 -22.61
CA LYS F 22 -3.98 -0.21 -22.62
C LYS F 22 -4.64 -0.76 -21.36
N LEU F 23 -5.08 -2.00 -21.46
CA LEU F 23 -5.56 -2.77 -20.31
C LEU F 23 -4.60 -3.93 -20.14
N GLU F 24 -4.19 -4.21 -18.91
CA GLU F 24 -3.32 -5.35 -18.67
C GLU F 24 -3.87 -6.28 -17.60
N GLU F 25 -4.21 -7.51 -17.98
CA GLU F 25 -4.68 -8.49 -17.00
C GLU F 25 -3.53 -9.33 -16.45
N SER F 26 -3.62 -9.66 -15.16
CA SER F 26 -2.65 -10.56 -14.53
C SER F 26 -3.32 -11.34 -13.39
N GLY F 27 -2.56 -12.22 -12.75
CA GLY F 27 -3.05 -12.94 -11.59
C GLY F 27 -3.52 -14.35 -11.93
N GLY F 28 -3.55 -14.66 -13.21
CA GLY F 28 -3.95 -15.97 -13.66
C GLY F 28 -2.89 -17.00 -13.39
N GLY F 29 -3.12 -18.21 -13.89
CA GLY F 29 -2.18 -19.30 -13.67
C GLY F 29 -2.91 -20.59 -13.39
N LEU F 30 -2.15 -21.61 -12.98
CA LEU F 30 -2.69 -22.90 -12.62
C LEU F 30 -3.14 -22.90 -11.17
N VAL F 31 -4.34 -23.42 -10.92
CA VAL F 31 -4.84 -23.55 -9.56
C VAL F 31 -5.70 -24.82 -9.44
N GLN F 32 -5.59 -25.53 -8.33
CA GLN F 32 -6.33 -26.76 -8.13
C GLN F 32 -7.81 -26.49 -7.94
N PRO F 33 -8.68 -27.45 -8.33
CA PRO F 33 -10.12 -27.33 -8.13
C PRO F 33 -10.46 -27.05 -6.67
N GLY F 34 -11.42 -26.19 -6.41
CA GLY F 34 -11.78 -25.82 -5.06
C GLY F 34 -10.93 -24.68 -4.51
N GLY F 35 -9.88 -24.33 -5.24
CA GLY F 35 -8.95 -23.31 -4.79
C GLY F 35 -9.42 -21.91 -5.12
N SER F 36 -8.56 -20.93 -4.88
CA SER F 36 -8.95 -19.55 -5.16
C SER F 36 -7.83 -18.75 -5.82
N MET F 37 -8.21 -17.69 -6.52
CA MET F 37 -7.27 -16.96 -7.35
C MET F 37 -7.79 -15.54 -7.55
N LYS F 38 -6.89 -14.55 -7.56
CA LYS F 38 -7.31 -13.18 -7.75
C LYS F 38 -6.71 -12.57 -9.00
N LEU F 39 -7.59 -12.13 -9.89
CA LEU F 39 -7.16 -11.48 -11.12
C LEU F 39 -7.13 -9.97 -10.96
N SER F 40 -6.16 -9.35 -11.62
CA SER F 40 -6.02 -7.90 -11.61
C SER F 40 -6.15 -7.39 -13.03
N CYS F 41 -6.79 -6.24 -13.17
CA CYS F 41 -6.86 -5.56 -14.45
C CYS F 41 -6.48 -4.09 -14.29
N VAL F 42 -5.34 -3.72 -14.85
CA VAL F 42 -4.80 -2.37 -14.67
C VAL F 42 -4.83 -1.59 -15.98
N ALA F 43 -5.32 -0.36 -15.92
CA ALA F 43 -5.40 0.46 -17.13
C ALA F 43 -4.33 1.55 -17.16
N SER F 44 -3.87 1.85 -18.37
CA SER F 44 -2.89 2.90 -18.59
C SER F 44 -3.41 3.85 -19.67
N GLY F 45 -3.06 5.12 -19.58
CA GLY F 45 -3.43 6.07 -20.62
C GLY F 45 -4.84 6.61 -20.49
N PHE F 46 -5.56 6.16 -19.47
CA PHE F 46 -6.87 6.72 -19.14
C PHE F 46 -7.25 6.36 -17.71
N THR F 47 -8.35 6.94 -17.23
CA THR F 47 -8.82 6.68 -15.88
C THR F 47 -10.06 5.80 -15.93
N ILE F 48 -10.01 4.66 -15.24
CA ILE F 48 -11.14 3.73 -15.26
C ILE F 48 -12.30 4.23 -14.43
N SER F 49 -12.05 5.21 -13.56
CA SER F 49 -13.05 5.62 -12.57
C SER F 49 -14.37 6.07 -13.17
N ASN F 50 -14.36 6.44 -14.45
CA ASN F 50 -15.57 6.93 -15.10
C ASN F 50 -16.29 5.90 -15.96
N TYR F 51 -15.80 4.65 -15.95
CA TYR F 51 -16.40 3.63 -16.81
C TYR F 51 -16.80 2.35 -16.08
N TRP F 52 -17.93 1.77 -16.52
CA TRP F 52 -18.35 0.45 -16.05
C TRP F 52 -17.33 -0.57 -16.54
N MET F 53 -16.86 -1.42 -15.64
CA MET F 53 -15.82 -2.39 -15.98
C MET F 53 -16.35 -3.82 -15.93
N ASN F 54 -16.05 -4.58 -16.99
CA ASN F 54 -16.53 -5.95 -17.11
C ASN F 54 -15.41 -6.97 -17.21
N TRP F 55 -15.66 -8.17 -16.69
CA TRP F 55 -14.79 -9.31 -16.94
C TRP F 55 -15.50 -10.26 -17.89
N VAL F 56 -14.76 -10.75 -18.87
CA VAL F 56 -15.29 -11.70 -19.85
C VAL F 56 -14.29 -12.84 -19.97
N ARG F 57 -14.78 -14.07 -20.01
CA ARG F 57 -13.88 -15.20 -20.22
C ARG F 57 -14.10 -15.87 -21.57
N GLN F 58 -13.06 -16.55 -22.04
CA GLN F 58 -13.13 -17.28 -23.29
C GLN F 58 -12.54 -18.68 -23.16
N SER F 59 -13.28 -19.66 -23.69
CA SER F 59 -12.80 -21.03 -23.76
C SER F 59 -13.28 -21.60 -25.10
N PRO F 60 -12.50 -22.51 -25.70
CA PRO F 60 -12.85 -23.01 -27.03
C PRO F 60 -14.17 -23.77 -27.03
N GLU F 61 -14.54 -24.35 -25.89
CA GLU F 61 -15.76 -25.14 -25.79
C GLU F 61 -17.01 -24.27 -25.63
N LYS F 62 -16.86 -23.13 -24.96
CA LYS F 62 -18.02 -22.27 -24.67
C LYS F 62 -18.05 -20.95 -25.45
N GLY F 63 -16.91 -20.53 -25.99
CA GLY F 63 -16.83 -19.24 -26.68
C GLY F 63 -16.71 -18.09 -25.69
N LEU F 64 -17.28 -16.93 -26.04
CA LEU F 64 -17.21 -15.75 -25.17
C LEU F 64 -18.30 -15.77 -24.11
N ASP F 65 -17.90 -15.54 -22.86
CA ASP F 65 -18.79 -15.73 -21.73
C ASP F 65 -18.62 -14.60 -20.72
N TRP F 66 -19.61 -13.71 -20.64
CA TRP F 66 -19.57 -12.60 -19.69
C TRP F 66 -19.50 -13.12 -18.26
N VAL F 67 -18.65 -12.51 -17.44
CA VAL F 67 -18.45 -13.00 -16.08
C VAL F 67 -19.05 -12.08 -15.02
N ALA F 68 -18.60 -10.83 -14.99
CA ALA F 68 -19.08 -9.90 -13.98
C ALA F 68 -18.88 -8.45 -14.41
N GLU F 69 -19.62 -7.56 -13.77
CA GLU F 69 -19.53 -6.14 -14.05
C GLU F 69 -19.52 -5.35 -12.77
N ILE F 70 -18.72 -4.29 -12.75
CA ILE F 70 -18.82 -3.33 -11.67
C ILE F 70 -19.01 -1.93 -12.24
N ARG F 71 -19.99 -1.22 -11.70
CA ARG F 71 -20.32 0.11 -12.19
C ARG F 71 -19.60 1.17 -11.35
N LEU F 72 -20.00 2.43 -11.48
CA LEU F 72 -19.21 3.53 -10.92
C LEU F 72 -19.39 3.70 -9.42
N LYS F 73 -18.44 4.40 -8.81
CA LYS F 73 -18.56 4.88 -7.44
C LYS F 73 -19.88 5.63 -7.26
N SER F 74 -20.25 6.39 -8.28
CA SER F 74 -21.50 7.17 -8.27
C SER F 74 -22.74 6.31 -8.45
N ASN F 75 -22.53 5.03 -8.78
CA ASN F 75 -23.62 4.07 -8.90
C ASN F 75 -23.67 3.16 -7.66
N ASN F 76 -23.00 3.58 -6.59
CA ASN F 76 -22.83 2.80 -5.37
C ASN F 76 -22.12 1.46 -5.62
N TYR F 77 -21.22 1.47 -6.60
CA TYR F 77 -20.43 0.29 -6.97
C TYR F 77 -21.28 -0.96 -7.21
N VAL F 78 -22.47 -0.77 -7.78
CA VAL F 78 -23.38 -1.90 -8.02
C VAL F 78 -22.73 -2.97 -8.91
N THR F 79 -22.92 -4.23 -8.54
CA THR F 79 -22.30 -5.35 -9.25
C THR F 79 -23.32 -6.31 -9.83
N HIS F 80 -22.96 -6.93 -10.96
CA HIS F 80 -23.74 -8.01 -11.54
C HIS F 80 -22.83 -9.18 -11.85
N TYR F 81 -23.37 -10.39 -11.78
CA TYR F 81 -22.56 -11.59 -12.00
C TYR F 81 -23.29 -12.60 -12.88
N ALA F 82 -22.53 -13.36 -13.66
CA ALA F 82 -23.08 -14.52 -14.35
C ALA F 82 -23.59 -15.50 -13.30
N GLU F 83 -24.70 -16.17 -13.59
CA GLU F 83 -25.33 -17.08 -12.64
C GLU F 83 -24.37 -18.17 -12.16
N SER F 84 -23.56 -18.70 -13.08
CA SER F 84 -22.61 -19.76 -12.75
C SER F 84 -21.52 -19.37 -11.72
N VAL F 85 -21.25 -18.07 -11.56
CA VAL F 85 -20.18 -17.66 -10.65
C VAL F 85 -20.70 -16.98 -9.38
N LYS F 86 -22.01 -16.81 -9.30
CA LYS F 86 -22.64 -16.21 -8.13
C LYS F 86 -22.29 -16.94 -6.83
N GLY F 87 -21.94 -16.17 -5.81
CA GLY F 87 -21.56 -16.73 -4.53
C GLY F 87 -20.11 -17.13 -4.46
N ARG F 88 -19.47 -17.26 -5.63
CA ARG F 88 -18.07 -17.71 -5.69
C ARG F 88 -17.11 -16.59 -6.11
N PHE F 89 -17.57 -15.71 -7.00
CA PHE F 89 -16.72 -14.66 -7.53
C PHE F 89 -17.08 -13.31 -6.93
N THR F 90 -16.09 -12.44 -6.81
CA THR F 90 -16.34 -11.08 -6.37
C THR F 90 -15.53 -10.13 -7.24
N ILE F 91 -16.22 -9.23 -7.93
CA ILE F 91 -15.56 -8.19 -8.71
C ILE F 91 -15.47 -6.93 -7.86
N SER F 92 -14.33 -6.23 -7.93
CA SER F 92 -14.15 -5.00 -7.18
C SER F 92 -13.31 -4.02 -7.98
N ARG F 93 -13.29 -2.76 -7.53
CA ARG F 93 -12.51 -1.74 -8.22
C ARG F 93 -11.81 -0.81 -7.25
N ASP F 94 -10.61 -0.38 -7.64
CA ASP F 94 -9.85 0.60 -6.89
C ASP F 94 -9.46 1.69 -7.88
N ASP F 95 -10.20 2.79 -7.87
CA ASP F 95 -10.00 3.85 -8.86
C ASP F 95 -8.65 4.55 -8.67
N SER F 96 -8.27 4.76 -7.40
CA SER F 96 -6.98 5.38 -7.09
C SER F 96 -5.82 4.51 -7.58
N LYS F 97 -6.08 3.23 -7.82
CA LYS F 97 -5.07 2.37 -8.41
C LYS F 97 -5.37 2.13 -9.87
N ASN F 98 -6.45 2.72 -10.36
CA ASN F 98 -6.85 2.59 -11.76
C ASN F 98 -7.06 1.12 -12.16
N SER F 99 -7.52 0.31 -11.21
CA SER F 99 -7.60 -1.14 -11.40
C SER F 99 -8.94 -1.74 -10.99
N VAL F 100 -9.31 -2.83 -11.65
CA VAL F 100 -10.42 -3.66 -11.19
C VAL F 100 -9.92 -5.09 -10.93
N TYR F 101 -10.64 -5.83 -10.11
CA TYR F 101 -10.21 -7.14 -9.68
C TYR F 101 -11.31 -8.19 -9.74
N LEU F 102 -10.90 -9.45 -9.82
CA LEU F 102 -11.84 -10.56 -9.76
C LEU F 102 -11.33 -11.61 -8.79
N GLN F 103 -11.85 -11.57 -7.56
CA GLN F 103 -11.56 -12.62 -6.59
C GLN F 103 -12.42 -13.84 -6.93
N MET F 104 -11.77 -14.96 -7.20
CA MET F 104 -12.46 -16.18 -7.57
C MET F 104 -12.21 -17.23 -6.49
N ASN F 105 -13.29 -17.73 -5.89
CA ASN F 105 -13.20 -18.75 -4.84
C ASN F 105 -13.87 -20.05 -5.26
N ASN F 106 -13.51 -21.13 -4.58
CA ASN F 106 -14.06 -22.45 -4.86
C ASN F 106 -14.10 -22.73 -6.36
N LEU F 107 -12.95 -22.54 -7.00
CA LEU F 107 -12.82 -22.67 -8.45
C LEU F 107 -13.18 -24.06 -8.97
N ARG F 108 -13.78 -24.08 -10.16
CA ARG F 108 -14.18 -25.32 -10.81
C ARG F 108 -13.43 -25.48 -12.13
N PRO F 109 -13.26 -26.71 -12.59
CA PRO F 109 -12.61 -26.97 -13.89
C PRO F 109 -13.25 -26.16 -15.01
N GLU F 110 -14.57 -26.02 -14.98
CA GLU F 110 -15.25 -25.27 -16.04
C GLU F 110 -14.98 -23.77 -15.99
N ASP F 111 -14.31 -23.29 -14.94
CA ASP F 111 -13.95 -21.87 -14.86
C ASP F 111 -12.68 -21.57 -15.66
N THR F 112 -12.05 -22.63 -16.17
CA THR F 112 -10.85 -22.50 -16.99
C THR F 112 -11.13 -21.64 -18.23
N GLY F 113 -10.16 -20.81 -18.58
CA GLY F 113 -10.28 -19.99 -19.77
C GLY F 113 -9.37 -18.77 -19.71
N ILE F 114 -9.42 -17.97 -20.77
CA ILE F 114 -8.71 -16.71 -20.80
C ILE F 114 -9.64 -15.63 -20.31
N TYR F 115 -9.21 -14.87 -19.32
CA TYR F 115 -10.05 -13.84 -18.74
C TYR F 115 -9.60 -12.46 -19.23
N TYR F 116 -10.57 -11.65 -19.63
CA TYR F 116 -10.31 -10.29 -20.07
C TYR F 116 -11.06 -9.30 -19.20
N CYS F 117 -10.53 -8.09 -19.05
CA CYS F 117 -11.31 -7.00 -18.52
C CYS F 117 -11.48 -5.94 -19.60
N THR F 118 -12.63 -5.28 -19.62
CA THR F 118 -12.88 -4.21 -20.61
C THR F 118 -13.85 -3.17 -20.09
N PRO F 119 -13.53 -1.89 -20.30
CA PRO F 119 -14.51 -0.85 -20.00
C PRO F 119 -15.58 -0.92 -21.07
N ILE F 120 -16.82 -0.58 -20.72
CA ILE F 120 -17.85 -0.50 -21.77
C ILE F 120 -18.43 0.89 -21.80
N TYR F 121 -19.11 1.22 -22.91
CA TYR F 121 -19.64 2.56 -23.12
C TYR F 121 -18.51 3.56 -22.90
N SER F 122 -17.40 3.28 -23.56
CA SER F 122 -16.15 4.01 -23.32
C SER F 122 -15.34 4.10 -24.60
N PRO F 123 -14.61 5.22 -24.76
CA PRO F 123 -13.68 5.37 -25.88
C PRO F 123 -12.51 4.41 -25.74
N PHE F 124 -12.37 3.83 -24.55
CA PHE F 124 -11.23 2.98 -24.25
C PHE F 124 -11.67 1.54 -24.07
N ALA F 125 -12.73 1.15 -24.76
CA ALA F 125 -13.29 -0.21 -24.65
C ALA F 125 -12.39 -1.25 -25.30
N TYR F 126 -11.17 -1.39 -24.77
CA TYR F 126 -10.23 -2.41 -25.21
C TYR F 126 -10.16 -3.57 -24.21
N TRP F 127 -9.80 -4.75 -24.70
CA TRP F 127 -9.85 -5.96 -23.89
C TRP F 127 -8.51 -6.39 -23.26
N GLY F 128 -7.41 -5.85 -23.73
CA GLY F 128 -6.11 -6.29 -23.24
C GLY F 128 -5.75 -7.67 -23.77
N GLN F 129 -4.65 -8.25 -23.27
CA GLN F 129 -4.15 -9.50 -23.82
C GLN F 129 -4.77 -10.73 -23.18
N GLY F 130 -5.38 -10.55 -22.01
CA GLY F 130 -6.02 -11.64 -21.31
C GLY F 130 -5.10 -12.34 -20.33
N THR F 131 -5.67 -13.02 -19.34
CA THR F 131 -4.88 -13.83 -18.43
C THR F 131 -5.48 -15.23 -18.36
N LEU F 132 -4.64 -16.23 -18.47
CA LEU F 132 -5.10 -17.60 -18.58
C LEU F 132 -5.24 -18.23 -17.21
N VAL F 133 -6.45 -18.69 -16.92
CA VAL F 133 -6.76 -19.39 -15.68
C VAL F 133 -6.95 -20.87 -16.00
N THR F 134 -6.11 -21.71 -15.42
CA THR F 134 -6.24 -23.15 -15.60
C THR F 134 -6.59 -23.80 -14.28
N VAL F 135 -7.80 -24.34 -14.18
CA VAL F 135 -8.22 -25.02 -12.97
C VAL F 135 -8.15 -26.53 -13.16
N SER F 136 -7.11 -27.14 -12.60
CA SER F 136 -6.82 -28.54 -12.82
C SER F 136 -5.99 -29.09 -11.68
N ALA F 137 -6.18 -30.38 -11.40
CA ALA F 137 -5.38 -31.05 -10.38
C ALA F 137 -4.04 -31.49 -10.96
N ALA F 138 -3.90 -31.40 -12.27
CA ALA F 138 -2.67 -31.78 -12.95
C ALA F 138 -1.48 -30.91 -12.54
N LYS F 139 -0.31 -31.52 -12.53
CA LYS F 139 0.89 -30.87 -12.01
C LYS F 139 1.66 -30.07 -13.05
N THR F 140 2.30 -29.01 -12.60
CA THR F 140 3.20 -28.24 -13.44
C THR F 140 4.32 -29.15 -13.89
N THR F 141 4.53 -29.21 -15.20
CA THR F 141 5.57 -30.04 -15.76
C THR F 141 6.29 -29.21 -16.80
N PRO F 142 7.63 -29.19 -16.75
CA PRO F 142 8.43 -28.45 -17.72
C PRO F 142 8.40 -29.14 -19.08
N PRO F 143 8.68 -28.39 -20.16
CA PRO F 143 8.67 -28.99 -21.50
C PRO F 143 9.98 -29.68 -21.83
N SER F 144 9.90 -30.72 -22.66
CA SER F 144 11.08 -31.21 -23.33
C SER F 144 11.12 -30.53 -24.70
N VAL F 145 12.29 -30.02 -25.07
CA VAL F 145 12.42 -29.33 -26.36
C VAL F 145 13.38 -30.03 -27.29
N TYR F 146 12.88 -30.46 -28.44
CA TYR F 146 13.70 -31.20 -29.39
C TYR F 146 13.87 -30.49 -30.72
N PRO F 147 15.09 -30.50 -31.27
CA PRO F 147 15.34 -29.90 -32.58
C PRO F 147 14.82 -30.79 -33.71
N LEU F 148 14.31 -30.18 -34.76
CA LEU F 148 13.83 -30.92 -35.92
C LEU F 148 14.66 -30.54 -37.14
N ALA F 149 15.64 -31.38 -37.47
CA ALA F 149 16.47 -31.18 -38.64
C ALA F 149 16.13 -32.22 -39.70
N PRO F 150 16.36 -31.90 -40.98
CA PRO F 150 15.97 -32.85 -42.03
C PRO F 150 16.86 -34.09 -42.04
N GLY F 151 16.28 -35.24 -42.35
CA GLY F 151 17.05 -36.48 -42.40
C GLY F 151 18.07 -36.48 -43.52
N SER F 158 15.83 -25.90 -52.65
CA SER F 158 16.17 -24.49 -52.47
C SER F 158 15.82 -23.98 -51.08
N MET F 159 14.58 -24.22 -50.64
CA MET F 159 14.18 -23.87 -49.29
C MET F 159 14.35 -25.08 -48.37
N VAL F 160 14.72 -24.83 -47.12
CA VAL F 160 14.76 -25.90 -46.14
C VAL F 160 13.89 -25.56 -44.94
N THR F 161 13.13 -26.54 -44.48
CA THR F 161 12.26 -26.34 -43.32
C THR F 161 12.87 -26.99 -42.08
N LEU F 162 12.98 -26.22 -41.02
CA LEU F 162 13.50 -26.70 -39.75
C LEU F 162 12.40 -26.57 -38.71
N GLY F 163 12.57 -27.19 -37.57
CA GLY F 163 11.51 -27.16 -36.59
C GLY F 163 11.90 -27.35 -35.15
N CYS F 164 10.92 -27.19 -34.27
N CYS F 164 10.90 -27.22 -34.29
CA CYS F 164 11.10 -27.34 -32.82
CA CYS F 164 11.08 -27.43 -32.87
C CYS F 164 9.88 -28.09 -32.24
C CYS F 164 9.87 -28.12 -32.26
N LEU F 165 10.13 -29.20 -31.54
CA LEU F 165 9.07 -29.95 -30.89
C LEU F 165 9.10 -29.67 -29.40
N VAL F 166 8.01 -29.11 -28.88
CA VAL F 166 7.92 -28.79 -27.46
C VAL F 166 6.91 -29.71 -26.79
N LYS F 167 7.41 -30.67 -26.02
CA LYS F 167 6.58 -31.79 -25.60
C LYS F 167 6.43 -31.94 -24.09
N GLY F 168 5.22 -32.34 -23.68
CA GLY F 168 4.98 -32.81 -22.33
C GLY F 168 4.96 -31.77 -21.23
N TYR F 169 4.46 -30.59 -21.54
CA TYR F 169 4.46 -29.52 -20.55
C TYR F 169 3.06 -29.19 -20.05
N PHE F 170 3.00 -28.49 -18.94
CA PHE F 170 1.75 -28.07 -18.32
C PHE F 170 2.10 -27.04 -17.25
N PRO F 171 1.28 -25.99 -17.13
CA PRO F 171 0.18 -25.67 -18.03
C PRO F 171 0.66 -24.80 -19.18
N GLU F 172 -0.27 -24.38 -20.02
CA GLU F 172 -0.04 -23.31 -20.96
C GLU F 172 0.24 -22.02 -20.17
N PRO F 173 0.94 -21.05 -20.78
CA PRO F 173 1.44 -21.09 -22.15
C PRO F 173 2.94 -21.33 -22.22
N VAL F 174 3.43 -21.57 -23.43
CA VAL F 174 4.84 -21.46 -23.71
C VAL F 174 5.00 -20.41 -24.80
N THR F 175 6.17 -19.79 -24.86
CA THR F 175 6.48 -18.91 -25.98
C THR F 175 7.61 -19.53 -26.80
N VAL F 176 7.47 -19.50 -28.11
CA VAL F 176 8.51 -20.00 -29.00
C VAL F 176 8.90 -18.91 -29.98
N THR F 177 10.20 -18.62 -30.05
CA THR F 177 10.72 -17.71 -31.07
C THR F 177 11.88 -18.37 -31.79
N TRP F 178 12.27 -17.77 -32.91
CA TRP F 178 13.41 -18.25 -33.67
C TRP F 178 14.45 -17.15 -33.76
N ASN F 179 15.68 -17.49 -33.40
CA ASN F 179 16.76 -16.50 -33.29
C ASN F 179 16.33 -15.29 -32.47
N SER F 180 15.75 -15.56 -31.30
CA SER F 180 15.31 -14.52 -30.38
C SER F 180 14.30 -13.55 -31.00
N GLY F 181 13.54 -14.03 -31.98
CA GLY F 181 12.51 -13.21 -32.61
C GLY F 181 12.92 -12.55 -33.91
N SER F 182 14.18 -12.70 -34.32
CA SER F 182 14.65 -12.12 -35.57
C SER F 182 14.04 -12.81 -36.79
N LEU F 183 13.96 -14.15 -36.74
CA LEU F 183 13.26 -14.90 -37.77
C LEU F 183 11.77 -14.95 -37.47
N SER F 184 10.97 -14.23 -38.26
CA SER F 184 9.53 -14.26 -38.08
C SER F 184 8.86 -14.59 -39.40
N SER F 185 9.56 -14.27 -40.48
CA SER F 185 9.11 -14.67 -41.81
C SER F 185 9.37 -16.15 -42.01
N GLY F 186 8.36 -16.85 -42.55
CA GLY F 186 8.48 -18.27 -42.82
C GLY F 186 8.32 -19.14 -41.59
N VAL F 187 7.79 -18.57 -40.51
CA VAL F 187 7.58 -19.31 -39.27
C VAL F 187 6.12 -19.76 -39.13
N HIS F 188 5.92 -20.99 -38.70
CA HIS F 188 4.59 -21.47 -38.34
C HIS F 188 4.62 -22.05 -36.94
N THR F 189 3.97 -21.40 -35.98
CA THR F 189 3.86 -21.96 -34.64
C THR F 189 2.44 -22.50 -34.43
N PHE F 190 2.34 -23.82 -34.28
CA PHE F 190 1.06 -24.49 -34.22
C PHE F 190 0.45 -24.43 -32.83
N PRO F 191 -0.88 -24.24 -32.76
CA PRO F 191 -1.63 -24.20 -31.50
C PRO F 191 -1.26 -25.39 -30.65
N ALA F 192 -0.99 -25.16 -29.37
CA ALA F 192 -0.68 -26.24 -28.45
C ALA F 192 -1.85 -27.22 -28.41
N VAL F 193 -1.54 -28.50 -28.32
CA VAL F 193 -2.58 -29.50 -28.20
C VAL F 193 -2.52 -30.24 -26.87
N LEU F 194 -3.66 -30.31 -26.19
CA LEU F 194 -3.75 -30.97 -24.89
C LEU F 194 -4.31 -32.38 -25.00
N GLN F 195 -3.52 -33.34 -24.53
CA GLN F 195 -3.99 -34.70 -24.43
C GLN F 195 -3.73 -35.18 -23.00
N SER F 196 -4.81 -35.41 -22.25
CA SER F 196 -4.73 -35.85 -20.85
C SER F 196 -3.69 -35.11 -20.01
N ASP F 197 -3.93 -33.81 -19.81
CA ASP F 197 -3.10 -33.01 -18.93
C ASP F 197 -1.60 -32.88 -19.31
N LEU F 198 -1.27 -33.07 -20.58
CA LEU F 198 0.07 -32.71 -21.08
C LEU F 198 -0.04 -32.08 -22.46
N TYR F 199 0.65 -30.94 -22.65
CA TYR F 199 0.59 -30.24 -23.92
C TYR F 199 1.75 -30.62 -24.81
N THR F 200 1.50 -30.60 -26.11
CA THR F 200 2.57 -30.67 -27.09
C THR F 200 2.35 -29.54 -28.07
N LEU F 201 3.43 -28.88 -28.42
CA LEU F 201 3.40 -27.79 -29.38
C LEU F 201 4.57 -28.00 -30.31
N SER F 202 4.41 -27.59 -31.57
CA SER F 202 5.52 -27.61 -32.51
C SER F 202 5.62 -26.28 -33.24
N SER F 203 6.78 -26.01 -33.83
CA SER F 203 6.99 -24.80 -34.61
C SER F 203 7.94 -25.12 -35.77
N SER F 204 7.61 -24.66 -36.96
CA SER F 204 8.50 -24.82 -38.10
C SER F 204 8.99 -23.47 -38.56
N VAL F 205 10.17 -23.45 -39.14
CA VAL F 205 10.68 -22.24 -39.78
C VAL F 205 11.26 -22.65 -41.14
N THR F 206 10.93 -21.87 -42.17
CA THR F 206 11.41 -22.15 -43.51
C THR F 206 12.41 -21.07 -43.94
N VAL F 207 13.61 -21.49 -44.30
CA VAL F 207 14.67 -20.56 -44.75
C VAL F 207 15.35 -21.08 -46.02
N PRO F 208 15.99 -20.19 -46.80
CA PRO F 208 16.72 -20.63 -48.00
C PRO F 208 17.82 -21.63 -47.64
N SER F 209 18.13 -22.56 -48.54
CA SER F 209 19.19 -23.53 -48.28
C SER F 209 20.55 -22.84 -48.15
N SER F 210 20.66 -21.65 -48.72
CA SER F 210 21.89 -20.89 -48.62
C SER F 210 22.10 -20.36 -47.20
N THR F 211 21.02 -20.21 -46.45
CA THR F 211 21.09 -19.63 -45.11
C THR F 211 21.41 -20.64 -44.02
N TRP F 212 20.92 -21.86 -44.15
CA TRP F 212 21.20 -22.90 -43.16
C TRP F 212 21.82 -24.10 -43.88
N PRO F 213 22.81 -24.76 -43.25
CA PRO F 213 23.33 -24.49 -41.91
C PRO F 213 24.44 -23.44 -41.82
N SER F 214 24.66 -22.67 -42.88
CA SER F 214 25.73 -21.66 -42.85
C SER F 214 25.47 -20.57 -41.81
N GLU F 215 24.21 -20.16 -41.67
CA GLU F 215 23.86 -19.25 -40.58
C GLU F 215 23.22 -20.02 -39.44
N THR F 216 23.24 -19.44 -38.25
CA THR F 216 22.63 -20.08 -37.09
C THR F 216 21.10 -20.02 -37.19
N VAL F 217 20.45 -21.12 -36.82
CA VAL F 217 19.01 -21.10 -36.61
C VAL F 217 18.72 -21.79 -35.29
N THR F 218 18.14 -21.03 -34.36
CA THR F 218 17.89 -21.53 -33.02
C THR F 218 16.49 -21.19 -32.55
N CYS F 219 15.80 -22.17 -31.97
CA CYS F 219 14.50 -21.88 -31.42
C CYS F 219 14.65 -21.64 -29.93
N ASN F 220 13.91 -20.64 -29.45
CA ASN F 220 13.95 -20.25 -28.06
C ASN F 220 12.61 -20.56 -27.42
N VAL F 221 12.64 -21.34 -26.34
CA VAL F 221 11.42 -21.80 -25.69
C VAL F 221 11.37 -21.35 -24.23
N ALA F 222 10.27 -20.71 -23.87
CA ALA F 222 10.05 -20.30 -22.50
C ALA F 222 8.76 -20.92 -21.96
N HIS F 223 8.87 -21.53 -20.79
CA HIS F 223 7.69 -22.00 -20.06
C HIS F 223 7.76 -21.43 -18.65
N PRO F 224 7.18 -20.23 -18.45
CA PRO F 224 7.27 -19.48 -17.19
C PRO F 224 6.74 -20.25 -15.99
N ALA F 225 5.70 -21.05 -16.18
CA ALA F 225 5.12 -21.79 -15.07
C ALA F 225 6.14 -22.72 -14.39
N SER F 226 7.08 -23.26 -15.16
CA SER F 226 8.06 -24.17 -14.60
C SER F 226 9.44 -23.51 -14.52
N SER F 227 9.47 -22.20 -14.71
CA SER F 227 10.72 -21.44 -14.72
C SER F 227 11.73 -22.04 -15.71
N THR F 228 11.26 -22.36 -16.91
CA THR F 228 12.12 -23.00 -17.90
C THR F 228 12.44 -22.06 -19.06
N LYS F 229 13.73 -21.94 -19.37
CA LYS F 229 14.18 -21.31 -20.60
C LYS F 229 15.19 -22.22 -21.29
N VAL F 230 14.92 -22.55 -22.56
CA VAL F 230 15.89 -23.33 -23.32
C VAL F 230 16.10 -22.75 -24.72
N ASP F 231 17.32 -22.92 -25.22
CA ASP F 231 17.65 -22.55 -26.58
C ASP F 231 18.11 -23.82 -27.27
N LYS F 232 17.49 -24.15 -28.38
CA LYS F 232 17.90 -25.34 -29.11
C LYS F 232 18.37 -24.95 -30.51
N LYS F 233 19.68 -25.00 -30.71
CA LYS F 233 20.28 -24.70 -32.00
C LYS F 233 19.98 -25.86 -32.93
N ILE F 234 19.59 -25.56 -34.17
CA ILE F 234 19.32 -26.63 -35.12
C ILE F 234 20.56 -26.90 -35.96
N VAL F 235 21.10 -28.10 -35.83
CA VAL F 235 22.32 -28.48 -36.53
C VAL F 235 22.07 -29.69 -37.42
N PRO F 236 22.86 -29.85 -38.49
CA PRO F 236 22.63 -30.97 -39.42
C PRO F 236 22.82 -32.33 -38.74
N ARG F 237 22.05 -33.32 -39.16
CA ARG F 237 22.13 -34.67 -38.59
C ARG F 237 23.37 -35.42 -39.05
N ASP G 20 25.94 11.15 13.70
CA ASP G 20 26.01 10.15 12.63
C ASP G 20 25.00 10.45 11.55
N VAL G 21 25.42 10.27 10.31
CA VAL G 21 24.52 10.46 9.17
C VAL G 21 23.53 9.30 9.08
N VAL G 22 22.24 9.62 9.04
CA VAL G 22 21.21 8.60 8.97
C VAL G 22 20.80 8.34 7.52
N MET G 23 20.85 7.08 7.12
CA MET G 23 20.44 6.70 5.77
C MET G 23 19.08 6.00 5.85
N THR G 24 18.11 6.57 5.15
CA THR G 24 16.74 6.04 5.17
C THR G 24 16.36 5.56 3.77
N GLN G 25 16.04 4.28 3.67
CA GLN G 25 15.61 3.70 2.39
C GLN G 25 14.10 3.50 2.33
N THR G 26 13.53 3.69 1.15
CA THR G 26 12.12 3.45 0.92
C THR G 26 11.94 2.82 -0.46
N PRO G 27 11.09 1.79 -0.57
CA PRO G 27 10.34 1.18 0.54
C PRO G 27 11.18 0.14 1.24
N LEU G 28 10.65 -0.49 2.27
CA LEU G 28 11.38 -1.55 2.96
C LEU G 28 11.36 -2.84 2.12
N SER G 29 10.28 -3.03 1.37
CA SER G 29 10.10 -4.22 0.57
C SER G 29 9.51 -3.85 -0.78
N LEU G 30 9.96 -4.52 -1.84
CA LEU G 30 9.57 -4.12 -3.19
C LEU G 30 9.38 -5.32 -4.11
N PRO G 31 8.12 -5.69 -4.36
CA PRO G 31 7.86 -6.80 -5.28
C PRO G 31 7.82 -6.30 -6.72
N VAL G 32 8.50 -7.02 -7.61
CA VAL G 32 8.59 -6.60 -9.01
C VAL G 32 8.48 -7.81 -9.91
N SER G 33 7.78 -7.64 -11.04
CA SER G 33 7.68 -8.72 -12.01
C SER G 33 8.95 -8.80 -12.85
N LEU G 34 9.28 -10.00 -13.32
CA LEU G 34 10.42 -10.18 -14.22
C LEU G 34 10.30 -9.25 -15.41
N GLY G 35 11.42 -8.63 -15.78
CA GLY G 35 11.45 -7.73 -16.92
C GLY G 35 11.00 -6.31 -16.62
N ASP G 36 10.30 -6.13 -15.51
CA ASP G 36 9.86 -4.80 -15.10
C ASP G 36 11.00 -4.04 -14.42
N GLN G 37 10.74 -2.78 -14.10
CA GLN G 37 11.75 -1.92 -13.51
C GLN G 37 11.48 -1.67 -12.03
N ALA G 38 12.51 -1.88 -11.22
CA ALA G 38 12.43 -1.62 -9.79
C ALA G 38 13.19 -0.35 -9.46
N SER G 39 12.63 0.45 -8.56
CA SER G 39 13.26 1.70 -8.15
C SER G 39 13.33 1.81 -6.63
N ILE G 40 14.55 1.93 -6.10
CA ILE G 40 14.78 2.02 -4.66
C ILE G 40 15.29 3.41 -4.28
N SER G 41 14.72 3.98 -3.22
CA SER G 41 15.10 5.32 -2.79
C SER G 41 15.94 5.33 -1.52
N CYS G 42 16.91 6.23 -1.46
CA CYS G 42 17.75 6.38 -0.28
C CYS G 42 17.94 7.86 0.07
N ARG G 43 17.71 8.20 1.33
CA ARG G 43 17.86 9.58 1.79
C ARG G 43 18.86 9.68 2.92
N SER G 44 19.80 10.61 2.81
CA SER G 44 20.79 10.83 3.85
C SER G 44 20.43 12.09 4.65
N SER G 45 20.74 12.07 5.94
CA SER G 45 20.40 13.21 6.81
C SER G 45 21.30 14.42 6.54
N GLN G 46 22.40 14.20 5.82
CA GLN G 46 23.28 15.28 5.42
C GLN G 46 23.73 15.10 3.97
N SER G 47 24.15 16.19 3.35
CA SER G 47 24.60 16.13 1.96
C SER G 47 25.85 15.28 1.87
N LEU G 48 25.92 14.46 0.83
CA LEU G 48 27.04 13.55 0.66
C LEU G 48 28.02 14.10 -0.36
N VAL G 49 27.78 15.35 -0.78
CA VAL G 49 28.66 16.02 -1.71
C VAL G 49 29.94 16.45 -0.97
N HIS G 50 31.09 16.09 -1.53
CA HIS G 50 32.37 16.45 -0.92
C HIS G 50 32.99 17.62 -1.65
N SER G 51 33.83 18.38 -0.95
CA SER G 51 34.50 19.53 -1.54
C SER G 51 35.31 19.16 -2.77
N ASN G 52 35.78 17.92 -2.83
CA ASN G 52 36.58 17.44 -3.95
C ASN G 52 35.77 17.21 -5.22
N GLY G 53 34.45 17.39 -5.11
CA GLY G 53 33.57 17.25 -6.24
C GLY G 53 32.85 15.92 -6.29
N ASN G 54 33.29 14.98 -5.45
CA ASN G 54 32.69 13.65 -5.43
C ASN G 54 31.54 13.52 -4.46
N THR G 55 30.61 12.62 -4.77
CA THR G 55 29.52 12.31 -3.86
C THR G 55 29.64 10.86 -3.40
N TYR G 56 29.83 10.69 -2.10
CA TYR G 56 30.18 9.39 -1.55
C TYR G 56 28.95 8.60 -1.12
N LEU G 57 28.17 8.20 -2.11
CA LEU G 57 26.99 7.37 -1.90
C LEU G 57 27.21 6.07 -2.67
N HIS G 58 27.04 4.94 -1.98
CA HIS G 58 27.28 3.63 -2.60
C HIS G 58 26.11 2.68 -2.37
N TRP G 59 25.97 1.72 -3.27
CA TRP G 59 24.92 0.70 -3.17
C TRP G 59 25.54 -0.68 -3.09
N PHE G 60 25.04 -1.48 -2.16
CA PHE G 60 25.48 -2.86 -2.01
C PHE G 60 24.28 -3.78 -2.20
N LEU G 61 24.53 -4.99 -2.69
CA LEU G 61 23.51 -6.02 -2.77
C LEU G 61 23.97 -7.27 -2.04
N GLN G 62 23.14 -7.78 -1.14
CA GLN G 62 23.41 -9.04 -0.48
C GLN G 62 22.39 -10.08 -0.93
N LYS G 63 22.84 -11.07 -1.68
CA LYS G 63 21.98 -12.16 -2.11
C LYS G 63 21.88 -13.20 -1.00
N PRO G 64 20.82 -14.02 -1.02
CA PRO G 64 20.62 -15.02 0.03
C PRO G 64 21.82 -15.92 0.25
N GLY G 65 22.27 -16.02 1.50
CA GLY G 65 23.37 -16.90 1.86
C GLY G 65 24.75 -16.34 1.50
N GLN G 66 24.78 -15.17 0.87
CA GLN G 66 26.04 -14.57 0.45
C GLN G 66 26.41 -13.35 1.29
N SER G 67 27.63 -12.87 1.09
CA SER G 67 28.09 -11.63 1.72
C SER G 67 27.56 -10.46 0.93
N PRO G 68 27.53 -9.27 1.56
CA PRO G 68 27.18 -8.09 0.75
C PRO G 68 28.25 -7.84 -0.30
N LYS G 69 27.84 -7.40 -1.48
CA LYS G 69 28.77 -7.09 -2.57
C LYS G 69 28.52 -5.68 -3.08
N LEU G 70 29.60 -4.98 -3.41
CA LEU G 70 29.50 -3.65 -3.97
C LEU G 70 28.88 -3.69 -5.37
N LEU G 71 27.84 -2.89 -5.57
CA LEU G 71 27.16 -2.77 -6.85
C LEU G 71 27.59 -1.50 -7.55
N ILE G 72 27.31 -0.39 -6.88
CA ILE G 72 27.57 0.93 -7.43
C ILE G 72 28.32 1.76 -6.41
N TYR G 73 29.30 2.53 -6.88
CA TYR G 73 30.06 3.44 -6.01
C TYR G 73 29.96 4.88 -6.54
N LYS G 74 30.07 5.85 -5.64
CA LYS G 74 29.99 7.26 -6.00
C LYS G 74 28.76 7.59 -6.87
N VAL G 75 27.59 7.22 -6.34
CA VAL G 75 26.29 7.49 -6.94
C VAL G 75 25.96 6.70 -8.22
N SER G 76 26.79 6.82 -9.25
CA SER G 76 26.43 6.26 -10.55
C SER G 76 27.46 5.31 -11.17
N ASN G 77 28.59 5.11 -10.52
CA ASN G 77 29.62 4.24 -11.11
C ASN G 77 29.36 2.76 -10.83
N ARG G 78 29.35 1.95 -11.87
CA ARG G 78 29.11 0.52 -11.73
C ARG G 78 30.39 -0.22 -11.38
N PHE G 79 30.31 -1.08 -10.37
CA PHE G 79 31.46 -1.87 -9.96
C PHE G 79 31.64 -3.03 -10.93
N SER G 80 32.73 -3.79 -10.78
CA SER G 80 33.08 -4.86 -11.71
C SER G 80 32.04 -5.98 -11.80
N GLY G 81 31.56 -6.23 -13.02
CA GLY G 81 30.63 -7.32 -13.27
C GLY G 81 29.18 -6.87 -13.22
N VAL G 82 28.97 -5.59 -12.99
CA VAL G 82 27.63 -5.04 -12.80
C VAL G 82 27.07 -4.48 -14.11
N PRO G 83 25.99 -5.11 -14.62
CA PRO G 83 25.44 -4.78 -15.94
C PRO G 83 24.77 -3.41 -15.95
N GLU G 84 24.61 -2.88 -17.16
CA GLU G 84 24.05 -1.55 -17.38
C GLU G 84 22.65 -1.39 -16.82
N ARG G 85 21.92 -2.49 -16.66
CA ARG G 85 20.53 -2.41 -16.21
C ARG G 85 20.43 -1.88 -14.78
N PHE G 86 21.52 -1.98 -14.03
CA PHE G 86 21.63 -1.35 -12.73
C PHE G 86 22.17 0.06 -12.92
N SER G 87 21.42 1.06 -12.48
CA SER G 87 21.91 2.44 -12.58
C SER G 87 21.55 3.27 -11.36
N GLY G 88 22.53 3.99 -10.84
CA GLY G 88 22.33 4.86 -9.69
C GLY G 88 22.25 6.32 -10.10
N SER G 89 21.48 7.09 -9.34
CA SER G 89 21.28 8.49 -9.65
C SER G 89 20.98 9.28 -8.39
N GLY G 90 20.95 10.61 -8.53
CA GLY G 90 20.64 11.47 -7.40
C GLY G 90 21.76 12.43 -7.09
N SER G 91 21.52 13.32 -6.13
CA SER G 91 22.51 14.28 -5.71
C SER G 91 22.16 14.77 -4.31
N GLY G 92 23.14 15.36 -3.64
CA GLY G 92 22.92 15.91 -2.32
C GLY G 92 22.49 14.90 -1.27
N THR G 93 21.21 14.92 -0.91
CA THR G 93 20.71 14.03 0.12
C THR G 93 19.74 12.98 -0.41
N ASP G 94 19.44 13.00 -1.70
CA ASP G 94 18.48 12.05 -2.24
C ASP G 94 19.00 11.23 -3.43
N PHE G 95 18.88 9.92 -3.31
CA PHE G 95 19.47 9.02 -4.30
C PHE G 95 18.49 7.92 -4.72
N THR G 96 18.71 7.36 -5.90
CA THR G 96 17.80 6.36 -6.46
C THR G 96 18.57 5.27 -7.19
N LEU G 97 18.26 4.01 -6.87
CA LEU G 97 18.82 2.89 -7.61
C LEU G 97 17.75 2.33 -8.52
N LYS G 98 18.05 2.27 -9.80
CA LYS G 98 17.13 1.75 -10.79
C LYS G 98 17.63 0.39 -11.25
N ILE G 99 16.80 -0.62 -11.07
CA ILE G 99 17.06 -1.92 -11.66
C ILE G 99 16.10 -2.12 -12.81
N SER G 100 16.64 -2.23 -14.02
CA SER G 100 15.80 -2.37 -15.20
C SER G 100 15.85 -3.80 -15.72
N ARG G 101 14.72 -4.23 -16.28
CA ARG G 101 14.60 -5.59 -16.79
C ARG G 101 15.03 -6.61 -15.73
N VAL G 102 14.40 -6.48 -14.56
CA VAL G 102 14.69 -7.32 -13.40
C VAL G 102 14.70 -8.81 -13.76
N GLU G 103 15.73 -9.50 -13.29
CA GLU G 103 15.80 -10.95 -13.44
C GLU G 103 15.69 -11.56 -12.05
N ALA G 104 15.27 -12.82 -11.99
CA ALA G 104 15.08 -13.51 -10.71
C ALA G 104 16.35 -13.54 -9.87
N GLU G 105 17.50 -13.67 -10.53
CA GLU G 105 18.79 -13.69 -9.83
C GLU G 105 19.09 -12.37 -9.11
N ASP G 106 18.29 -11.34 -9.35
CA ASP G 106 18.52 -10.04 -8.74
C ASP G 106 17.92 -9.89 -7.35
N LEU G 107 17.15 -10.89 -6.92
CA LEU G 107 16.51 -10.79 -5.62
C LEU G 107 17.53 -10.80 -4.50
N GLY G 108 17.23 -10.10 -3.43
CA GLY G 108 18.12 -9.96 -2.30
C GLY G 108 17.86 -8.63 -1.63
N VAL G 109 18.76 -8.21 -0.75
CA VAL G 109 18.58 -6.94 -0.05
C VAL G 109 19.57 -5.91 -0.58
N TYR G 110 19.04 -4.77 -1.00
CA TYR G 110 19.88 -3.68 -1.51
C TYR G 110 20.09 -2.66 -0.41
N PHE G 111 21.35 -2.27 -0.20
CA PHE G 111 21.69 -1.34 0.86
C PHE G 111 22.34 -0.09 0.27
N CYS G 112 21.91 1.10 0.69
CA CYS G 112 22.70 2.29 0.38
C CYS G 112 23.66 2.57 1.54
N SER G 113 24.72 3.32 1.26
CA SER G 113 25.75 3.57 2.25
C SER G 113 26.49 4.85 1.94
N GLN G 114 27.01 5.50 2.98
CA GLN G 114 27.81 6.70 2.77
C GLN G 114 29.19 6.58 3.43
N SER G 115 30.20 7.15 2.77
CA SER G 115 31.56 7.14 3.28
C SER G 115 32.14 8.55 3.26
N LYS G 116 31.27 9.55 3.23
CA LYS G 116 31.72 10.94 3.29
C LYS G 116 32.05 11.32 4.73
N TYR G 117 31.22 10.89 5.66
CA TYR G 117 31.44 11.18 7.06
C TYR G 117 31.80 9.92 7.85
N VAL G 118 32.61 10.10 8.88
CA VAL G 118 32.87 9.05 9.84
C VAL G 118 31.93 9.28 11.02
N PRO G 119 31.23 8.22 11.47
CA PRO G 119 31.29 6.84 10.97
C PRO G 119 30.61 6.67 9.62
N TYR G 120 31.16 5.77 8.82
CA TYR G 120 30.48 5.29 7.63
C TYR G 120 29.18 4.60 8.06
N THR G 121 28.09 4.87 7.37
CA THR G 121 26.79 4.33 7.75
C THR G 121 26.04 3.71 6.58
N PHE G 122 25.14 2.80 6.89
CA PHE G 122 24.33 2.10 5.89
C PHE G 122 22.85 2.35 6.13
N GLY G 123 22.06 2.26 5.06
CA GLY G 123 20.61 2.24 5.18
C GLY G 123 20.19 0.87 5.71
N GLY G 124 18.92 0.74 6.08
CA GLY G 124 18.43 -0.50 6.67
C GLY G 124 18.22 -1.61 5.65
N GLY G 125 18.27 -1.25 4.37
CA GLY G 125 18.14 -2.21 3.29
C GLY G 125 16.73 -2.28 2.72
N THR G 126 16.64 -2.54 1.43
CA THR G 126 15.36 -2.73 0.75
C THR G 126 15.36 -4.12 0.14
N LYS G 127 14.40 -4.95 0.53
CA LYS G 127 14.36 -6.29 -0.05
C LYS G 127 13.65 -6.33 -1.40
N LEU G 128 14.35 -6.83 -2.41
CA LEU G 128 13.73 -7.00 -3.73
C LEU G 128 13.06 -8.36 -3.80
N GLU G 129 11.75 -8.37 -4.02
CA GLU G 129 11.00 -9.62 -4.15
C GLU G 129 10.53 -9.84 -5.58
N ILE G 130 10.73 -11.05 -6.11
CA ILE G 130 10.28 -11.35 -7.47
C ILE G 130 8.81 -11.80 -7.50
N LYS G 131 7.99 -11.15 -8.33
CA LYS G 131 6.61 -11.58 -8.51
C LYS G 131 6.54 -12.82 -9.39
N ARG G 132 5.68 -13.77 -9.02
CA ARG G 132 5.43 -14.93 -9.86
C ARG G 132 4.00 -15.42 -9.70
N ALA G 133 3.67 -16.49 -10.41
CA ALA G 133 2.31 -17.03 -10.35
C ALA G 133 2.05 -17.65 -8.98
N ASP G 134 0.79 -17.68 -8.58
CA ASP G 134 0.41 -18.34 -7.34
C ASP G 134 0.88 -19.79 -7.30
N ALA G 135 1.21 -20.26 -6.10
CA ALA G 135 1.55 -21.65 -5.89
C ALA G 135 1.19 -22.04 -4.46
N ALA G 136 0.26 -22.98 -4.32
CA ALA G 136 -0.11 -23.51 -3.01
C ALA G 136 1.08 -24.27 -2.43
N PRO G 137 1.24 -24.21 -1.11
CA PRO G 137 2.35 -24.96 -0.50
C PRO G 137 2.16 -26.47 -0.57
N THR G 138 3.26 -27.21 -0.68
CA THR G 138 3.23 -28.65 -0.46
C THR G 138 3.49 -28.90 1.01
N VAL G 139 2.51 -29.51 1.68
CA VAL G 139 2.53 -29.63 3.13
C VAL G 139 2.76 -31.08 3.57
N SER G 140 3.73 -31.28 4.46
CA SER G 140 4.04 -32.61 4.97
C SER G 140 4.18 -32.53 6.48
N ILE G 141 3.58 -33.49 7.18
CA ILE G 141 3.63 -33.52 8.64
C ILE G 141 4.46 -34.71 9.13
N PHE G 142 5.16 -34.52 10.25
CA PHE G 142 6.02 -35.56 10.80
C PHE G 142 5.89 -35.67 12.31
N PRO G 143 5.63 -36.88 12.80
CA PRO G 143 5.58 -37.14 14.24
C PRO G 143 6.98 -37.12 14.84
N PRO G 144 7.09 -36.96 16.16
CA PRO G 144 8.39 -37.08 16.82
C PRO G 144 9.03 -38.41 16.48
N SER G 145 10.33 -38.40 16.19
CA SER G 145 11.06 -39.64 15.94
C SER G 145 11.15 -40.46 17.21
N SER G 146 11.46 -41.74 17.07
CA SER G 146 11.65 -42.62 18.21
C SER G 146 12.83 -42.15 19.06
N GLU G 147 13.88 -41.69 18.39
CA GLU G 147 15.07 -41.20 19.09
C GLU G 147 14.76 -40.05 20.06
N GLN G 148 13.93 -39.10 19.62
CA GLN G 148 13.62 -37.93 20.46
C GLN G 148 12.75 -38.30 21.66
N LEU G 149 11.88 -39.28 21.46
CA LEU G 149 10.94 -39.67 22.51
C LEU G 149 11.68 -40.24 23.73
N THR G 150 12.83 -40.86 23.49
CA THR G 150 13.68 -41.36 24.57
C THR G 150 14.18 -40.21 25.44
N SER G 151 14.53 -39.11 24.80
CA SER G 151 15.09 -37.94 25.48
C SER G 151 14.08 -37.32 26.44
N GLY G 152 12.80 -37.57 26.20
CA GLY G 152 11.75 -36.98 27.03
C GLY G 152 11.14 -35.75 26.40
N GLY G 153 11.45 -35.53 25.12
CA GLY G 153 10.91 -34.41 24.38
C GLY G 153 10.14 -34.86 23.15
N ALA G 154 9.31 -33.97 22.61
CA ALA G 154 8.50 -34.32 21.46
C ALA G 154 8.27 -33.14 20.53
N SER G 155 8.77 -33.24 19.30
CA SER G 155 8.59 -32.20 18.31
C SER G 155 7.81 -32.75 17.12
N VAL G 156 6.70 -32.09 16.81
CA VAL G 156 5.95 -32.41 15.59
C VAL G 156 6.35 -31.39 14.53
N VAL G 157 6.74 -31.85 13.35
CA VAL G 157 7.28 -30.97 12.33
C VAL G 157 6.38 -30.93 11.09
N CYS G 158 6.17 -29.72 10.56
CA CYS G 158 5.37 -29.55 9.37
C CYS G 158 6.12 -28.69 8.36
N PHE G 159 6.44 -29.27 7.21
CA PHE G 159 7.08 -28.50 6.14
C PHE G 159 6.01 -27.96 5.21
N LEU G 160 6.20 -26.72 4.77
CA LEU G 160 5.29 -26.04 3.85
C LEU G 160 6.13 -25.45 2.74
N ASN G 161 6.25 -26.18 1.65
CA ASN G 161 7.31 -25.94 0.66
C ASN G 161 6.82 -25.41 -0.67
N ASN G 162 7.66 -24.55 -1.27
CA ASN G 162 7.47 -24.04 -2.62
C ASN G 162 6.14 -23.35 -2.86
N PHE G 163 5.84 -22.34 -2.05
CA PHE G 163 4.61 -21.59 -2.20
C PHE G 163 4.83 -20.12 -2.57
N TYR G 164 3.80 -19.51 -3.13
CA TYR G 164 3.81 -18.09 -3.44
C TYR G 164 2.36 -17.62 -3.50
N PRO G 165 2.07 -16.44 -2.95
CA PRO G 165 2.99 -15.49 -2.31
C PRO G 165 3.36 -15.86 -0.88
N LYS G 166 4.16 -15.02 -0.24
CA LYS G 166 4.80 -15.36 1.03
C LYS G 166 3.82 -15.48 2.18
N ASP G 167 2.75 -14.69 2.15
CA ASP G 167 1.83 -14.66 3.27
C ASP G 167 1.13 -16.00 3.48
N ILE G 168 1.12 -16.46 4.72
CA ILE G 168 0.59 -17.77 5.03
C ILE G 168 0.26 -17.85 6.51
N ASN G 169 -0.76 -18.63 6.85
CA ASN G 169 -1.07 -18.89 8.25
C ASN G 169 -1.00 -20.37 8.55
N VAL G 170 -0.32 -20.69 9.63
CA VAL G 170 -0.18 -22.07 10.07
C VAL G 170 -0.83 -22.22 11.43
N LYS G 171 -1.66 -23.24 11.55
CA LYS G 171 -2.35 -23.49 12.80
C LYS G 171 -2.16 -24.94 13.21
N TRP G 172 -1.73 -25.15 14.45
CA TRP G 172 -1.55 -26.48 15.01
C TRP G 172 -2.75 -26.89 15.86
N LYS G 173 -3.24 -28.10 15.65
CA LYS G 173 -4.33 -28.64 16.48
C LYS G 173 -3.97 -29.99 17.08
N ILE G 174 -4.32 -30.15 18.36
CA ILE G 174 -4.11 -31.40 19.08
C ILE G 174 -5.46 -31.91 19.58
N ASP G 175 -5.90 -33.05 19.05
CA ASP G 175 -7.24 -33.59 19.31
C ASP G 175 -8.30 -32.52 19.09
N GLY G 176 -8.17 -31.77 18.00
CA GLY G 176 -9.13 -30.75 17.64
C GLY G 176 -8.90 -29.40 18.31
N SER G 177 -8.02 -29.35 19.29
CA SER G 177 -7.77 -28.11 20.02
C SER G 177 -6.59 -27.35 19.44
N GLU G 178 -6.82 -26.10 19.09
CA GLU G 178 -5.75 -25.22 18.63
C GLU G 178 -4.71 -25.03 19.72
N ARG G 179 -3.44 -25.24 19.38
CA ARG G 179 -2.34 -24.98 20.30
C ARG G 179 -1.53 -23.81 19.77
N GLN G 180 -1.47 -22.72 20.53
CA GLN G 180 -0.79 -21.52 20.05
C GLN G 180 0.67 -21.40 20.49
N ASN G 181 0.97 -21.79 21.72
CA ASN G 181 2.33 -21.67 22.26
C ASN G 181 3.24 -22.85 21.90
N GLY G 182 4.55 -22.62 21.91
CA GLY G 182 5.52 -23.68 21.67
C GLY G 182 5.76 -24.02 20.21
N VAL G 183 5.37 -23.12 19.32
CA VAL G 183 5.54 -23.31 17.89
C VAL G 183 6.66 -22.41 17.38
N LEU G 184 7.63 -23.01 16.68
CA LEU G 184 8.74 -22.26 16.10
C LEU G 184 8.78 -22.43 14.60
N ASN G 185 8.82 -21.30 13.89
CA ASN G 185 8.83 -21.29 12.45
C ASN G 185 10.14 -20.77 11.90
N SER G 186 10.53 -21.29 10.74
CA SER G 186 11.72 -20.81 10.06
C SER G 186 11.42 -20.74 8.57
N TRP G 187 11.96 -19.71 7.92
CA TRP G 187 11.65 -19.41 6.53
C TRP G 187 12.90 -19.38 5.66
N THR G 188 12.86 -20.01 4.50
CA THR G 188 13.92 -19.81 3.51
C THR G 188 13.76 -18.44 2.87
N ASP G 189 14.85 -17.90 2.34
CA ASP G 189 14.74 -16.71 1.49
C ASP G 189 14.03 -17.12 0.21
N GLN G 190 13.58 -16.14 -0.57
CA GLN G 190 12.97 -16.44 -1.85
C GLN G 190 13.98 -17.18 -2.71
N ASP G 191 13.52 -18.24 -3.37
CA ASP G 191 14.39 -19.09 -4.18
C ASP G 191 14.64 -18.42 -5.53
N SER G 192 15.91 -18.37 -5.93
CA SER G 192 16.27 -17.75 -7.19
C SER G 192 15.80 -18.62 -8.37
N LYS G 193 15.70 -19.92 -8.14
CA LYS G 193 15.33 -20.86 -9.20
C LYS G 193 13.85 -20.79 -9.61
N ASP G 194 12.94 -20.80 -8.64
CA ASP G 194 11.51 -20.76 -8.96
C ASP G 194 10.72 -19.61 -8.32
N SER G 195 11.41 -18.73 -7.61
CA SER G 195 10.78 -17.57 -6.96
C SER G 195 9.73 -17.94 -5.90
N THR G 196 9.78 -19.15 -5.40
CA THR G 196 8.88 -19.55 -4.33
C THR G 196 9.52 -19.38 -2.95
N TYR G 197 8.71 -19.56 -1.92
CA TYR G 197 9.17 -19.55 -0.54
C TYR G 197 8.94 -20.92 0.05
N SER G 198 9.71 -21.25 1.08
CA SER G 198 9.44 -22.46 1.84
C SER G 198 9.53 -22.16 3.33
N MET G 199 8.88 -22.98 4.13
CA MET G 199 8.81 -22.72 5.55
C MET G 199 8.68 -24.00 6.34
N SER G 200 9.27 -24.00 7.54
CA SER G 200 9.21 -25.14 8.43
C SER G 200 8.56 -24.69 9.73
N SER G 201 7.59 -25.46 10.20
CA SER G 201 6.95 -25.16 11.47
C SER G 201 7.07 -26.35 12.39
N THR G 202 7.55 -26.10 13.61
CA THR G 202 7.82 -27.17 14.58
C THR G 202 7.09 -26.92 15.88
N LEU G 203 6.19 -27.84 16.22
CA LEU G 203 5.48 -27.79 17.50
C LEU G 203 6.23 -28.64 18.50
N THR G 204 6.70 -28.02 19.57
CA THR G 204 7.39 -28.74 20.63
C THR G 204 6.53 -28.86 21.89
N LEU G 205 6.40 -30.09 22.37
CA LEU G 205 5.63 -30.41 23.56
C LEU G 205 6.49 -31.24 24.49
N THR G 206 6.14 -31.30 25.76
CA THR G 206 6.72 -32.31 26.62
C THR G 206 6.24 -33.67 26.11
N LYS G 207 7.08 -34.69 26.28
CA LYS G 207 6.71 -36.02 25.83
C LYS G 207 5.41 -36.48 26.51
N ASP G 208 5.22 -36.08 27.77
CA ASP G 208 4.01 -36.42 28.51
C ASP G 208 2.75 -35.85 27.85
N GLU G 209 2.74 -34.54 27.58
CA GLU G 209 1.59 -33.93 26.94
C GLU G 209 1.35 -34.54 25.56
N TYR G 210 2.45 -34.83 24.86
CA TYR G 210 2.35 -35.45 23.56
C TYR G 210 1.70 -36.83 23.65
N GLU G 211 2.02 -37.59 24.70
CA GLU G 211 1.53 -38.96 24.80
C GLU G 211 0.11 -39.04 25.36
N ARG G 212 -0.41 -37.92 25.84
CA ARG G 212 -1.80 -37.83 26.28
C ARG G 212 -2.79 -37.68 25.14
N HIS G 213 -2.31 -37.50 23.93
CA HIS G 213 -3.20 -37.16 22.82
C HIS G 213 -2.98 -37.98 21.57
N ASN G 214 -4.01 -38.09 20.74
CA ASN G 214 -3.97 -38.98 19.60
C ASN G 214 -3.75 -38.29 18.26
N SER G 215 -4.43 -37.17 18.03
CA SER G 215 -4.41 -36.54 16.71
C SER G 215 -3.66 -35.21 16.67
N TYR G 216 -2.72 -35.12 15.74
CA TYR G 216 -1.94 -33.90 15.53
C TYR G 216 -2.15 -33.36 14.13
N THR G 217 -2.57 -32.10 14.07
CA THR G 217 -2.94 -31.49 12.80
C THR G 217 -2.14 -30.21 12.51
N CYS G 218 -1.66 -30.14 11.27
CA CYS G 218 -1.03 -28.94 10.73
C CYS G 218 -1.96 -28.37 9.66
N GLU G 219 -2.47 -27.16 9.88
CA GLU G 219 -3.38 -26.50 8.93
C GLU G 219 -2.74 -25.25 8.32
N ALA G 220 -2.68 -25.20 6.99
CA ALA G 220 -2.08 -24.08 6.29
C ALA G 220 -3.13 -23.29 5.54
N THR G 221 -3.27 -22.02 5.86
CA THR G 221 -4.19 -21.17 5.13
C THR G 221 -3.36 -20.23 4.27
N HIS G 222 -3.66 -20.25 2.97
CA HIS G 222 -2.87 -19.54 1.99
C HIS G 222 -3.83 -18.99 0.94
N LYS G 223 -3.41 -17.96 0.22
CA LYS G 223 -4.33 -17.27 -0.69
C LYS G 223 -4.86 -18.17 -1.80
N THR G 224 -4.17 -19.28 -2.04
CA THR G 224 -4.55 -20.24 -3.08
C THR G 224 -5.81 -21.06 -2.78
N SER G 225 -6.38 -20.91 -1.59
CA SER G 225 -7.72 -21.46 -1.30
C SER G 225 -8.35 -20.86 -0.04
N THR G 226 -9.68 -20.81 -0.03
CA THR G 226 -10.41 -20.43 1.18
C THR G 226 -10.43 -21.57 2.19
N SER G 227 -10.15 -22.78 1.72
CA SER G 227 -10.09 -23.96 2.59
C SER G 227 -8.62 -24.22 2.94
N PRO G 228 -8.34 -24.46 4.23
CA PRO G 228 -6.95 -24.70 4.60
C PRO G 228 -6.45 -26.04 4.06
N ILE G 229 -5.15 -26.16 3.85
CA ILE G 229 -4.57 -27.47 3.61
C ILE G 229 -4.36 -28.13 4.96
N VAL G 230 -4.95 -29.30 5.14
CA VAL G 230 -4.92 -29.97 6.44
C VAL G 230 -4.13 -31.27 6.36
N LYS G 231 -3.06 -31.35 7.13
CA LYS G 231 -2.27 -32.58 7.22
C LYS G 231 -2.30 -33.13 8.65
N SER G 232 -2.54 -34.42 8.78
CA SER G 232 -2.65 -35.01 10.11
C SER G 232 -1.99 -36.37 10.21
N PHE G 233 -1.67 -36.75 11.42
CA PHE G 233 -1.33 -38.14 11.69
C PHE G 233 -1.98 -38.54 13.00
N ASN G 234 -2.37 -39.80 13.10
CA ASN G 234 -2.97 -40.32 14.32
C ASN G 234 -2.03 -41.32 14.98
N ARG G 235 -1.81 -41.16 16.28
CA ARG G 235 -0.92 -42.04 17.02
C ARG G 235 -1.37 -43.50 17.02
N ASN G 236 -2.69 -43.72 16.96
CA ASN G 236 -3.24 -45.07 17.00
C ASN G 236 -3.35 -45.72 15.62
N GLU H 20 42.89 -15.67 -8.34
CA GLU H 20 41.68 -14.89 -8.12
C GLU H 20 41.81 -14.02 -6.87
N VAL H 21 41.08 -12.91 -6.84
CA VAL H 21 41.06 -12.06 -5.65
C VAL H 21 40.15 -12.67 -4.61
N LYS H 22 40.61 -12.79 -3.39
CA LYS H 22 39.72 -13.18 -2.30
C LYS H 22 40.20 -12.63 -0.95
N LEU H 23 39.25 -12.46 -0.04
CA LEU H 23 39.53 -12.08 1.33
C LEU H 23 38.98 -13.16 2.23
N GLU H 24 39.74 -13.52 3.26
CA GLU H 24 39.31 -14.59 4.13
C GLU H 24 39.40 -14.15 5.57
N GLU H 25 38.27 -14.23 6.27
CA GLU H 25 38.20 -13.89 7.68
C GLU H 25 38.27 -15.16 8.52
N SER H 26 38.81 -15.03 9.72
CA SER H 26 38.98 -16.17 10.62
C SER H 26 39.19 -15.65 12.04
N GLY H 27 39.05 -16.54 13.01
CA GLY H 27 39.28 -16.17 14.40
C GLY H 27 38.00 -16.07 15.21
N GLY H 28 36.87 -16.05 14.52
CA GLY H 28 35.58 -15.88 15.17
C GLY H 28 35.17 -17.13 15.91
N GLY H 29 34.14 -17.01 16.74
CA GLY H 29 33.66 -18.13 17.51
C GLY H 29 32.92 -17.70 18.76
N LEU H 30 32.67 -18.66 19.65
CA LEU H 30 31.98 -18.36 20.89
C LEU H 30 32.91 -17.76 21.92
N VAL H 31 32.43 -16.75 22.64
CA VAL H 31 33.19 -16.12 23.71
C VAL H 31 32.23 -15.48 24.71
N GLN H 32 32.59 -15.57 25.99
CA GLN H 32 31.79 -15.05 27.09
C GLN H 32 31.82 -13.52 27.15
N PRO H 33 30.69 -12.89 27.52
CA PRO H 33 30.65 -11.43 27.73
C PRO H 33 31.77 -10.95 28.64
N GLY H 34 32.53 -9.95 28.18
CA GLY H 34 33.66 -9.44 28.93
C GLY H 34 34.96 -10.08 28.50
N GLY H 35 34.86 -11.12 27.66
CA GLY H 35 36.03 -11.81 27.16
C GLY H 35 36.71 -11.06 26.01
N SER H 36 37.71 -11.70 25.42
CA SER H 36 38.49 -11.10 24.35
C SER H 36 38.64 -12.05 23.18
N MET H 37 38.83 -11.48 21.98
CA MET H 37 38.93 -12.27 20.77
C MET H 37 39.63 -11.46 19.69
N LYS H 38 40.45 -12.13 18.87
CA LYS H 38 41.14 -11.46 17.78
C LYS H 38 40.77 -12.06 16.43
N LEU H 39 40.32 -11.20 15.52
CA LEU H 39 39.97 -11.64 14.18
C LEU H 39 41.08 -11.32 13.21
N SER H 40 41.20 -12.14 12.18
CA SER H 40 42.22 -11.95 11.18
C SER H 40 41.56 -11.91 9.82
N CYS H 41 42.07 -11.05 8.96
CA CYS H 41 41.59 -10.99 7.59
C CYS H 41 42.79 -11.06 6.66
N VAL H 42 42.81 -12.07 5.81
CA VAL H 42 43.93 -12.28 4.91
C VAL H 42 43.49 -12.20 3.46
N ALA H 43 44.19 -11.38 2.69
CA ALA H 43 43.90 -11.23 1.28
C ALA H 43 44.85 -12.09 0.45
N SER H 44 44.36 -12.58 -0.67
CA SER H 44 45.19 -13.33 -1.59
C SER H 44 44.88 -12.93 -3.01
N GLY H 45 45.90 -12.91 -3.86
CA GLY H 45 45.73 -12.57 -5.25
C GLY H 45 46.11 -11.12 -5.57
N PHE H 46 46.10 -10.28 -4.53
CA PHE H 46 46.43 -8.86 -4.66
C PHE H 46 47.05 -8.40 -3.36
N THR H 47 47.64 -7.20 -3.37
CA THR H 47 48.25 -6.66 -2.14
C THR H 47 47.38 -5.54 -1.55
N ILE H 48 47.29 -5.51 -0.23
CA ILE H 48 46.40 -4.56 0.46
C ILE H 48 47.14 -3.31 0.90
N SER H 49 48.44 -3.26 0.65
CA SER H 49 49.29 -2.22 1.19
C SER H 49 48.92 -0.81 0.74
N ASN H 50 48.31 -0.68 -0.44
CA ASN H 50 47.94 0.64 -0.95
C ASN H 50 46.46 1.01 -0.79
N TYR H 51 45.74 0.23 0.02
CA TYR H 51 44.32 0.47 0.24
C TYR H 51 43.95 0.63 1.71
N TRP H 52 43.02 1.54 1.99
CA TRP H 52 42.47 1.64 3.34
C TRP H 52 41.64 0.39 3.61
N MET H 53 41.79 -0.18 4.81
CA MET H 53 41.13 -1.42 5.15
C MET H 53 40.08 -1.21 6.24
N ASN H 54 38.92 -1.85 6.07
CA ASN H 54 37.80 -1.63 6.99
C ASN H 54 37.24 -2.93 7.53
N TRP H 55 36.85 -2.91 8.79
CA TRP H 55 36.04 -4.01 9.36
C TRP H 55 34.57 -3.57 9.42
N VAL H 56 33.69 -4.43 8.94
CA VAL H 56 32.24 -4.20 9.01
C VAL H 56 31.59 -5.45 9.59
N ARG H 57 30.55 -5.27 10.39
CA ARG H 57 29.83 -6.40 10.95
C ARG H 57 28.36 -6.32 10.58
N GLN H 58 27.70 -7.48 10.60
CA GLN H 58 26.29 -7.54 10.31
C GLN H 58 25.61 -8.41 11.34
N SER H 59 24.52 -7.90 11.91
CA SER H 59 23.70 -8.66 12.84
C SER H 59 22.27 -8.19 12.71
N PRO H 60 21.29 -9.02 13.13
CA PRO H 60 19.89 -8.59 13.15
C PRO H 60 19.69 -7.34 14.00
N GLU H 61 20.45 -7.22 15.09
CA GLU H 61 20.32 -6.04 15.96
C GLU H 61 20.87 -4.76 15.33
N LYS H 62 22.02 -4.85 14.67
CA LYS H 62 22.69 -3.64 14.18
C LYS H 62 22.60 -3.39 12.65
N GLY H 63 22.03 -4.32 11.90
CA GLY H 63 22.02 -4.22 10.44
C GLY H 63 23.45 -4.30 9.93
N LEU H 64 23.75 -3.57 8.86
CA LEU H 64 25.13 -3.40 8.45
C LEU H 64 25.73 -2.31 9.31
N ASP H 65 26.86 -2.60 9.95
CA ASP H 65 27.41 -1.73 10.97
C ASP H 65 28.92 -1.63 10.78
N TRP H 66 29.39 -0.46 10.36
CA TRP H 66 30.82 -0.21 10.18
C TRP H 66 31.52 -0.19 11.52
N VAL H 67 32.66 -0.88 11.62
CA VAL H 67 33.37 -1.01 12.89
C VAL H 67 34.64 -0.17 12.99
N ALA H 68 35.59 -0.37 12.07
CA ALA H 68 36.85 0.36 12.14
C ALA H 68 37.56 0.48 10.79
N GLU H 69 38.44 1.47 10.68
CA GLU H 69 39.23 1.66 9.47
C GLU H 69 40.70 1.90 9.83
N ILE H 70 41.61 1.33 9.03
CA ILE H 70 43.02 1.65 9.16
C ILE H 70 43.56 2.07 7.80
N ARG H 71 44.26 3.19 7.78
CA ARG H 71 44.77 3.74 6.52
C ARG H 71 46.19 3.28 6.23
N LEU H 72 46.87 3.95 5.32
CA LEU H 72 48.13 3.43 4.81
C LEU H 72 49.30 3.73 5.73
N LYS H 73 50.39 3.01 5.52
CA LYS H 73 51.66 3.34 6.16
C LYS H 73 52.00 4.81 5.89
N SER H 74 51.80 5.23 4.65
CA SER H 74 52.11 6.60 4.26
C SER H 74 51.14 7.63 4.86
N ASN H 75 50.03 7.15 5.43
CA ASN H 75 49.11 8.02 6.16
C ASN H 75 49.34 7.98 7.66
N ASN H 76 50.46 7.37 8.08
CA ASN H 76 50.77 7.15 9.50
C ASN H 76 49.81 6.16 10.16
N TYR H 77 49.30 5.23 9.36
CA TYR H 77 48.38 4.19 9.86
C TYR H 77 47.24 4.78 10.66
N VAL H 78 46.65 5.86 10.15
CA VAL H 78 45.54 6.52 10.83
C VAL H 78 44.34 5.58 10.98
N THR H 79 43.76 5.55 12.18
CA THR H 79 42.61 4.69 12.47
C THR H 79 41.36 5.50 12.87
N HIS H 80 40.19 4.91 12.63
CA HIS H 80 38.93 5.48 13.08
C HIS H 80 38.02 4.35 13.55
N TYR H 81 37.22 4.60 14.57
CA TYR H 81 36.40 3.55 15.16
C TYR H 81 34.95 4.00 15.31
N ALA H 82 34.02 3.05 15.23
CA ALA H 82 32.64 3.32 15.60
C ALA H 82 32.64 3.64 17.08
N GLU H 83 31.81 4.60 17.47
CA GLU H 83 31.74 5.04 18.86
C GLU H 83 31.51 3.87 19.82
N SER H 84 30.68 2.92 19.40
CA SER H 84 30.30 1.77 20.21
C SER H 84 31.45 0.82 20.52
N VAL H 85 32.57 0.95 19.79
CA VAL H 85 33.68 0.03 20.00
C VAL H 85 34.94 0.74 20.50
N LYS H 86 34.89 2.07 20.56
CA LYS H 86 36.04 2.87 20.97
C LYS H 86 36.53 2.49 22.37
N GLY H 87 37.80 2.15 22.49
CA GLY H 87 38.39 1.76 23.75
C GLY H 87 38.35 0.24 23.96
N ARG H 88 37.59 -0.45 23.11
CA ARG H 88 37.46 -1.89 23.24
C ARG H 88 38.09 -2.61 22.04
N PHE H 89 37.86 -2.09 20.84
CA PHE H 89 38.38 -2.71 19.64
C PHE H 89 39.65 -2.00 19.18
N THR H 90 40.62 -2.74 18.65
CA THR H 90 41.81 -2.17 18.05
C THR H 90 42.07 -2.78 16.69
N ILE H 91 42.15 -1.95 15.66
CA ILE H 91 42.44 -2.44 14.31
C ILE H 91 43.93 -2.24 14.02
N SER H 92 44.51 -3.19 13.31
CA SER H 92 45.91 -3.09 12.92
C SER H 92 46.11 -3.77 11.57
N ARG H 93 47.25 -3.54 10.93
CA ARG H 93 47.56 -4.18 9.66
C ARG H 93 49.00 -4.66 9.60
N ASP H 94 49.23 -5.69 8.82
CA ASP H 94 50.59 -6.14 8.50
C ASP H 94 50.68 -6.36 7.00
N ASP H 95 51.17 -5.34 6.30
CA ASP H 95 51.19 -5.37 4.84
C ASP H 95 52.07 -6.50 4.28
N SER H 96 53.12 -6.85 5.01
CA SER H 96 54.01 -7.92 4.56
C SER H 96 53.28 -9.27 4.60
N LYS H 97 52.31 -9.38 5.50
CA LYS H 97 51.49 -10.58 5.59
C LYS H 97 50.21 -10.42 4.79
N ASN H 98 50.00 -9.25 4.19
CA ASN H 98 48.78 -8.95 3.45
C ASN H 98 47.57 -9.18 4.34
N SER H 99 47.67 -8.76 5.59
CA SER H 99 46.64 -9.05 6.60
C SER H 99 46.28 -7.85 7.47
N VAL H 100 45.02 -7.81 7.89
CA VAL H 100 44.56 -6.83 8.87
C VAL H 100 43.93 -7.59 10.02
N TYR H 101 43.93 -6.98 11.20
CA TYR H 101 43.46 -7.67 12.39
C TYR H 101 42.49 -6.82 13.20
N LEU H 102 41.64 -7.48 13.97
CA LEU H 102 40.74 -6.78 14.87
C LEU H 102 40.82 -7.41 16.26
N GLN H 103 41.47 -6.71 17.18
CA GLN H 103 41.54 -7.14 18.57
C GLN H 103 40.32 -6.61 19.28
N MET H 104 39.55 -7.51 19.89
CA MET H 104 38.33 -7.14 20.57
C MET H 104 38.40 -7.54 22.03
N ASN H 105 38.31 -6.54 22.92
CA ASN H 105 38.34 -6.75 24.35
C ASN H 105 37.02 -6.28 24.95
N ASN H 106 36.68 -6.80 26.13
CA ASN H 106 35.40 -6.50 26.79
C ASN H 106 34.20 -6.68 25.84
N LEU H 107 34.11 -7.85 25.21
CA LEU H 107 33.05 -8.11 24.25
C LEU H 107 31.67 -8.13 24.91
N ARG H 108 30.73 -7.38 24.33
CA ARG H 108 29.38 -7.29 24.84
C ARG H 108 28.45 -8.15 23.97
N PRO H 109 27.25 -8.50 24.47
CA PRO H 109 26.29 -9.27 23.66
C PRO H 109 25.97 -8.60 22.33
N GLU H 110 25.82 -7.28 22.33
CA GLU H 110 25.53 -6.54 21.10
C GLU H 110 26.67 -6.55 20.07
N ASP H 111 27.84 -7.07 20.44
CA ASP H 111 28.92 -7.23 19.47
C ASP H 111 28.73 -8.48 18.63
N THR H 112 27.72 -9.28 18.99
CA THR H 112 27.46 -10.52 18.29
C THR H 112 27.16 -10.24 16.81
N GLY H 113 27.77 -11.01 15.92
CA GLY H 113 27.50 -10.87 14.51
C GLY H 113 28.55 -11.48 13.61
N ILE H 114 28.35 -11.35 12.31
CA ILE H 114 29.32 -11.80 11.32
C ILE H 114 30.21 -10.63 10.95
N TYR H 115 31.51 -10.83 11.06
CA TYR H 115 32.48 -9.76 10.86
C TYR H 115 33.22 -9.90 9.53
N TYR H 116 33.31 -8.78 8.82
CA TYR H 116 33.90 -8.75 7.49
C TYR H 116 34.99 -7.70 7.47
N CYS H 117 36.05 -7.97 6.72
CA CYS H 117 37.03 -6.93 6.42
C CYS H 117 37.02 -6.69 4.92
N THR H 118 37.25 -5.45 4.51
CA THR H 118 37.21 -5.10 3.09
C THR H 118 38.07 -3.86 2.81
N PRO H 119 38.79 -3.87 1.68
CA PRO H 119 39.44 -2.64 1.25
C PRO H 119 38.37 -1.71 0.73
N ILE H 120 38.59 -0.41 0.79
CA ILE H 120 37.65 0.53 0.18
C ILE H 120 38.38 1.44 -0.80
N TYR H 121 37.63 2.02 -1.74
CA TYR H 121 38.21 2.82 -2.82
C TYR H 121 39.25 1.98 -3.53
N SER H 122 38.82 0.82 -4.00
CA SER H 122 39.72 -0.22 -4.46
C SER H 122 39.00 -1.16 -5.43
N PRO H 123 39.72 -1.61 -6.46
CA PRO H 123 39.19 -2.60 -7.40
C PRO H 123 38.93 -3.93 -6.72
N PHE H 124 39.48 -4.09 -5.51
CA PHE H 124 39.39 -5.34 -4.78
C PHE H 124 38.47 -5.21 -3.58
N ALA H 125 37.47 -4.32 -3.70
CA ALA H 125 36.55 -4.07 -2.61
C ALA H 125 35.57 -5.23 -2.39
N TYR H 126 36.10 -6.39 -1.97
CA TYR H 126 35.29 -7.56 -1.65
C TYR H 126 35.32 -7.85 -0.15
N TRP H 127 34.26 -8.47 0.35
CA TRP H 127 34.06 -8.60 1.79
C TRP H 127 34.51 -9.92 2.39
N GLY H 128 34.81 -10.89 1.53
CA GLY H 128 35.08 -12.22 2.03
C GLY H 128 33.81 -12.89 2.54
N GLN H 129 33.96 -14.07 3.13
CA GLN H 129 32.81 -14.86 3.58
C GLN H 129 32.38 -14.49 4.99
N GLY H 130 33.25 -13.80 5.72
CA GLY H 130 32.94 -13.35 7.06
C GLY H 130 33.23 -14.40 8.11
N THR H 131 33.37 -13.95 9.35
CA THR H 131 33.60 -14.86 10.47
C THR H 131 32.62 -14.54 11.58
N LEU H 132 31.93 -15.57 12.07
CA LEU H 132 30.84 -15.39 13.02
C LEU H 132 31.38 -15.25 14.44
N VAL H 133 30.93 -14.20 15.13
CA VAL H 133 31.31 -13.98 16.51
C VAL H 133 30.07 -14.02 17.37
N THR H 134 30.03 -14.96 18.31
CA THR H 134 28.91 -15.09 19.22
C THR H 134 29.33 -14.76 20.63
N VAL H 135 28.77 -13.68 21.18
CA VAL H 135 29.08 -13.28 22.54
C VAL H 135 27.96 -13.68 23.50
N SER H 136 28.12 -14.83 24.15
CA SER H 136 27.11 -15.33 25.09
C SER H 136 27.73 -16.20 26.16
N ALA H 137 27.05 -16.29 27.30
CA ALA H 137 27.54 -17.14 28.39
C ALA H 137 27.05 -18.58 28.23
N ALA H 138 26.16 -18.80 27.27
CA ALA H 138 25.61 -20.12 27.00
C ALA H 138 26.70 -21.12 26.60
N LYS H 139 26.47 -22.38 26.93
CA LYS H 139 27.48 -23.42 26.75
C LYS H 139 27.41 -24.05 25.37
N THR H 140 28.57 -24.49 24.89
CA THR H 140 28.67 -25.23 23.66
C THR H 140 28.01 -26.59 23.83
N THR H 141 27.03 -26.90 22.98
CA THR H 141 26.21 -28.10 23.14
C THR H 141 25.99 -28.83 21.80
N PRO H 142 26.23 -30.15 21.79
CA PRO H 142 26.05 -30.94 20.55
C PRO H 142 24.59 -30.97 20.10
N PRO H 143 24.36 -31.21 18.80
CA PRO H 143 22.99 -31.30 18.29
C PRO H 143 22.45 -32.73 18.27
N SER H 144 21.20 -32.89 18.64
CA SER H 144 20.51 -34.14 18.43
C SER H 144 19.93 -34.11 17.01
N VAL H 145 20.32 -35.07 16.19
CA VAL H 145 19.82 -35.14 14.82
C VAL H 145 18.73 -36.19 14.76
N TYR H 146 17.51 -35.78 14.41
CA TYR H 146 16.38 -36.70 14.39
C TYR H 146 15.88 -36.93 12.98
N PRO H 147 15.54 -38.19 12.64
CA PRO H 147 15.00 -38.45 11.31
C PRO H 147 13.52 -38.09 11.25
N LEU H 148 13.10 -37.50 10.13
CA LEU H 148 11.69 -37.21 9.92
C LEU H 148 11.13 -38.11 8.81
N ALA H 149 10.42 -39.15 9.22
CA ALA H 149 9.85 -40.10 8.30
C ALA H 149 8.33 -40.00 8.33
N PRO H 150 7.69 -40.13 7.16
CA PRO H 150 6.23 -39.97 7.05
C PRO H 150 5.49 -41.22 7.51
N SER H 158 3.31 -39.87 -5.69
CA SER H 158 4.39 -40.05 -6.66
C SER H 158 5.68 -39.40 -6.18
N MET H 159 5.55 -38.43 -5.27
CA MET H 159 6.69 -37.76 -4.67
C MET H 159 6.62 -37.90 -3.14
N VAL H 160 7.78 -38.05 -2.51
CA VAL H 160 7.82 -38.24 -1.05
C VAL H 160 8.77 -37.24 -0.39
N THR H 161 8.34 -36.67 0.73
CA THR H 161 9.17 -35.72 1.46
C THR H 161 9.70 -36.31 2.77
N LEU H 162 11.01 -36.23 2.95
CA LEU H 162 11.64 -36.68 4.18
C LEU H 162 12.37 -35.50 4.81
N GLY H 163 12.85 -35.68 6.03
CA GLY H 163 13.54 -34.59 6.71
C GLY H 163 14.39 -34.91 7.93
N CYS H 164 14.99 -33.85 8.46
CA CYS H 164 16.01 -33.92 9.50
C CYS H 164 15.68 -32.83 10.52
N LEU H 165 15.56 -33.18 11.79
CA LEU H 165 15.39 -32.16 12.83
C LEU H 165 16.66 -32.06 13.66
N VAL H 166 17.34 -30.91 13.57
CA VAL H 166 18.58 -30.69 14.31
C VAL H 166 18.31 -29.78 15.50
N LYS H 167 18.30 -30.34 16.69
CA LYS H 167 17.77 -29.65 17.86
C LYS H 167 18.78 -29.48 18.98
N GLY H 168 18.65 -28.38 19.70
CA GLY H 168 19.38 -28.16 20.94
C GLY H 168 20.89 -28.02 20.82
N TYR H 169 21.35 -27.33 19.76
CA TYR H 169 22.78 -27.09 19.62
C TYR H 169 23.19 -25.64 19.89
N PHE H 170 24.48 -25.45 20.10
CA PHE H 170 25.03 -24.13 20.36
C PHE H 170 26.56 -24.20 20.23
N PRO H 171 27.16 -23.18 19.60
CA PRO H 171 26.50 -22.08 18.92
C PRO H 171 26.37 -22.39 17.43
N GLU H 172 25.97 -21.41 16.62
CA GLU H 172 25.99 -21.58 15.18
C GLU H 172 27.45 -21.69 14.75
N PRO H 173 27.72 -22.27 13.57
CA PRO H 173 26.76 -22.84 12.62
C PRO H 173 26.71 -24.36 12.67
N VAL H 174 25.80 -24.93 11.88
CA VAL H 174 25.84 -26.35 11.56
C VAL H 174 25.74 -26.49 10.06
N THR H 175 26.24 -27.61 9.55
CA THR H 175 26.16 -27.91 8.13
C THR H 175 25.25 -29.11 7.96
N VAL H 176 24.41 -29.09 6.93
CA VAL H 176 23.50 -30.20 6.66
C VAL H 176 23.48 -30.54 5.17
N THR H 177 23.69 -31.82 4.84
CA THR H 177 23.58 -32.27 3.46
C THR H 177 22.78 -33.56 3.37
N TRP H 178 22.43 -33.94 2.14
CA TRP H 178 21.69 -35.16 1.88
C TRP H 178 22.46 -36.09 0.96
N ASN H 179 22.60 -37.35 1.36
CA ASN H 179 23.38 -38.34 0.62
C ASN H 179 24.79 -37.83 0.30
N SER H 180 25.44 -37.30 1.34
CA SER H 180 26.80 -36.76 1.24
C SER H 180 26.95 -35.68 0.17
N GLY H 181 25.89 -34.88 -0.01
CA GLY H 181 25.94 -33.75 -0.91
C GLY H 181 25.58 -34.07 -2.35
N SER H 182 25.23 -35.32 -2.62
CA SER H 182 24.93 -35.75 -3.99
C SER H 182 23.44 -35.66 -4.30
N LEU H 183 22.68 -35.16 -3.35
CA LEU H 183 21.24 -34.99 -3.51
C LEU H 183 20.93 -33.53 -3.21
N SER H 184 21.40 -32.65 -4.07
CA SER H 184 21.25 -31.21 -3.86
C SER H 184 19.84 -30.74 -4.23
N SER H 185 19.28 -31.35 -5.28
CA SER H 185 18.00 -30.94 -5.82
C SER H 185 16.84 -31.30 -4.89
N GLY H 186 15.79 -30.48 -4.92
CA GLY H 186 14.61 -30.72 -4.12
C GLY H 186 14.87 -30.66 -2.62
N VAL H 187 15.78 -29.79 -2.21
CA VAL H 187 16.17 -29.71 -0.80
C VAL H 187 15.93 -28.33 -0.20
N HIS H 188 15.31 -28.30 0.98
CA HIS H 188 15.09 -27.05 1.69
C HIS H 188 15.74 -27.13 3.07
N THR H 189 16.81 -26.38 3.25
CA THR H 189 17.45 -26.30 4.55
C THR H 189 17.12 -24.96 5.17
N PHE H 190 16.42 -24.99 6.29
CA PHE H 190 15.87 -23.79 6.90
C PHE H 190 16.82 -23.20 7.92
N PRO H 191 16.82 -21.85 8.02
CA PRO H 191 17.70 -21.15 8.97
C PRO H 191 17.39 -21.54 10.40
N ALA H 192 18.42 -21.54 11.24
CA ALA H 192 18.28 -21.91 12.63
C ALA H 192 17.51 -20.85 13.40
N VAL H 193 16.79 -21.28 14.42
CA VAL H 193 16.07 -20.37 15.30
C VAL H 193 16.54 -20.59 16.73
N LEU H 194 16.89 -19.50 17.41
CA LEU H 194 17.41 -19.59 18.76
C LEU H 194 16.31 -19.38 19.80
N GLN H 195 16.19 -20.34 20.71
CA GLN H 195 15.24 -20.24 21.81
C GLN H 195 15.85 -20.76 23.09
N SER H 196 15.78 -19.94 24.15
CA SER H 196 16.29 -20.31 25.46
C SER H 196 17.71 -20.90 25.37
N ASP H 197 18.58 -20.18 24.67
CA ASP H 197 20.00 -20.51 24.57
C ASP H 197 20.32 -21.80 23.78
N LEU H 198 19.35 -22.32 23.03
CA LEU H 198 19.61 -23.43 22.13
C LEU H 198 19.03 -23.17 20.74
N TYR H 199 19.70 -23.70 19.72
CA TYR H 199 19.29 -23.51 18.33
C TYR H 199 18.54 -24.74 17.82
N THR H 200 17.57 -24.51 16.94
CA THR H 200 16.88 -25.60 16.27
C THR H 200 16.87 -25.33 14.78
N LEU H 201 17.15 -26.37 14.01
CA LEU H 201 17.20 -26.27 12.57
C LEU H 201 16.48 -27.47 11.99
N SER H 202 15.98 -27.34 10.76
CA SER H 202 15.38 -28.47 10.07
C SER H 202 15.75 -28.45 8.59
N SER H 203 15.64 -29.60 7.94
CA SER H 203 15.87 -29.68 6.51
C SER H 203 14.97 -30.74 5.91
N SER H 204 14.43 -30.45 4.73
CA SER H 204 13.54 -31.38 4.05
C SER H 204 14.12 -31.78 2.72
N VAL H 205 13.83 -33.01 2.30
CA VAL H 205 14.23 -33.49 0.98
C VAL H 205 13.06 -34.19 0.29
N THR H 206 12.85 -33.88 -0.99
CA THR H 206 11.73 -34.44 -1.73
C THR H 206 12.23 -35.30 -2.88
N VAL H 207 11.92 -36.60 -2.82
CA VAL H 207 12.37 -37.55 -3.82
C VAL H 207 11.19 -38.29 -4.43
N PRO H 208 11.38 -38.89 -5.61
CA PRO H 208 10.30 -39.70 -6.18
C PRO H 208 9.97 -40.86 -5.26
N SER H 209 8.69 -41.21 -5.14
CA SER H 209 8.27 -42.28 -4.23
C SER H 209 8.91 -43.62 -4.56
N SER H 210 9.15 -43.87 -5.84
CA SER H 210 9.71 -45.15 -6.28
C SER H 210 11.11 -45.40 -5.71
N THR H 211 11.93 -44.35 -5.67
CA THR H 211 13.31 -44.50 -5.23
C THR H 211 13.46 -44.65 -3.71
N TRP H 212 12.56 -44.04 -2.94
CA TRP H 212 12.57 -44.22 -1.50
C TRP H 212 11.37 -45.03 -1.02
N PRO H 213 11.60 -46.02 -0.15
CA PRO H 213 12.90 -46.35 0.44
C PRO H 213 13.66 -47.46 -0.29
N SER H 214 13.35 -47.75 -1.55
CA SER H 214 14.08 -48.76 -2.31
C SER H 214 15.55 -48.41 -2.37
N GLU H 215 15.82 -47.13 -2.61
CA GLU H 215 17.17 -46.60 -2.55
C GLU H 215 17.28 -45.74 -1.30
N THR H 216 18.37 -45.95 -0.55
CA THR H 216 18.57 -45.29 0.73
C THR H 216 18.77 -43.79 0.62
N VAL H 217 18.25 -43.05 1.60
CA VAL H 217 18.45 -41.60 1.70
C VAL H 217 18.87 -41.25 3.13
N THR H 218 19.84 -40.36 3.25
CA THR H 218 20.50 -40.12 4.53
C THR H 218 20.98 -38.68 4.69
N CYS H 219 20.73 -38.09 5.86
CA CYS H 219 21.13 -36.70 6.09
C CYS H 219 22.39 -36.57 6.94
N ASN H 220 23.31 -35.74 6.46
CA ASN H 220 24.60 -35.57 7.11
C ASN H 220 24.67 -34.22 7.80
N VAL H 221 24.74 -34.26 9.12
CA VAL H 221 24.79 -33.05 9.92
C VAL H 221 26.13 -32.93 10.61
N ALA H 222 26.81 -31.80 10.37
CA ALA H 222 28.09 -31.55 11.01
C ALA H 222 28.04 -30.28 11.85
N HIS H 223 28.41 -30.40 13.12
CA HIS H 223 28.52 -29.26 14.01
C HIS H 223 30.00 -29.03 14.32
N PRO H 224 30.61 -28.04 13.67
CA PRO H 224 32.03 -27.71 13.87
C PRO H 224 32.42 -27.40 15.32
N ALA H 225 31.64 -26.58 16.02
CA ALA H 225 32.02 -26.16 17.37
C ALA H 225 32.21 -27.35 18.31
N SER H 226 31.29 -28.30 18.24
CA SER H 226 31.39 -29.50 19.07
C SER H 226 32.18 -30.60 18.34
N SER H 227 32.57 -30.31 17.10
CA SER H 227 33.28 -31.26 16.23
C SER H 227 32.48 -32.55 16.02
N THR H 228 31.19 -32.39 15.75
CA THR H 228 30.30 -33.54 15.64
C THR H 228 29.83 -33.74 14.20
N LYS H 229 30.11 -34.92 13.64
CA LYS H 229 29.52 -35.31 12.36
C LYS H 229 28.59 -36.49 12.56
N VAL H 230 27.29 -36.27 12.40
CA VAL H 230 26.32 -37.33 12.63
C VAL H 230 25.53 -37.65 11.38
N ASP H 231 25.42 -38.94 11.07
CA ASP H 231 24.61 -39.38 9.96
C ASP H 231 23.34 -40.05 10.48
N LYS H 232 22.20 -39.52 10.07
CA LYS H 232 20.91 -40.10 10.42
C LYS H 232 20.21 -40.61 9.18
N LYS H 233 19.85 -41.89 9.20
CA LYS H 233 19.18 -42.51 8.07
C LYS H 233 17.67 -42.42 8.24
N ILE H 234 16.99 -42.10 7.15
CA ILE H 234 15.54 -42.04 7.21
C ILE H 234 14.94 -43.42 6.98
N VAL H 235 14.40 -44.00 8.06
CA VAL H 235 13.82 -45.32 8.05
C VAL H 235 12.30 -45.26 8.09
N PRO H 236 11.63 -45.99 7.20
CA PRO H 236 10.17 -46.12 7.30
C PRO H 236 9.79 -46.81 8.61
O2 LTX I . 23.24 -0.63 26.26
C1 LTX I . 23.25 -1.05 27.44
O1 LTX I . 24.02 -0.51 28.29
C2 LTX I . 22.36 -2.19 27.87
C3 LTX I . 21.37 -2.57 26.74
C4 LTX I . 20.35 -3.61 27.27
C5 LTX I . 20.08 -4.69 26.23
O3 LTX I . 19.89 -4.05 24.97
C6 LTX I . 18.85 -5.56 26.60
C7 LTX I . 17.55 -4.79 26.76
C8 LTX I . 16.55 -5.30 27.50
C9 LTX I . 15.27 -4.62 27.63
C10 LTX I . 14.21 -5.19 28.26
C11 LTX I . 12.96 -4.44 28.30
C12 LTX I . 11.81 -4.76 28.93
C13 LTX I . 11.54 -5.96 29.77
C14 LTX I . 10.31 -6.70 29.32
C15 LTX I . 9.07 -6.42 29.72
C16 LTX I . 8.73 -5.30 30.66
C17 LTX I . 7.21 -5.35 30.94
C18 LTX I . 6.46 -5.50 29.61
C19 LTX I . 5.35 -4.46 29.54
C20 LTX I . 5.01 -4.20 28.07
O32 LTX I . 16.88 -12.69 29.26
C21 LTX I . 15.80 -12.76 28.66
O31 LTX I . 14.85 -13.53 28.95
CA3 LTX I . 15.58 -11.87 27.44
N3 LTX I . 16.70 -10.95 27.16
C22 LTX I . 16.76 -9.71 27.69
O33 LTX I . 15.94 -9.26 28.50
CA2 LTX I . 17.93 -8.88 27.20
CB2 LTX I . 17.46 -8.05 26.01
SG2 LTX I . 18.71 -6.89 25.31
N2 LTX I . 19.04 -9.76 26.79
CD1 LTX I . 19.98 -10.14 27.64
OE1 LTX I . 20.91 -10.90 27.35
CG1 LTX I . 19.83 -9.61 29.06
CB1 LTX I . 21.11 -9.03 29.57
CA1 LTX I . 21.85 -9.89 30.60
N1 LTX I . 20.91 -10.65 31.45
C23 LTX I . 22.69 -8.95 31.45
O11 LTX I . 22.11 -7.92 31.87
O12 LTX I . 23.89 -9.24 31.61
S SO4 J . -4.34 -15.09 25.13
O1 SO4 J . -3.57 -16.10 25.86
O2 SO4 J . -5.74 -15.51 25.01
O3 SO4 J . -4.25 -13.81 25.84
O4 SO4 J . -3.79 -14.94 23.78
O1 MES K . 17.38 8.22 21.68
C2 MES K . 16.84 7.30 22.64
C3 MES K . 15.47 6.88 22.17
N4 MES K . 14.59 8.04 22.08
C5 MES K . 15.18 9.06 21.18
C6 MES K . 16.58 9.41 21.63
C7 MES K . 13.27 7.59 21.58
C8 MES K . 12.21 8.56 22.05
S MES K . 10.62 7.77 22.00
O1S MES K . 10.44 6.98 23.24
O2S MES K . 10.53 6.90 20.81
O3S MES K . 9.62 8.87 21.92
O2 LTX L . 5.20 38.84 -9.38
C1 LTX L . 6.32 38.27 -9.33
O1 LTX L . 7.21 38.70 -8.56
C2 LTX L . 6.61 37.08 -10.21
C3 LTX L . 6.05 37.35 -11.61
C4 LTX L . 6.15 36.09 -12.47
C5 LTX L . 7.59 35.63 -12.76
O3 LTX L . 8.50 36.74 -12.60
C6 LTX L . 7.71 35.03 -14.17
C7 LTX L . 6.51 34.21 -14.55
C8 LTX L . 6.61 32.99 -15.05
C9 LTX L . 5.39 32.29 -15.43
C10 LTX L . 5.37 31.09 -16.00
C11 LTX L . 4.06 30.54 -16.35
C12 LTX L . 3.78 29.31 -16.84
C13 LTX L . 4.75 28.22 -17.13
C14 LTX L . 4.82 27.93 -18.59
C15 LTX L . 4.12 27.00 -19.22
C16 LTX L . 3.13 26.09 -18.56
C17 LTX L . 1.75 26.34 -19.16
C18 LTX L . 1.33 25.17 -20.04
C19 LTX L . -0.17 25.30 -20.31
C20 LTX L . -0.38 26.18 -21.52
O32 LTX L . 12.82 32.32 -19.12
C21 LTX L . 11.92 31.99 -19.93
O31 LTX L . 12.06 31.26 -20.94
CA3 LTX L . 10.51 32.49 -19.66
N3 LTX L . 10.46 33.54 -18.61
C22 LTX L . 9.96 33.25 -17.39
O33 LTX L . 9.57 32.13 -17.06
CA2 LTX L . 9.86 34.42 -16.41
CB2 LTX L . 8.67 35.30 -16.81
SG2 LTX L . 8.03 36.34 -15.44
N2 LTX L . 11.08 35.25 -16.41
CD1 LTX L . 11.80 35.45 -15.29
OE1 LTX L . 12.81 36.15 -15.25
CG1 LTX L . 11.30 34.71 -14.05
CB1 LTX L . 12.15 35.08 -12.83
CA1 LTX L . 13.21 34.03 -12.46
N1 LTX L . 13.82 34.35 -11.17
C23 LTX L . 14.31 33.99 -13.54
O11 LTX L . 14.65 32.86 -13.95
O12 LTX L . 14.80 35.08 -13.89
S SO4 M . -11.47 7.77 -4.86
O1 SO4 M . -11.33 6.96 -3.65
O2 SO4 M . -12.76 7.50 -5.50
O3 SO4 M . -11.38 9.19 -4.50
O4 SO4 M . -10.40 7.43 -5.79
S SO4 N . 1.36 23.19 -35.10
O1 SO4 N . 1.78 21.99 -35.85
O2 SO4 N . 1.03 22.82 -33.73
O3 SO4 N . 2.47 24.15 -35.09
O4 SO4 N . 0.21 23.81 -35.75
O1 MES O . -4.73 39.14 -8.60
C2 MES O . -4.16 37.84 -8.41
C3 MES O . -4.65 36.94 -9.52
N4 MES O . -6.11 36.77 -9.52
C5 MES O . -6.74 38.11 -9.51
C6 MES O . -6.16 39.02 -8.45
C7 MES O . -6.48 36.08 -10.79
C8 MES O . -7.97 35.76 -10.78
S MES O . -8.46 34.82 -12.21
O1S MES O . -7.46 33.72 -12.44
O2S MES O . -9.80 34.26 -11.94
O3S MES O . -8.50 35.73 -13.37
O2 LTX P . -14.47 8.21 -32.20
C1 LTX P . -15.02 7.21 -32.74
O1 LTX P . -14.92 7.04 -33.98
C2 LTX P . -15.78 6.19 -31.90
C3 LTX P . -15.63 6.46 -30.40
C4 LTX P . -16.70 5.66 -29.62
C5 LTX P . -17.13 6.33 -28.31
O3 LTX P . -16.00 6.48 -27.44
C6 LTX P . -18.21 5.54 -27.56
C7 LTX P . -17.78 4.14 -27.17
C8 LTX P . -18.61 3.08 -27.12
C9 LTX P . -18.08 1.79 -26.68
C10 LTX P . -18.82 0.70 -26.45
C11 LTX P . -18.16 -0.51 -25.96
C12 LTX P . -18.70 -1.74 -25.78
C13 LTX P . -20.09 -2.18 -26.09
C14 LTX P . -20.81 -2.67 -24.85
C15 LTX P . -20.89 -3.96 -24.47
C16 LTX P . -20.27 -5.09 -25.21
C17 LTX P . -20.79 -6.42 -24.65
C18 LTX P . -20.43 -6.51 -23.16
C19 LTX P . -19.14 -7.31 -22.99
C20 LTX P . -18.50 -6.93 -21.65
O32 LTX P . -25.97 4.42 -25.08
C21 LTX P . -25.33 4.20 -24.04
O31 LTX P . -25.78 4.27 -22.86
CA3 LTX P . -23.89 3.75 -24.19
N3 LTX P . -23.01 4.80 -24.72
C22 LTX P . -22.16 4.51 -25.71
O33 LTX P . -22.08 3.40 -26.26
CA2 LTX P . -21.28 5.66 -26.15
CB2 LTX P . -20.00 5.59 -25.33
SG2 LTX P . -18.61 6.52 -26.05
N2 LTX P . -21.98 6.91 -25.85
CD1 LTX P . -22.85 7.46 -26.70
OE1 LTX P . -23.47 8.50 -26.47
CG1 LTX P . -23.03 6.71 -28.01
CB1 LTX P . -24.07 7.39 -28.92
CA1 LTX P . -23.58 7.42 -30.37
N1 LTX P . -22.94 8.70 -30.66
C23 LTX P . -24.73 7.17 -31.34
O11 LTX P . -24.54 7.53 -32.52
O12 LTX P . -25.76 6.59 -30.91
S SO4 Q . 2.71 -39.28 -25.63
O1 SO4 Q . 2.73 -40.34 -26.65
O2 SO4 Q . 1.71 -39.64 -24.61
O3 SO4 Q . 4.03 -39.17 -25.00
O4 SO4 Q . 2.35 -38.00 -26.26
O1 MES R . -4.19 2.27 -28.73
C2 MES R . -5.47 1.71 -29.02
C3 MES R . -5.81 0.76 -27.92
N4 MES R . -4.89 -0.35 -27.84
C5 MES R . -3.55 0.20 -27.63
C6 MES R . -3.23 1.21 -28.72
C7 MES R . -5.28 -1.19 -26.68
C8 MES R . -4.22 -2.24 -26.48
S MES R . -4.81 -3.47 -25.35
O1S MES R . -6.01 -4.12 -25.92
O2S MES R . -3.69 -4.44 -25.19
O3S MES R . -5.12 -2.82 -24.04
S SO4 S . 8.67 -10.13 6.03
O1 SO4 S . 9.57 -10.64 5.00
O2 SO4 S . 8.54 -11.12 7.10
O3 SO4 S . 9.20 -8.88 6.60
O4 SO4 S . 7.36 -9.87 5.46
O2 LTX T . 36.11 -2.52 -13.38
C1 LTX T . 35.82 -1.30 -13.30
O1 LTX T . 35.04 -0.79 -14.15
C2 LTX T . 36.41 -0.44 -12.20
C3 LTX T . 36.05 -1.05 -10.83
C4 LTX T . 35.97 0.10 -9.82
C5 LTX T . 37.25 0.92 -9.77
O3 LTX T . 38.35 0.01 -9.64
C6 LTX T . 37.21 1.87 -8.57
C7 LTX T . 36.62 1.19 -7.36
C8 LTX T . 35.89 1.87 -6.46
C9 LTX T . 35.44 1.15 -5.30
C10 LTX T . 34.96 1.75 -4.21
C11 LTX T . 34.62 0.88 -3.11
C12 LTX T . 34.01 1.14 -1.95
C13 LTX T . 33.45 2.43 -1.45
C14 LTX T . 32.11 2.05 -0.88
C15 LTX T . 31.76 2.14 0.40
C16 LTX T . 32.58 2.69 1.52
C17 LTX T . 31.90 2.24 2.81
C18 LTX T . 32.22 0.76 2.98
C19 LTX T . 32.05 0.39 4.45
C20 LTX T . 33.36 -0.24 4.94
O32 LTX T . 37.02 8.97 -5.55
C21 LTX T . 37.61 8.70 -4.47
O31 LTX T . 37.47 9.29 -3.38
CA3 LTX T . 38.64 7.55 -4.50
N3 LTX T . 38.61 6.77 -5.74
C22 LTX T . 37.77 5.72 -5.91
O33 LTX T . 36.94 5.37 -5.06
CA2 LTX T . 37.94 4.95 -7.22
CB2 LTX T . 38.67 3.65 -6.84
SG2 LTX T . 38.93 2.46 -8.21
N2 LTX T . 38.78 5.72 -8.15
CD1 LTX T . 38.28 6.42 -9.19
OE1 LTX T . 38.97 7.06 -9.96
CG1 LTX T . 36.75 6.40 -9.32
CB1 LTX T . 36.29 7.27 -10.48
CA1 LTX T . 35.35 6.50 -11.41
N1 LTX T . 36.02 5.27 -11.87
C23 LTX T . 34.92 7.37 -12.61
O11 LTX T . 33.73 7.74 -12.64
O12 LTX T . 35.79 7.61 -13.48
S SO4 U . 38.19 8.16 15.94
O1 SO4 U . 39.16 7.12 16.27
O2 SO4 U . 37.17 7.62 15.04
O3 SO4 U . 38.86 9.29 15.29
O4 SO4 U . 37.57 8.64 17.18
O1 MES V . 36.94 -13.16 -8.13
C2 MES V . 36.18 -11.97 -7.88
C3 MES V . 36.30 -11.63 -6.42
N4 MES V . 35.74 -12.73 -5.60
C5 MES V . 36.41 -14.01 -5.93
C6 MES V . 36.40 -14.27 -7.42
C7 MES V . 35.99 -12.40 -4.18
C8 MES V . 35.18 -13.33 -3.33
S MES V . 35.37 -12.90 -1.63
O1S MES V . 34.91 -14.07 -0.85
O2S MES V . 36.80 -12.60 -1.35
O3S MES V . 34.52 -11.69 -1.34
#